data_9E6L
#
_entry.id   9E6L
#
_cell.length_a   1.00
_cell.length_b   1.00
_cell.length_c   1.00
_cell.angle_alpha   90.00
_cell.angle_beta   90.00
_cell.angle_gamma   90.00
#
_symmetry.space_group_name_H-M   'P 1'
#
loop_
_entity.id
_entity.type
_entity.pdbx_description
1 polymer 'DNA repair and recombination protein RAD54'
2 polymer "DNA (5'-D(P*TP*TP*TP*TP*TP*TP*TP*TP*TP*TP*TP*TP*TP*TP*TP*TP*TP*T)-3')"
3 polymer 'DNA repair protein RAD51'
4 non-polymer "ADENOSINE-5'-TRIPHOSPHATE"
5 non-polymer 'MAGNESIUM ION'
#
loop_
_entity_poly.entity_id
_entity_poly.type
_entity_poly.pdbx_seq_one_letter_code
_entity_poly.pdbx_strand_id
1 'polypeptide(L)' RRKDALSAQRLAKDPTRLSHIQYTLRRSFTVPIK G,H,I,J,K
2 'polydeoxyribonucleotide' (DT)(DT)(DT)(DT)(DT)(DT)(DT)(DT)(DT)(DT)(DT)(DT)(DT)(DT)(DT)(DT)(DT)(DT) X
3 'polypeptide(L)'
;FVPIEKLQVNGITMADVKKLRESGLHTAEAVAYAPRKDLLEIKGISEAKADKLLNEAARLVPMGFVTAADFHMRRSELIC
LTTGSKNLDTLLGGGVETGSITELFGEFRTGKSQLCHTLAVTCQIPLDIGGGEGKCLYIDTEGTFRPVRLVSIAQRFGLD
PDDALNNVAYARAYNADHQLRLLDAAAQMMSESRFSLIVVDSVMALYRTDFSGRGELSARQMHLAKFMRALQRLADQFGV
AVVVTNQVVAQVDGGMAFNPDPKKPIGGNIMAHSSTTRLGFKKGKGCQRLCKVVDSPCLPEAECVFAIYEDGVGDPREED
E
;
C,F,B,E,A,D
#
loop_
_chem_comp.id
_chem_comp.type
_chem_comp.name
_chem_comp.formula
ATP non-polymer ADENOSINE-5'-TRIPHOSPHATE 'C10 H16 N5 O13 P3'
DT DNA linking THYMIDINE-5'-MONOPHOSPHATE 'C10 H15 N2 O8 P'
MG non-polymer 'MAGNESIUM ION' 'Mg 2'
#
# COMPACT_ATOMS: atom_id res chain seq x y z
N ARG A 1 0.78 9.81 52.31
CA ARG A 1 -0.37 10.35 51.60
C ARG A 1 -1.13 11.32 52.48
N ARG A 2 -1.35 12.53 51.98
CA ARG A 2 -2.02 13.58 52.74
C ARG A 2 -3.16 14.10 51.86
N LYS A 3 -4.16 14.69 52.53
CA LYS A 3 -5.31 15.22 51.81
C LYS A 3 -4.97 16.47 51.00
N ASP A 4 -4.07 17.30 51.52
CA ASP A 4 -3.69 18.57 50.91
C ASP A 4 -2.18 18.72 50.90
N ALA A 5 -1.48 17.66 50.49
CA ALA A 5 -0.02 17.63 50.56
C ALA A 5 0.59 18.74 49.72
N LEU A 6 0.09 18.96 48.51
CA LEU A 6 0.65 19.96 47.61
C LEU A 6 -0.01 21.32 47.75
N SER A 7 -0.95 21.48 48.68
CA SER A 7 -1.62 22.76 48.86
C SER A 7 -0.64 23.79 49.41
N ALA A 8 -0.70 25.01 48.88
CA ALA A 8 0.15 26.08 49.35
C ALA A 8 -0.19 26.47 50.79
N GLN A 9 -1.46 26.32 51.18
CA GLN A 9 -1.87 26.68 52.54
C GLN A 9 -1.09 25.90 53.59
N ARG A 10 -0.63 24.68 53.25
CA ARG A 10 0.19 23.91 54.17
C ARG A 10 1.44 24.68 54.56
N LEU A 11 2.06 25.37 53.60
CA LEU A 11 3.20 26.22 53.93
C LEU A 11 2.77 27.50 54.61
N ALA A 12 1.54 27.95 54.36
CA ALA A 12 1.08 29.20 54.96
C ALA A 12 0.78 29.04 56.44
N LYS A 13 0.35 27.85 56.86
CA LYS A 13 -0.02 27.60 58.24
C LYS A 13 1.13 27.10 59.09
N ASP A 14 2.34 27.03 58.55
CA ASP A 14 3.52 26.53 59.26
C ASP A 14 4.63 27.57 59.17
N PRO A 15 4.58 28.61 60.02
CA PRO A 15 5.67 29.60 60.02
C PRO A 15 7.02 29.00 60.39
N THR A 16 7.03 27.95 61.21
CA THR A 16 8.29 27.33 61.60
C THR A 16 9.01 26.73 60.38
N ARG A 17 8.25 26.12 59.47
CA ARG A 17 8.83 25.56 58.27
C ARG A 17 9.50 26.64 57.42
N LEU A 18 8.81 27.77 57.24
CA LEU A 18 9.38 28.87 56.47
C LEU A 18 10.62 29.44 57.15
N SER A 19 10.57 29.58 58.47
CA SER A 19 11.74 30.08 59.20
C SER A 19 12.92 29.14 59.06
N HIS A 20 12.68 27.83 59.14
CA HIS A 20 13.75 26.87 58.96
C HIS A 20 14.32 26.94 57.53
N ILE A 21 13.44 27.09 56.54
CA ILE A 21 13.91 27.20 55.16
C ILE A 21 14.79 28.44 55.00
N GLN A 22 14.35 29.57 55.54
CA GLN A 22 15.12 30.80 55.43
C GLN A 22 16.46 30.68 56.15
N TYR A 23 16.46 30.07 57.33
CA TYR A 23 17.71 29.91 58.07
C TYR A 23 18.69 29.00 57.33
N THR A 24 18.19 27.90 56.76
CA THR A 24 19.07 26.95 56.09
C THR A 24 19.60 27.52 54.78
N LEU A 25 18.77 28.32 54.08
CA LEU A 25 19.21 28.90 52.82
C LEU A 25 20.37 29.85 53.02
N ARG A 26 20.44 30.50 54.18
CA ARG A 26 21.52 31.43 54.50
C ARG A 26 22.75 30.86 55.20
N ARG A 27 22.73 29.57 55.56
CA ARG A 27 23.91 28.97 56.19
C ARG A 27 25.00 28.79 55.17
N SER A 28 26.25 28.87 55.61
CA SER A 28 27.38 28.74 54.70
C SER A 28 27.53 27.38 54.01
N PHE A 29 28.08 27.41 52.80
CA PHE A 29 28.23 26.18 52.01
C PHE A 29 29.31 25.29 52.62
N THR A 30 29.06 23.99 52.57
CA THR A 30 30.02 22.99 53.02
C THR A 30 30.09 21.85 52.02
N VAL A 31 31.22 21.16 51.99
CA VAL A 31 31.39 20.02 51.09
C VAL A 31 30.57 18.85 51.60
N PRO A 32 29.69 18.25 50.78
CA PRO A 32 28.84 17.14 51.22
C PRO A 32 29.54 15.77 51.17
N ILE A 33 30.72 15.70 51.77
CA ILE A 33 31.50 14.47 51.84
C ILE A 33 31.76 14.15 53.30
N LYS A 34 31.42 12.93 53.71
CA LYS A 34 31.61 12.51 55.08
C LYS A 34 32.98 11.87 55.28
N ARG B 1 -38.90 3.62 25.42
CA ARG B 1 -38.44 4.33 24.24
C ARG B 1 -39.28 5.58 23.98
N ARG B 2 -38.63 6.66 23.57
CA ARG B 2 -39.30 7.92 23.31
C ARG B 2 -38.85 8.49 21.98
N LYS B 3 -39.72 9.29 21.37
CA LYS B 3 -39.42 9.89 20.07
C LYS B 3 -38.26 10.87 20.16
N ASP B 4 -38.19 11.65 21.24
CA ASP B 4 -37.16 12.67 21.40
C ASP B 4 -36.32 12.41 22.64
N ALA B 5 -35.87 11.17 22.81
CA ALA B 5 -35.15 10.79 24.01
C ALA B 5 -33.83 11.54 24.15
N LEU B 6 -33.10 11.72 23.04
CA LEU B 6 -31.76 12.31 23.13
C LEU B 6 -31.81 13.74 23.66
N SER B 7 -32.66 14.59 23.07
CA SER B 7 -32.71 15.98 23.47
C SER B 7 -34.01 16.64 23.06
N ALA B 8 -33.98 17.38 21.95
CA ALA B 8 -35.12 18.19 21.49
C ALA B 8 -35.59 19.15 22.58
N GLN B 9 -34.62 19.71 23.32
CA GLN B 9 -34.88 20.66 24.40
C GLN B 9 -35.86 20.16 25.46
N ARG B 10 -35.84 18.86 25.76
CA ARG B 10 -36.71 18.33 26.79
C ARG B 10 -36.25 18.71 28.21
N LEU B 11 -34.96 19.07 28.34
CA LEU B 11 -34.48 19.56 29.62
C LEU B 11 -34.94 21.00 29.77
N ALA B 12 -35.11 21.73 28.66
CA ALA B 12 -35.57 23.11 28.73
C ALA B 12 -36.99 23.19 29.28
N LYS B 13 -37.85 22.25 28.93
CA LYS B 13 -39.22 22.24 29.39
C LYS B 13 -39.37 21.61 30.78
N ASP B 14 -38.29 21.13 31.37
CA ASP B 14 -38.31 20.50 32.69
C ASP B 14 -37.24 21.16 33.56
N PRO B 15 -37.49 22.38 34.04
CA PRO B 15 -36.52 23.04 34.91
C PRO B 15 -36.29 22.32 36.22
N THR B 16 -37.22 21.48 36.66
CA THR B 16 -37.03 20.72 37.89
C THR B 16 -35.83 19.78 37.82
N ARG B 17 -35.68 19.13 36.66
CA ARG B 17 -34.51 18.23 36.45
C ARG B 17 -33.23 19.07 36.59
N LEU B 18 -33.18 20.21 35.90
CA LEU B 18 -31.99 21.05 35.93
C LEU B 18 -31.68 21.48 37.35
N SER B 19 -32.71 21.85 38.11
CA SER B 19 -32.51 22.21 39.51
C SER B 19 -31.98 21.04 40.32
N HIS B 20 -32.51 19.83 40.07
CA HIS B 20 -32.02 18.64 40.75
C HIS B 20 -30.56 18.37 40.39
N ILE B 21 -30.20 18.54 39.11
CA ILE B 21 -28.82 18.34 38.69
C ILE B 21 -27.91 19.32 39.41
N GLN B 22 -28.31 20.60 39.45
CA GLN B 22 -27.49 21.61 40.12
C GLN B 22 -27.34 21.31 41.60
N TYR B 23 -28.43 20.88 42.26
CA TYR B 23 -28.35 20.55 43.68
C TYR B 23 -27.44 19.36 43.93
N THR B 24 -27.54 18.33 43.09
CA THR B 24 -26.72 17.13 43.27
C THR B 24 -25.25 17.42 43.02
N LEU B 25 -24.95 18.23 42.00
CA LEU B 25 -23.55 18.52 41.68
C LEU B 25 -22.87 19.30 42.81
N ARG B 26 -23.58 20.21 43.45
CA ARG B 26 -23.00 21.04 44.50
C ARG B 26 -23.04 20.56 45.95
N ARG B 27 -23.65 19.40 46.20
CA ARG B 27 -23.70 18.83 47.58
C ARG B 27 -22.38 18.11 47.89
N SER B 28 -21.93 18.15 49.14
CA SER B 28 -20.66 17.54 49.52
C SER B 28 -20.36 16.10 49.12
N PHE B 29 -19.09 15.82 48.83
CA PHE B 29 -18.70 14.49 48.39
C PHE B 29 -18.87 13.48 49.51
N THR B 30 -19.41 12.31 49.15
CA THR B 30 -19.58 11.20 50.09
C THR B 30 -18.94 9.96 49.48
N VAL B 31 -18.14 9.25 50.26
CA VAL B 31 -17.49 8.03 49.77
C VAL B 31 -18.54 6.95 49.56
N PRO B 32 -18.60 6.32 48.38
CA PRO B 32 -19.59 5.26 48.16
C PRO B 32 -19.36 4.09 49.10
N ILE B 33 -20.46 3.44 49.49
CA ILE B 33 -20.38 2.32 50.42
C ILE B 33 -19.75 1.13 49.71
N LYS B 34 -18.77 0.52 50.37
CA LYS B 34 -18.06 -0.66 49.85
C LYS B 34 -17.47 -0.41 48.46
N ARG C 1 -40.42 -0.21 -23.15
CA ARG C 1 -39.01 0.15 -23.17
C ARG C 1 -38.79 1.45 -23.93
N ARG C 2 -37.83 2.24 -23.46
CA ARG C 2 -37.52 3.54 -24.06
C ARG C 2 -36.01 3.67 -24.22
N LYS C 3 -35.58 4.37 -25.28
CA LYS C 3 -34.13 4.50 -25.55
C LYS C 3 -33.47 5.45 -24.55
N ASP C 4 -34.23 6.37 -23.95
CA ASP C 4 -33.64 7.35 -23.03
C ASP C 4 -34.43 7.35 -21.72
N ALA C 5 -34.68 6.16 -21.17
CA ALA C 5 -35.45 6.05 -19.94
C ALA C 5 -34.73 6.72 -18.77
N LEU C 6 -33.41 6.49 -18.66
CA LEU C 6 -32.63 7.02 -17.55
C LEU C 6 -31.99 8.36 -17.87
N SER C 7 -32.23 8.91 -19.05
CA SER C 7 -31.65 10.21 -19.41
C SER C 7 -32.24 11.31 -18.54
N ALA C 8 -31.38 12.24 -18.11
CA ALA C 8 -31.82 13.36 -17.31
C ALA C 8 -32.74 14.30 -18.07
N GLN C 9 -32.73 14.24 -19.40
CA GLN C 9 -33.64 15.06 -20.20
C GLN C 9 -35.09 14.70 -19.93
N ARG C 10 -35.37 13.43 -19.62
CA ARG C 10 -36.73 13.03 -19.30
C ARG C 10 -37.23 13.73 -18.04
N LEU C 11 -36.37 13.82 -17.01
CA LEU C 11 -36.75 14.52 -15.79
C LEU C 11 -36.81 16.02 -16.01
N ALA C 12 -35.88 16.57 -16.79
CA ALA C 12 -35.85 18.01 -17.00
C ALA C 12 -37.04 18.49 -17.82
N LYS C 13 -37.59 17.65 -18.69
CA LYS C 13 -38.69 18.03 -19.57
C LYS C 13 -40.05 17.89 -18.92
N ASP C 14 -40.12 17.42 -17.68
CA ASP C 14 -41.39 17.21 -16.97
C ASP C 14 -41.35 17.93 -15.64
N PRO C 15 -41.60 19.24 -15.63
CA PRO C 15 -41.64 19.96 -14.34
C PRO C 15 -42.74 19.46 -13.41
N THR C 16 -43.83 18.93 -13.96
CA THR C 16 -44.90 18.40 -13.12
C THR C 16 -44.42 17.23 -12.28
N ARG C 17 -43.60 16.35 -12.86
CA ARG C 17 -43.06 15.23 -12.11
C ARG C 17 -42.18 15.72 -10.96
N LEU C 18 -41.35 16.74 -11.22
CA LEU C 18 -40.50 17.29 -10.17
C LEU C 18 -41.34 17.92 -9.07
N SER C 19 -42.40 18.64 -9.44
CA SER C 19 -43.28 19.23 -8.43
C SER C 19 -43.95 18.15 -7.59
N HIS C 20 -44.39 17.06 -8.23
CA HIS C 20 -44.99 15.96 -7.49
C HIS C 20 -43.98 15.33 -6.54
N ILE C 21 -42.73 15.18 -7.00
CA ILE C 21 -41.68 14.61 -6.14
C ILE C 21 -41.47 15.51 -4.92
N GLN C 22 -41.38 16.82 -5.15
CA GLN C 22 -41.18 17.74 -4.04
C GLN C 22 -42.35 17.73 -3.07
N TYR C 23 -43.57 17.63 -3.59
CA TYR C 23 -44.75 17.57 -2.73
C TYR C 23 -44.76 16.29 -1.90
N THR C 24 -44.40 15.16 -2.52
CA THR C 24 -44.41 13.89 -1.80
C THR C 24 -43.30 13.81 -0.77
N LEU C 25 -42.15 14.43 -1.06
CA LEU C 25 -41.03 14.37 -0.12
C LEU C 25 -41.34 15.02 1.21
N ARG C 26 -42.02 16.16 1.20
CA ARG C 26 -42.34 16.92 2.40
C ARG C 26 -43.71 16.66 3.01
N ARG C 27 -44.46 15.71 2.45
CA ARG C 27 -45.76 15.35 3.04
C ARG C 27 -45.48 14.62 4.34
N SER C 28 -46.35 14.81 5.33
CA SER C 28 -46.14 14.20 6.63
C SER C 28 -46.07 12.68 6.66
N PHE C 29 -45.19 12.16 7.52
CA PHE C 29 -44.98 10.72 7.61
C PHE C 29 -46.20 10.02 8.19
N THR C 30 -46.52 8.86 7.64
CA THR C 30 -47.62 8.03 8.13
C THR C 30 -47.15 6.58 8.17
N VAL C 31 -47.79 5.80 9.03
CA VAL C 31 -47.45 4.38 9.15
C VAL C 31 -47.99 3.64 7.93
N PRO C 32 -47.15 2.89 7.21
CA PRO C 32 -47.58 2.19 6.00
C PRO C 32 -48.26 0.84 6.27
N ILE C 33 -49.22 0.84 7.20
CA ILE C 33 -49.97 -0.35 7.56
C ILE C 33 -51.45 -0.07 7.33
N LYS C 34 -52.09 -0.93 6.54
CA LYS C 34 -53.51 -0.76 6.23
C LYS C 34 -54.37 -1.48 7.26
N ARG D 1 -3.56 -12.13 -52.21
CA ARG D 1 -2.69 -11.95 -51.06
C ARG D 1 -1.65 -10.87 -51.34
N ARG D 2 -1.20 -10.20 -50.27
CA ARG D 2 -0.24 -9.11 -50.37
C ARG D 2 0.85 -9.27 -49.33
N LYS D 3 2.03 -8.75 -49.64
CA LYS D 3 3.14 -8.81 -48.69
C LYS D 3 2.89 -7.96 -47.46
N ASP D 4 2.11 -6.89 -47.60
CA ASP D 4 1.87 -5.97 -46.49
C ASP D 4 0.38 -5.75 -46.27
N ALA D 5 -0.38 -6.86 -46.21
CA ALA D 5 -1.83 -6.75 -46.06
C ALA D 5 -2.20 -6.10 -44.73
N LEU D 6 -1.57 -6.54 -43.64
CA LEU D 6 -1.87 -6.01 -42.32
C LEU D 6 -0.95 -4.87 -41.89
N SER D 7 -0.03 -4.45 -42.75
CA SER D 7 0.86 -3.35 -42.41
C SER D 7 0.08 -2.05 -42.28
N ALA D 8 0.41 -1.26 -41.26
CA ALA D 8 -0.26 0.01 -41.05
C ALA D 8 0.03 0.99 -42.17
N GLN D 9 1.18 0.86 -42.84
CA GLN D 9 1.53 1.76 -43.93
C GLN D 9 0.50 1.73 -45.04
N ARG D 10 -0.15 0.59 -45.25
CA ARG D 10 -1.21 0.51 -46.26
C ARG D 10 -2.32 1.51 -45.97
N LEU D 11 -2.64 1.72 -44.69
CA LEU D 11 -3.62 2.73 -44.34
C LEU D 11 -3.06 4.15 -44.48
N ALA D 12 -1.74 4.31 -44.31
CA ALA D 12 -1.15 5.64 -44.40
C ALA D 12 -1.12 6.16 -45.83
N LYS D 13 -0.94 5.27 -46.80
CA LYS D 13 -0.81 5.67 -48.21
C LYS D 13 -2.15 5.88 -48.90
N ASP D 14 -3.27 5.64 -48.22
CA ASP D 14 -4.60 5.77 -48.81
C ASP D 14 -5.46 6.67 -47.92
N PRO D 15 -5.29 7.99 -48.02
CA PRO D 15 -6.15 8.89 -47.25
C PRO D 15 -7.62 8.78 -47.61
N THR D 16 -7.94 8.36 -48.83
CA THR D 16 -9.34 8.21 -49.23
C THR D 16 -10.03 7.13 -48.41
N ARG D 17 -9.33 6.03 -48.12
CA ARG D 17 -9.92 4.99 -47.27
C ARG D 17 -10.20 5.51 -45.87
N LEU D 18 -9.28 6.29 -45.32
CA LEU D 18 -9.51 6.87 -43.99
C LEU D 18 -10.69 7.84 -44.00
N SER D 19 -10.80 8.66 -45.06
CA SER D 19 -11.93 9.57 -45.17
C SER D 19 -13.26 8.80 -45.26
N HIS D 20 -13.27 7.72 -46.04
CA HIS D 20 -14.47 6.89 -46.14
C HIS D 20 -14.82 6.26 -44.79
N ILE D 21 -13.81 5.80 -44.06
CA ILE D 21 -14.04 5.23 -42.74
C ILE D 21 -14.66 6.27 -41.82
N GLN D 22 -14.10 7.48 -41.81
CA GLN D 22 -14.62 8.54 -40.96
C GLN D 22 -16.05 8.91 -41.34
N TYR D 23 -16.33 8.96 -42.64
CA TYR D 23 -17.69 9.27 -43.10
C TYR D 23 -18.68 8.18 -42.68
N THR D 24 -18.28 6.91 -42.80
CA THR D 24 -19.19 5.83 -42.45
C THR D 24 -19.40 5.74 -40.95
N LEU D 25 -18.38 6.06 -40.16
CA LEU D 25 -18.49 5.95 -38.71
C LEU D 25 -19.55 6.87 -38.10
N ARG D 26 -19.63 8.10 -38.59
CA ARG D 26 -20.58 9.09 -38.07
C ARG D 26 -21.86 9.28 -38.90
N ARG D 27 -22.08 8.41 -39.88
CA ARG D 27 -23.33 8.48 -40.65
C ARG D 27 -24.42 8.00 -39.71
N SER D 28 -25.62 8.56 -39.85
CA SER D 28 -26.73 8.20 -38.97
C SER D 28 -27.12 6.73 -38.94
N PHE D 29 -27.44 6.23 -37.75
CA PHE D 29 -27.79 4.83 -37.59
C PHE D 29 -29.13 4.51 -38.24
N THR D 30 -29.21 3.33 -38.85
CA THR D 30 -30.44 2.83 -39.44
C THR D 30 -30.58 1.36 -39.10
N VAL D 31 -31.82 0.88 -39.13
CA VAL D 31 -32.11 -0.53 -38.85
C VAL D 31 -31.53 -1.37 -39.99
N PRO D 32 -30.66 -2.34 -39.69
CA PRO D 32 -30.01 -3.14 -40.74
C PRO D 32 -30.86 -4.31 -41.24
N ILE D 33 -32.13 -4.02 -41.53
CA ILE D 33 -33.07 -5.01 -42.06
C ILE D 33 -33.66 -4.46 -43.35
N LYS D 34 -33.58 -5.25 -44.41
CA LYS D 34 -34.12 -4.84 -45.71
C LYS D 34 -35.65 -4.90 -45.70
N ARG E 1 36.85 -35.58 -39.53
CA ARG E 1 36.48 -35.40 -38.14
C ARG E 1 37.55 -34.59 -37.39
N ARG E 2 37.10 -33.79 -36.42
CA ARG E 2 37.99 -32.96 -35.64
C ARG E 2 37.67 -33.09 -34.16
N LYS E 3 38.72 -33.01 -33.33
CA LYS E 3 38.54 -33.10 -31.88
C LYS E 3 37.85 -31.87 -31.31
N ASP E 4 37.84 -30.76 -32.05
CA ASP E 4 37.22 -29.51 -31.60
C ASP E 4 36.28 -28.97 -32.68
N ALA E 5 35.44 -29.84 -33.22
CA ALA E 5 34.52 -29.43 -34.29
C ALA E 5 33.45 -28.49 -33.75
N LEU E 6 32.65 -28.96 -32.79
CA LEU E 6 31.56 -28.16 -32.25
C LEU E 6 32.00 -27.21 -31.15
N SER E 7 33.28 -27.20 -30.79
CA SER E 7 33.76 -26.27 -29.77
C SER E 7 33.63 -24.84 -30.25
N ALA E 8 33.24 -23.95 -29.32
CA ALA E 8 33.05 -22.55 -29.67
C ALA E 8 34.36 -21.85 -30.01
N GLN E 9 35.50 -22.41 -29.64
CA GLN E 9 36.78 -21.80 -29.95
C GLN E 9 37.08 -21.80 -31.45
N ARG E 10 36.47 -22.69 -32.22
CA ARG E 10 36.70 -22.74 -33.66
C ARG E 10 36.20 -21.47 -34.35
N LEU E 11 35.01 -21.01 -33.97
CA LEU E 11 34.45 -19.82 -34.61
C LEU E 11 35.20 -18.56 -34.20
N ALA E 12 35.61 -18.47 -32.94
CA ALA E 12 36.31 -17.27 -32.46
C ALA E 12 37.66 -17.11 -33.14
N LYS E 13 38.28 -18.21 -33.57
CA LYS E 13 39.59 -18.16 -34.20
C LYS E 13 39.53 -17.82 -35.68
N ASP E 14 38.35 -17.68 -36.26
CA ASP E 14 38.18 -17.39 -37.69
C ASP E 14 37.24 -16.20 -37.84
N PRO E 15 37.77 -14.97 -37.72
CA PRO E 15 36.92 -13.80 -37.94
C PRO E 15 36.35 -13.72 -39.35
N THR E 16 37.05 -14.26 -40.34
CA THR E 16 36.53 -14.27 -41.70
C THR E 16 35.25 -15.08 -41.77
N ARG E 17 35.18 -16.19 -41.03
CA ARG E 17 33.95 -16.97 -41.00
C ARG E 17 32.79 -16.16 -40.46
N LEU E 18 33.01 -15.42 -39.37
CA LEU E 18 31.95 -14.59 -38.81
C LEU E 18 31.53 -13.47 -39.77
N SER E 19 32.51 -12.86 -40.45
CA SER E 19 32.19 -11.82 -41.42
C SER E 19 31.35 -12.38 -42.56
N HIS E 20 31.71 -13.58 -43.05
CA HIS E 20 30.93 -14.21 -44.11
C HIS E 20 29.51 -14.53 -43.64
N ILE E 21 29.38 -15.00 -42.40
CA ILE E 21 28.06 -15.29 -41.85
C ILE E 21 27.21 -14.02 -41.80
N GLN E 22 27.81 -12.94 -41.30
CA GLN E 22 27.08 -11.68 -41.21
C GLN E 22 26.69 -11.15 -42.57
N TYR E 23 27.59 -11.27 -43.56
CA TYR E 23 27.26 -10.84 -44.92
C TYR E 23 26.13 -11.67 -45.51
N THR E 24 26.16 -12.99 -45.29
CA THR E 24 25.12 -13.85 -45.83
C THR E 24 23.77 -13.57 -45.17
N LEU E 25 23.77 -13.28 -43.86
CA LEU E 25 22.52 -13.00 -43.17
C LEU E 25 21.87 -11.72 -43.70
N ARG E 26 22.68 -10.71 -44.02
CA ARG E 26 22.17 -9.43 -44.50
C ARG E 26 21.92 -9.30 -46.00
N ARG E 27 22.27 -10.30 -46.79
CA ARG E 27 21.99 -10.23 -48.23
C ARG E 27 20.50 -10.31 -48.46
N SER E 28 20.02 -9.64 -49.51
CA SER E 28 18.59 -9.66 -49.82
C SER E 28 18.00 -11.02 -50.17
N PHE E 29 16.73 -11.21 -49.80
CA PHE E 29 16.07 -12.49 -50.02
C PHE E 29 15.85 -12.74 -51.51
N THR E 30 16.03 -14.00 -51.91
CA THR E 30 15.76 -14.43 -53.27
C THR E 30 15.00 -15.74 -53.22
N VAL E 31 14.23 -16.00 -54.28
CA VAL E 31 13.47 -17.26 -54.35
C VAL E 31 14.43 -18.42 -54.57
N PRO E 32 14.40 -19.47 -53.74
CA PRO E 32 15.31 -20.61 -53.88
C PRO E 32 14.91 -21.59 -54.98
N ILE E 33 14.60 -21.06 -56.16
CA ILE E 33 14.23 -21.85 -57.32
C ILE E 33 15.13 -21.46 -58.48
N LYS E 34 15.75 -22.44 -59.11
CA LYS E 34 16.63 -22.20 -60.25
C LYS E 34 15.84 -21.82 -61.49
N PHE G 1 -36.46 18.26 17.83
CA PHE G 1 -35.52 19.37 17.76
C PHE G 1 -36.21 20.70 18.02
N VAL G 2 -35.47 21.79 17.88
CA VAL G 2 -35.97 23.14 18.10
C VAL G 2 -35.98 23.87 16.76
N PRO G 3 -37.13 24.34 16.28
CA PRO G 3 -37.16 25.09 15.02
C PRO G 3 -36.34 26.37 15.12
N ILE G 4 -35.72 26.75 14.01
CA ILE G 4 -34.90 27.95 13.97
C ILE G 4 -35.74 29.20 14.16
N GLU G 5 -37.05 29.13 13.89
CA GLU G 5 -37.91 30.29 14.01
C GLU G 5 -37.97 30.83 15.43
N LYS G 6 -37.63 30.01 16.42
CA LYS G 6 -37.57 30.49 17.80
C LYS G 6 -36.47 31.49 18.04
N LEU G 7 -35.54 31.67 17.09
CA LEU G 7 -34.51 32.68 17.20
C LEU G 7 -35.01 34.08 16.86
N GLN G 8 -36.26 34.19 16.40
CA GLN G 8 -36.82 35.48 15.98
C GLN G 8 -37.19 36.33 17.20
N VAL G 9 -36.19 36.61 18.02
CA VAL G 9 -36.37 37.34 19.27
C VAL G 9 -35.29 38.41 19.39
N ASN G 10 -35.66 39.57 19.91
CA ASN G 10 -34.74 40.67 20.21
C ASN G 10 -34.03 41.18 18.95
N GLY G 11 -34.82 41.71 18.02
CA GLY G 11 -34.28 42.38 16.87
C GLY G 11 -33.82 41.50 15.73
N ILE G 12 -34.09 40.20 15.80
CA ILE G 12 -33.71 39.29 14.71
C ILE G 12 -34.71 39.45 13.57
N THR G 13 -34.22 39.75 12.39
CA THR G 13 -35.05 40.03 11.24
C THR G 13 -35.24 38.79 10.37
N MET G 14 -36.18 38.88 9.43
CA MET G 14 -36.46 37.76 8.54
C MET G 14 -35.28 37.48 7.61
N ALA G 15 -34.56 38.53 7.20
CA ALA G 15 -33.41 38.36 6.32
C ALA G 15 -32.32 37.53 6.99
N ASP G 16 -32.12 37.71 8.30
CA ASP G 16 -31.12 36.92 9.00
C ASP G 16 -31.47 35.44 8.98
N VAL G 17 -32.74 35.11 9.24
CA VAL G 17 -33.16 33.72 9.22
C VAL G 17 -33.02 33.13 7.82
N LYS G 18 -33.39 33.92 6.80
CA LYS G 18 -33.26 33.44 5.42
C LYS G 18 -31.79 33.20 5.07
N LYS G 19 -30.90 34.09 5.48
CA LYS G 19 -29.48 33.91 5.21
C LYS G 19 -28.94 32.69 5.91
N LEU G 20 -29.34 32.46 7.17
CA LEU G 20 -28.90 31.27 7.88
C LEU G 20 -29.42 30.01 7.21
N ARG G 21 -30.66 30.03 6.73
CA ARG G 21 -31.20 28.87 6.01
C ARG G 21 -30.42 28.63 4.72
N GLU G 22 -30.09 29.70 3.99
CA GLU G 22 -29.30 29.55 2.78
C GLU G 22 -27.88 29.10 3.06
N SER G 23 -27.37 29.34 4.27
CA SER G 23 -26.02 28.93 4.63
C SER G 23 -25.93 27.49 5.09
N GLY G 24 -27.06 26.78 5.15
CA GLY G 24 -27.08 25.39 5.56
C GLY G 24 -27.56 25.15 6.98
N LEU G 25 -27.75 26.20 7.77
CA LEU G 25 -28.24 26.08 9.14
C LEU G 25 -29.77 26.13 9.11
N HIS G 26 -30.41 25.11 9.67
CA HIS G 26 -31.86 25.01 9.65
C HIS G 26 -32.49 24.84 11.02
N THR G 27 -31.71 24.56 12.05
CA THR G 27 -32.24 24.36 13.39
C THR G 27 -31.45 25.18 14.39
N ALA G 28 -32.08 25.47 15.53
CA ALA G 28 -31.40 26.20 16.59
C ALA G 28 -30.18 25.45 17.10
N GLU G 29 -30.24 24.12 17.09
CA GLU G 29 -29.09 23.32 17.49
C GLU G 29 -27.91 23.56 16.54
N ALA G 30 -28.19 23.72 15.25
CA ALA G 30 -27.13 24.00 14.29
C ALA G 30 -26.45 25.32 14.60
N VAL G 31 -27.22 26.34 14.95
CA VAL G 31 -26.65 27.63 15.33
C VAL G 31 -25.83 27.49 16.61
N ALA G 32 -26.36 26.75 17.59
CA ALA G 32 -25.65 26.61 18.87
C ALA G 32 -24.32 25.89 18.68
N TYR G 33 -24.30 24.83 17.88
CA TYR G 33 -23.08 24.06 17.69
C TYR G 33 -22.07 24.77 16.80
N ALA G 34 -22.52 25.64 15.90
CA ALA G 34 -21.62 26.30 14.98
C ALA G 34 -20.69 27.24 15.73
N PRO G 35 -19.39 27.25 15.43
CA PRO G 35 -18.48 28.18 16.08
C PRO G 35 -18.67 29.61 15.57
N ARG G 36 -18.08 30.55 16.30
CA ARG G 36 -18.22 31.96 15.97
C ARG G 36 -17.63 32.30 14.61
N LYS G 37 -16.55 31.63 14.22
CA LYS G 37 -15.87 31.95 12.98
C LYS G 37 -16.78 31.71 11.77
N ASP G 38 -17.50 30.58 11.75
CA ASP G 38 -18.37 30.29 10.63
C ASP G 38 -19.50 31.31 10.52
N LEU G 39 -20.08 31.71 11.65
CA LEU G 39 -21.13 32.72 11.62
C LEU G 39 -20.60 34.06 11.13
N LEU G 40 -19.39 34.43 11.57
CA LEU G 40 -18.79 35.67 11.07
C LEU G 40 -18.49 35.59 9.58
N GLU G 41 -18.19 34.40 9.07
CA GLU G 41 -17.94 34.24 7.64
C GLU G 41 -19.18 34.43 6.80
N ILE G 42 -20.36 34.43 7.40
CA ILE G 42 -21.61 34.61 6.66
C ILE G 42 -21.77 36.09 6.31
N LYS G 43 -22.07 36.36 5.05
CA LYS G 43 -22.24 37.73 4.59
C LYS G 43 -23.45 38.37 5.25
N GLY G 44 -23.30 39.64 5.62
CA GLY G 44 -24.41 40.37 6.22
C GLY G 44 -24.64 40.11 7.69
N ILE G 45 -23.65 39.57 8.40
CA ILE G 45 -23.77 39.26 9.83
C ILE G 45 -22.74 40.09 10.57
N SER G 46 -23.20 40.83 11.59
CA SER G 46 -22.33 41.63 12.43
C SER G 46 -21.92 40.86 13.68
N GLU G 47 -20.85 41.35 14.32
CA GLU G 47 -20.33 40.68 15.51
C GLU G 47 -21.35 40.70 16.64
N ALA G 48 -21.99 41.85 16.87
CA ALA G 48 -22.99 41.95 17.93
C ALA G 48 -24.18 41.06 17.65
N LYS G 49 -24.63 41.01 16.39
CA LYS G 49 -25.75 40.15 16.02
C LYS G 49 -25.38 38.68 16.21
N ALA G 50 -24.15 38.30 15.85
CA ALA G 50 -23.69 36.93 16.06
C ALA G 50 -23.65 36.59 17.54
N ASP G 51 -23.18 37.52 18.37
CA ASP G 51 -23.16 37.28 19.81
C ASP G 51 -24.57 37.12 20.37
N LYS G 52 -25.51 37.95 19.90
CA LYS G 52 -26.90 37.81 20.32
C LYS G 52 -27.46 36.46 19.90
N LEU G 53 -27.15 36.01 18.69
CA LEU G 53 -27.61 34.70 18.24
C LEU G 53 -27.03 33.59 19.11
N LEU G 54 -25.75 33.69 19.46
CA LEU G 54 -25.13 32.69 20.33
C LEU G 54 -25.79 32.67 21.70
N ASN G 55 -26.07 33.84 22.27
CA ASN G 55 -26.74 33.88 23.57
C ASN G 55 -28.13 33.28 23.50
N GLU G 56 -28.89 33.60 22.45
CA GLU G 56 -30.22 33.03 22.31
C GLU G 56 -30.17 31.51 22.15
N ALA G 57 -29.24 31.01 21.33
CA ALA G 57 -29.11 29.57 21.15
C ALA G 57 -28.73 28.87 22.44
N ALA G 58 -27.80 29.47 23.20
CA ALA G 58 -27.42 28.89 24.49
C ALA G 58 -28.60 28.87 25.46
N ARG G 59 -29.40 29.93 25.45
CA ARG G 59 -30.57 29.98 26.34
C ARG G 59 -31.60 28.94 25.95
N LEU G 60 -31.82 28.73 24.66
CA LEU G 60 -32.91 27.86 24.19
C LEU G 60 -32.67 26.39 24.49
N VAL G 61 -31.43 25.92 24.47
CA VAL G 61 -31.16 24.49 24.65
C VAL G 61 -30.16 24.30 25.79
N PRO G 62 -30.22 23.17 26.51
CA PRO G 62 -29.18 22.89 27.50
C PRO G 62 -27.82 22.78 26.85
N MET G 63 -26.81 23.32 27.51
CA MET G 63 -25.50 23.47 26.90
C MET G 63 -24.35 23.12 27.82
N GLY G 64 -24.58 23.05 29.13
CA GLY G 64 -23.54 22.87 30.13
C GLY G 64 -23.45 21.45 30.64
N PHE G 65 -23.10 21.32 31.92
CA PHE G 65 -22.82 20.03 32.54
C PHE G 65 -24.11 19.33 32.95
N VAL G 66 -23.97 18.04 33.25
CA VAL G 66 -25.10 17.20 33.68
C VAL G 66 -24.54 15.98 34.39
N THR G 67 -25.27 15.49 35.38
CA THR G 67 -24.83 14.32 36.13
C THR G 67 -24.88 13.07 35.26
N ALA G 68 -24.08 12.08 35.64
CA ALA G 68 -23.98 10.85 34.85
C ALA G 68 -25.24 10.01 34.95
N ALA G 69 -25.93 10.03 36.10
CA ALA G 69 -27.12 9.21 36.26
C ALA G 69 -28.23 9.64 35.30
N ASP G 70 -28.42 10.95 35.14
CA ASP G 70 -29.42 11.44 34.21
C ASP G 70 -29.06 11.10 32.78
N PHE G 71 -27.79 11.19 32.43
CA PHE G 71 -27.36 10.78 31.09
C PHE G 71 -27.62 9.30 30.85
N HIS G 72 -27.36 8.47 31.86
CA HIS G 72 -27.61 7.03 31.73
C HIS G 72 -29.09 6.74 31.54
N MET G 73 -29.94 7.38 32.36
CA MET G 73 -31.38 7.14 32.23
C MET G 73 -31.92 7.70 30.92
N ARG G 74 -31.27 8.75 30.39
CA ARG G 74 -31.67 9.28 29.09
C ARG G 74 -31.31 8.30 27.97
N ARG G 75 -30.08 7.78 27.99
CA ARG G 75 -29.67 6.82 26.98
C ARG G 75 -30.41 5.50 27.10
N SER G 76 -30.94 5.18 28.28
CA SER G 76 -31.70 3.94 28.43
C SER G 76 -32.98 3.94 27.61
N GLU G 77 -33.50 5.11 27.25
CA GLU G 77 -34.72 5.22 26.46
C GLU G 77 -34.45 5.44 24.97
N LEU G 78 -33.20 5.29 24.54
CA LEU G 78 -32.86 5.52 23.14
C LEU G 78 -33.43 4.41 22.26
N ILE G 79 -33.80 4.79 21.03
CA ILE G 79 -34.43 3.87 20.10
C ILE G 79 -33.35 3.15 19.29
N CYS G 80 -33.43 1.83 19.25
CA CYS G 80 -32.53 1.00 18.46
C CYS G 80 -33.32 0.31 17.36
N LEU G 81 -32.77 0.32 16.15
CA LEU G 81 -33.47 -0.21 14.98
C LEU G 81 -33.16 -1.69 14.84
N THR G 82 -34.21 -2.50 14.69
CA THR G 82 -34.03 -3.93 14.45
C THR G 82 -33.45 -4.16 13.06
N THR G 83 -32.60 -5.17 12.93
CA THR G 83 -31.95 -5.48 11.68
C THR G 83 -32.53 -6.71 10.99
N GLY G 84 -33.60 -7.29 11.53
CA GLY G 84 -34.22 -8.45 10.93
C GLY G 84 -33.56 -9.77 11.24
N SER G 85 -32.46 -9.77 11.99
CA SER G 85 -31.76 -10.98 12.37
C SER G 85 -31.56 -11.00 13.87
N LYS G 86 -31.98 -12.09 14.52
CA LYS G 86 -31.86 -12.16 15.97
C LYS G 86 -30.41 -12.26 16.41
N ASN G 87 -29.56 -12.94 15.63
CA ASN G 87 -28.15 -13.04 15.99
C ASN G 87 -27.48 -11.67 16.00
N LEU G 88 -27.72 -10.87 14.96
CA LEU G 88 -27.15 -9.52 14.93
C LEU G 88 -27.73 -8.65 16.03
N ASP G 89 -29.02 -8.79 16.33
CA ASP G 89 -29.62 -8.02 17.41
C ASP G 89 -28.97 -8.36 18.74
N THR G 90 -28.73 -9.65 19.00
CA THR G 90 -28.05 -10.04 20.22
C THR G 90 -26.61 -9.51 20.24
N LEU G 91 -25.92 -9.57 19.11
CA LEU G 91 -24.54 -9.09 19.05
C LEU G 91 -24.46 -7.60 19.34
N LEU G 92 -25.38 -6.81 18.77
CA LEU G 92 -25.37 -5.37 18.96
C LEU G 92 -26.21 -4.91 20.16
N GLY G 93 -26.80 -5.85 20.90
CA GLY G 93 -27.61 -5.49 22.04
C GLY G 93 -28.88 -4.73 21.70
N GLY G 94 -29.58 -5.15 20.66
CA GLY G 94 -30.83 -4.51 20.29
C GLY G 94 -30.87 -4.04 18.85
N GLY G 95 -29.71 -3.89 18.24
CA GLY G 95 -29.59 -3.42 16.87
C GLY G 95 -28.73 -2.19 16.79
N VAL G 96 -28.81 -1.53 15.62
CA VAL G 96 -28.06 -0.29 15.44
C VAL G 96 -28.62 0.79 16.33
N GLU G 97 -27.76 1.71 16.76
CA GLU G 97 -28.10 2.74 17.73
C GLU G 97 -28.20 4.09 17.03
N THR G 98 -29.29 4.81 17.29
CA THR G 98 -29.44 6.15 16.74
C THR G 98 -28.50 7.12 17.42
N GLY G 99 -28.16 8.19 16.70
CA GLY G 99 -27.25 9.18 17.22
C GLY G 99 -25.79 8.78 17.21
N SER G 100 -25.43 7.76 16.44
CA SER G 100 -24.05 7.30 16.36
C SER G 100 -23.78 6.79 14.96
N ILE G 101 -22.49 6.69 14.63
CA ILE G 101 -22.05 6.29 13.30
C ILE G 101 -21.64 4.83 13.33
N THR G 102 -22.27 4.02 12.48
CA THR G 102 -21.95 2.62 12.32
C THR G 102 -21.37 2.40 10.93
N GLU G 103 -20.20 1.79 10.88
CA GLU G 103 -19.48 1.53 9.63
C GLU G 103 -19.43 0.02 9.37
N LEU G 104 -19.68 -0.36 8.13
CA LEU G 104 -19.64 -1.76 7.71
C LEU G 104 -18.57 -1.89 6.64
N PHE G 105 -17.56 -2.72 6.88
CA PHE G 105 -16.48 -2.91 5.93
C PHE G 105 -16.24 -4.40 5.71
N GLY G 106 -15.79 -4.73 4.50
CA GLY G 106 -15.52 -6.11 4.17
C GLY G 106 -15.35 -6.28 2.68
N GLU G 107 -15.00 -7.51 2.31
CA GLU G 107 -14.82 -7.86 0.91
C GLU G 107 -16.15 -7.77 0.16
N PHE G 108 -16.07 -7.64 -1.15
CA PHE G 108 -17.27 -7.54 -1.98
C PHE G 108 -18.14 -8.77 -1.83
N ARG G 109 -19.42 -8.61 -2.17
CA ARG G 109 -20.47 -9.62 -2.19
C ARG G 109 -20.82 -10.17 -0.80
N THR G 110 -20.18 -9.69 0.26
CA THR G 110 -20.52 -10.15 1.60
C THR G 110 -21.92 -9.72 2.03
N GLY G 111 -22.46 -8.66 1.45
CA GLY G 111 -23.83 -8.27 1.70
C GLY G 111 -24.04 -6.97 2.46
N LYS G 112 -23.12 -6.01 2.39
CA LYS G 112 -23.33 -4.72 3.04
C LYS G 112 -24.52 -3.99 2.43
N SER G 113 -24.63 -4.00 1.11
CA SER G 113 -25.75 -3.33 0.45
C SER G 113 -27.07 -3.98 0.80
N GLN G 114 -27.09 -5.32 0.94
CA GLN G 114 -28.31 -6.00 1.36
C GLN G 114 -28.72 -5.57 2.76
N LEU G 115 -27.76 -5.45 3.68
CA LEU G 115 -28.08 -4.99 5.02
C LEU G 115 -28.60 -3.55 5.00
N CYS G 116 -27.99 -2.69 4.17
CA CYS G 116 -28.48 -1.32 4.05
C CYS G 116 -29.91 -1.29 3.51
N HIS G 117 -30.21 -2.14 2.53
CA HIS G 117 -31.56 -2.21 1.99
C HIS G 117 -32.54 -2.67 3.07
N THR G 118 -32.15 -3.67 3.86
CA THR G 118 -33.02 -4.14 4.94
C THR G 118 -33.28 -3.05 5.96
N LEU G 119 -32.24 -2.31 6.35
CA LEU G 119 -32.42 -1.20 7.28
C LEU G 119 -33.27 -0.10 6.68
N ALA G 120 -33.22 0.08 5.36
CA ALA G 120 -34.01 1.14 4.72
C ALA G 120 -35.50 0.93 4.88
N VAL G 121 -35.94 -0.31 5.10
CA VAL G 121 -37.36 -0.59 5.30
C VAL G 121 -37.69 -0.90 6.76
N THR G 122 -36.78 -1.52 7.51
CA THR G 122 -37.06 -1.79 8.92
C THR G 122 -37.15 -0.51 9.75
N CYS G 123 -36.62 0.59 9.24
CA CYS G 123 -36.71 1.88 9.93
C CYS G 123 -38.06 2.54 9.75
N GLN G 124 -39.06 1.81 9.27
CA GLN G 124 -40.38 2.36 9.02
C GLN G 124 -41.49 1.63 9.78
N ILE G 125 -41.27 0.40 10.21
CA ILE G 125 -42.28 -0.38 10.93
C ILE G 125 -42.48 0.23 12.32
N PRO G 126 -43.59 -0.03 12.99
CA PRO G 126 -43.84 0.60 14.29
C PRO G 126 -42.77 0.27 15.31
N LEU G 127 -42.75 1.08 16.39
CA LEU G 127 -41.69 1.00 17.38
C LEU G 127 -41.70 -0.34 18.12
N ASP G 128 -42.90 -0.84 18.46
CA ASP G 128 -43.00 -2.04 19.29
C ASP G 128 -42.39 -3.27 18.63
N ILE G 129 -42.24 -3.29 17.31
CA ILE G 129 -41.53 -4.38 16.67
C ILE G 129 -40.02 -4.11 16.64
N GLY G 130 -39.61 -2.85 16.63
CA GLY G 130 -38.20 -2.51 16.61
C GLY G 130 -37.85 -1.48 15.57
N GLY G 131 -38.87 -0.85 14.99
CA GLY G 131 -38.68 0.16 13.97
C GLY G 131 -38.41 1.53 14.54
N GLY G 132 -38.44 2.52 13.65
CA GLY G 132 -38.19 3.89 14.04
C GLY G 132 -39.32 4.84 13.70
N GLU G 133 -40.24 4.39 12.86
CA GLU G 133 -41.40 5.18 12.43
C GLU G 133 -40.96 6.51 11.84
N GLY G 134 -40.23 6.42 10.74
CA GLY G 134 -39.75 7.62 10.06
C GLY G 134 -39.25 7.29 8.67
N LYS G 135 -39.12 8.34 7.86
CA LYS G 135 -38.64 8.18 6.50
C LYS G 135 -37.15 7.87 6.49
N CYS G 136 -36.69 7.31 5.39
CA CYS G 136 -35.30 6.96 5.19
C CYS G 136 -34.71 7.76 4.03
N LEU G 137 -33.41 8.01 4.10
CA LEU G 137 -32.70 8.74 3.06
C LEU G 137 -31.52 7.90 2.60
N TYR G 138 -31.31 7.84 1.29
CA TYR G 138 -30.30 6.98 0.68
C TYR G 138 -29.40 7.82 -0.22
N ILE G 139 -28.09 7.72 0.00
CA ILE G 139 -27.09 8.35 -0.86
C ILE G 139 -26.27 7.23 -1.48
N ASP G 140 -26.27 7.17 -2.81
CA ASP G 140 -25.62 6.10 -3.55
C ASP G 140 -24.47 6.67 -4.36
N THR G 141 -23.31 6.03 -4.27
CA THR G 141 -22.13 6.46 -5.03
C THR G 141 -21.63 5.37 -5.98
N GLU G 142 -22.43 4.33 -6.23
CA GLU G 142 -21.99 3.25 -7.10
C GLU G 142 -23.08 2.75 -8.05
N GLY G 143 -24.26 3.36 -8.07
CA GLY G 143 -25.33 2.86 -8.92
C GLY G 143 -25.80 1.47 -8.53
N THR G 144 -25.96 1.24 -7.22
CA THR G 144 -26.31 -0.09 -6.71
C THR G 144 -27.75 -0.17 -6.21
N PHE G 145 -28.38 0.96 -5.92
CA PHE G 145 -29.74 0.97 -5.38
C PHE G 145 -30.70 0.21 -6.28
N ARG G 146 -31.52 -0.65 -5.66
CA ARG G 146 -32.47 -1.50 -6.39
C ARG G 146 -33.78 -1.55 -5.61
N PRO G 147 -34.81 -0.84 -6.06
CA PRO G 147 -36.09 -0.85 -5.34
C PRO G 147 -36.77 -2.21 -5.30
N VAL G 148 -36.41 -3.13 -6.20
CA VAL G 148 -37.03 -4.45 -6.19
C VAL G 148 -36.76 -5.17 -4.89
N ARG G 149 -35.52 -5.06 -4.37
CA ARG G 149 -35.20 -5.63 -3.07
C ARG G 149 -36.05 -5.03 -1.97
N LEU G 150 -36.26 -3.71 -2.02
CA LEU G 150 -37.10 -3.06 -1.00
C LEU G 150 -38.52 -3.58 -1.06
N VAL G 151 -39.07 -3.74 -2.26
CA VAL G 151 -40.44 -4.26 -2.39
C VAL G 151 -40.52 -5.67 -1.85
N SER G 152 -39.54 -6.51 -2.20
CA SER G 152 -39.55 -7.90 -1.75
C SER G 152 -39.46 -8.00 -0.23
N ILE G 153 -38.61 -7.17 0.38
CA ILE G 153 -38.48 -7.21 1.83
C ILE G 153 -39.72 -6.66 2.51
N ALA G 154 -40.26 -5.55 2.00
CA ALA G 154 -41.45 -4.96 2.60
C ALA G 154 -42.65 -5.89 2.50
N GLN G 155 -42.67 -6.76 1.49
CA GLN G 155 -43.72 -7.77 1.43
C GLN G 155 -43.65 -8.71 2.64
N ARG G 156 -42.44 -9.01 3.10
CA ARG G 156 -42.26 -9.90 4.25
C ARG G 156 -42.80 -9.27 5.52
N PHE G 157 -42.56 -7.97 5.72
CA PHE G 157 -42.94 -7.30 6.95
C PHE G 157 -44.40 -6.87 6.97
N GLY G 158 -45.14 -7.08 5.88
CA GLY G 158 -46.54 -6.71 5.85
C GLY G 158 -46.82 -5.26 5.57
N LEU G 159 -45.89 -4.53 4.96
CA LEU G 159 -46.11 -3.14 4.62
C LEU G 159 -46.65 -3.00 3.20
N ASP G 160 -47.25 -1.86 2.93
CA ASP G 160 -47.73 -1.56 1.59
C ASP G 160 -46.55 -1.15 0.72
N PRO G 161 -46.28 -1.85 -0.39
CA PRO G 161 -45.11 -1.50 -1.21
C PRO G 161 -45.14 -0.07 -1.73
N ASP G 162 -46.32 0.45 -2.07
CA ASP G 162 -46.41 1.82 -2.58
C ASP G 162 -45.96 2.82 -1.53
N ASP G 163 -46.50 2.72 -0.32
CA ASP G 163 -46.12 3.64 0.75
C ASP G 163 -44.67 3.45 1.13
N ALA G 164 -44.18 2.21 1.16
CA ALA G 164 -42.79 1.95 1.51
C ALA G 164 -41.85 2.61 0.50
N LEU G 165 -42.17 2.52 -0.80
CA LEU G 165 -41.36 3.17 -1.80
C LEU G 165 -41.48 4.69 -1.71
N ASN G 166 -42.68 5.19 -1.40
CA ASN G 166 -42.88 6.63 -1.34
C ASN G 166 -42.22 7.26 -0.12
N ASN G 167 -41.96 6.48 0.93
CA ASN G 167 -41.44 7.04 2.18
C ASN G 167 -39.92 7.03 2.25
N VAL G 168 -39.23 6.64 1.19
CA VAL G 168 -37.77 6.61 1.17
C VAL G 168 -37.29 7.50 0.05
N ALA G 169 -36.37 8.41 0.37
CA ALA G 169 -35.79 9.33 -0.61
C ALA G 169 -34.45 8.78 -1.08
N TYR G 170 -34.15 8.97 -2.36
CA TYR G 170 -32.94 8.44 -2.97
C TYR G 170 -32.21 9.53 -3.74
N ALA G 171 -30.88 9.51 -3.66
CA ALA G 171 -30.07 10.43 -4.44
C ALA G 171 -28.74 9.77 -4.75
N ARG G 172 -28.10 10.22 -5.83
CA ARG G 172 -26.82 9.68 -6.26
C ARG G 172 -25.81 10.81 -6.40
N ALA G 173 -24.60 10.56 -5.93
CA ALA G 173 -23.51 11.53 -6.00
C ALA G 173 -22.51 11.12 -7.08
N TYR G 174 -22.06 12.10 -7.86
CA TYR G 174 -21.13 11.85 -8.94
C TYR G 174 -19.70 12.28 -8.65
N ASN G 175 -19.49 13.12 -7.65
CA ASN G 175 -18.15 13.55 -7.26
C ASN G 175 -18.15 13.88 -5.78
N ALA G 176 -16.94 14.11 -5.25
CA ALA G 176 -16.82 14.42 -3.82
C ALA G 176 -17.54 15.72 -3.48
N ASP G 177 -17.44 16.73 -4.34
CA ASP G 177 -18.11 18.00 -4.07
C ASP G 177 -19.62 17.82 -4.02
N HIS G 178 -20.18 17.06 -4.96
CA HIS G 178 -21.62 16.79 -4.93
C HIS G 178 -22.00 16.00 -3.68
N GLN G 179 -21.16 15.03 -3.30
CA GLN G 179 -21.44 14.24 -2.11
C GLN G 179 -21.51 15.12 -0.87
N LEU G 180 -20.57 16.06 -0.74
CA LEU G 180 -20.59 16.97 0.40
C LEU G 180 -21.79 17.93 0.31
N ARG G 181 -22.11 18.41 -0.89
CA ARG G 181 -23.18 19.38 -1.05
C ARG G 181 -24.55 18.77 -0.78
N LEU G 182 -24.71 17.46 -1.02
CA LEU G 182 -26.01 16.83 -0.83
C LEU G 182 -26.47 16.89 0.63
N LEU G 183 -25.53 17.04 1.57
CA LEU G 183 -25.89 17.09 2.97
C LEU G 183 -26.71 18.32 3.31
N ASP G 184 -26.49 19.43 2.62
CA ASP G 184 -27.29 20.62 2.86
C ASP G 184 -28.75 20.36 2.50
N ALA G 185 -28.99 19.78 1.33
CA ALA G 185 -30.35 19.45 0.93
C ALA G 185 -30.95 18.42 1.87
N ALA G 186 -30.16 17.45 2.32
CA ALA G 186 -30.65 16.46 3.26
C ALA G 186 -31.10 17.12 4.56
N ALA G 187 -30.28 18.04 5.09
CA ALA G 187 -30.64 18.74 6.31
C ALA G 187 -31.90 19.57 6.11
N GLN G 188 -32.04 20.21 4.95
CA GLN G 188 -33.26 20.95 4.67
C GLN G 188 -34.48 20.03 4.68
N MET G 189 -34.33 18.84 4.09
CA MET G 189 -35.44 17.89 4.11
C MET G 189 -35.77 17.42 5.53
N MET G 190 -34.74 17.30 6.38
CA MET G 190 -34.97 16.85 7.75
C MET G 190 -35.87 17.80 8.53
N SER G 191 -35.69 19.11 8.34
CA SER G 191 -36.41 20.10 9.12
C SER G 191 -37.91 20.14 8.81
N GLU G 192 -38.35 19.52 7.71
CA GLU G 192 -39.74 19.55 7.32
C GLU G 192 -40.51 18.28 7.62
N SER G 193 -39.85 17.13 7.62
CA SER G 193 -40.50 15.86 7.92
C SER G 193 -39.56 14.99 8.73
N ARG G 194 -40.14 14.07 9.50
CA ARG G 194 -39.35 13.23 10.39
C ARG G 194 -38.65 12.12 9.61
N PHE G 195 -37.35 12.00 9.82
CA PHE G 195 -36.55 10.90 9.27
C PHE G 195 -35.92 10.13 10.43
N SER G 196 -35.43 8.94 10.12
CA SER G 196 -34.78 8.12 11.15
C SER G 196 -33.48 7.46 10.71
N LEU G 197 -33.17 7.39 9.41
CA LEU G 197 -32.00 6.66 8.96
C LEU G 197 -31.32 7.40 7.82
N ILE G 198 -29.98 7.37 7.85
CA ILE G 198 -29.14 7.90 6.78
C ILE G 198 -28.22 6.78 6.34
N VAL G 199 -28.14 6.52 5.04
CA VAL G 199 -27.35 5.43 4.49
C VAL G 199 -26.42 5.99 3.43
N VAL G 200 -25.14 5.64 3.53
CA VAL G 200 -24.13 6.05 2.55
C VAL G 200 -23.39 4.80 2.08
N ASP G 201 -23.34 4.60 0.76
CA ASP G 201 -22.60 3.49 0.17
C ASP G 201 -22.10 3.94 -1.21
N SER G 202 -20.81 4.21 -1.30
CA SER G 202 -19.89 4.15 -0.17
C SER G 202 -19.15 5.46 -0.01
N VAL G 203 -18.64 5.71 1.19
CA VAL G 203 -18.02 7.00 1.49
C VAL G 203 -16.73 7.19 0.68
N MET G 204 -15.94 6.13 0.54
CA MET G 204 -14.61 6.24 -0.04
C MET G 204 -14.54 5.85 -1.50
N ALA G 205 -15.69 5.63 -2.15
CA ALA G 205 -15.67 5.24 -3.56
C ALA G 205 -15.13 6.36 -4.44
N LEU G 206 -15.69 7.56 -4.28
CA LEU G 206 -15.30 8.68 -5.13
C LEU G 206 -13.96 9.29 -4.73
N TYR G 207 -13.65 9.28 -3.42
CA TYR G 207 -12.42 9.89 -2.94
C TYR G 207 -11.19 9.17 -3.47
N ARG G 208 -11.29 7.87 -3.72
CA ARG G 208 -10.14 7.11 -4.19
C ARG G 208 -9.69 7.59 -5.57
N THR G 209 -10.64 7.90 -6.45
CA THR G 209 -10.30 8.30 -7.81
C THR G 209 -10.19 9.81 -7.99
N ASP G 210 -10.94 10.59 -7.21
CA ASP G 210 -10.89 12.05 -7.36
C ASP G 210 -9.51 12.58 -6.99
N PHE G 211 -8.92 12.06 -5.91
CA PHE G 211 -7.60 12.48 -5.46
C PHE G 211 -6.63 11.32 -5.73
N SER G 212 -5.63 11.58 -6.55
CA SER G 212 -4.66 10.57 -6.94
C SER G 212 -3.24 11.04 -6.61
N GLY G 213 -2.43 10.13 -6.09
CA GLY G 213 -1.05 10.43 -5.77
C GLY G 213 -0.86 10.88 -4.33
N ARG G 214 0.39 10.78 -3.88
CA ARG G 214 0.72 11.21 -2.52
C ARG G 214 0.62 12.72 -2.34
N GLY G 215 0.71 13.48 -3.43
CA GLY G 215 0.63 14.93 -3.31
C GLY G 215 -0.74 15.42 -2.84
N GLU G 216 -1.80 14.73 -3.26
CA GLU G 216 -3.16 15.12 -2.93
C GLU G 216 -3.73 14.35 -1.75
N LEU G 217 -2.90 13.59 -1.03
CA LEU G 217 -3.41 12.78 0.07
C LEU G 217 -3.98 13.64 1.18
N SER G 218 -3.30 14.73 1.54
CA SER G 218 -3.74 15.57 2.64
C SER G 218 -5.10 16.20 2.36
N ALA G 219 -5.29 16.69 1.13
CA ALA G 219 -6.57 17.31 0.79
C ALA G 219 -7.71 16.29 0.85
N ARG G 220 -7.47 15.08 0.34
CA ARG G 220 -8.48 14.04 0.41
C ARG G 220 -8.82 13.68 1.84
N GLN G 221 -7.79 13.52 2.69
CA GLN G 221 -8.05 13.16 4.08
C GLN G 221 -8.81 14.25 4.81
N MET G 222 -8.46 15.51 4.58
CA MET G 222 -9.16 16.59 5.27
C MET G 222 -10.59 16.74 4.75
N HIS G 223 -10.80 16.53 3.46
CA HIS G 223 -12.16 16.56 2.93
C HIS G 223 -13.01 15.45 3.55
N LEU G 224 -12.43 14.26 3.71
CA LEU G 224 -13.14 13.17 4.38
C LEU G 224 -13.46 13.54 5.82
N ALA G 225 -12.50 14.17 6.51
CA ALA G 225 -12.74 14.59 7.89
C ALA G 225 -13.88 15.60 7.97
N LYS G 226 -13.92 16.55 7.04
CA LYS G 226 -15.01 17.53 7.02
C LYS G 226 -16.34 16.86 6.75
N PHE G 227 -16.37 15.90 5.82
CA PHE G 227 -17.61 15.19 5.52
C PHE G 227 -18.12 14.43 6.74
N MET G 228 -17.22 13.74 7.44
CA MET G 228 -17.63 12.99 8.62
C MET G 228 -18.05 13.92 9.76
N ARG G 229 -17.40 15.08 9.88
CA ARG G 229 -17.83 16.05 10.88
C ARG G 229 -19.25 16.54 10.58
N ALA G 230 -19.54 16.81 9.31
CA ALA G 230 -20.90 17.22 8.94
C ALA G 230 -21.91 16.10 9.24
N LEU G 231 -21.54 14.85 8.94
CA LEU G 231 -22.43 13.73 9.25
C LEU G 231 -22.70 13.63 10.75
N GLN G 232 -21.65 13.78 11.57
CA GLN G 232 -21.84 13.74 13.01
C GLN G 232 -22.72 14.88 13.49
N ARG G 233 -22.51 16.08 12.94
CA ARG G 233 -23.36 17.21 13.32
C ARG G 233 -24.82 16.93 12.99
N LEU G 234 -25.08 16.37 11.82
CA LEU G 234 -26.45 15.98 11.47
C LEU G 234 -27.00 14.96 12.47
N ALA G 235 -26.18 13.99 12.85
CA ALA G 235 -26.63 12.95 13.77
C ALA G 235 -27.03 13.54 15.11
N ASP G 236 -26.23 14.46 15.66
CA ASP G 236 -26.60 15.10 16.91
C ASP G 236 -27.81 16.02 16.74
N GLN G 237 -27.92 16.72 15.61
CA GLN G 237 -29.03 17.63 15.41
C GLN G 237 -30.36 16.89 15.39
N PHE G 238 -30.47 15.85 14.56
CA PHE G 238 -31.75 15.21 14.32
C PHE G 238 -31.91 13.84 14.99
N GLY G 239 -30.85 13.31 15.60
CA GLY G 239 -30.97 12.05 16.31
C GLY G 239 -31.36 10.87 15.45
N VAL G 240 -30.82 10.77 14.25
CA VAL G 240 -31.14 9.68 13.33
C VAL G 240 -29.95 8.73 13.25
N ALA G 241 -30.23 7.46 13.01
CA ALA G 241 -29.16 6.49 12.83
C ALA G 241 -28.40 6.77 11.54
N VAL G 242 -27.09 6.54 11.56
CA VAL G 242 -26.23 6.78 10.42
C VAL G 242 -25.46 5.50 10.13
N VAL G 243 -25.51 5.04 8.88
CA VAL G 243 -24.80 3.84 8.44
C VAL G 243 -24.02 4.20 7.19
N VAL G 244 -22.72 3.87 7.19
CA VAL G 244 -21.84 4.11 6.05
C VAL G 244 -21.09 2.83 5.76
N THR G 245 -20.90 2.53 4.48
CA THR G 245 -20.16 1.35 4.08
C THR G 245 -18.79 1.75 3.54
N ASN G 246 -17.82 0.86 3.69
CA ASN G 246 -16.46 1.12 3.26
C ASN G 246 -15.91 -0.11 2.55
N GLN G 247 -14.96 0.11 1.65
CA GLN G 247 -14.31 -0.97 0.92
C GLN G 247 -13.02 -1.38 1.64
N VAL G 248 -12.35 -2.39 1.10
CA VAL G 248 -11.15 -2.94 1.73
C VAL G 248 -10.02 -2.96 0.72
N VAL G 249 -8.80 -2.96 1.25
CA VAL G 249 -7.57 -3.03 0.46
C VAL G 249 -6.66 -4.06 1.09
N ALA G 250 -6.04 -4.90 0.27
CA ALA G 250 -5.09 -5.89 0.76
C ALA G 250 -3.74 -5.23 1.00
N GLN G 251 -3.18 -5.46 2.19
CA GLN G 251 -1.88 -4.91 2.54
C GLN G 251 -0.79 -5.79 1.93
N VAL G 252 -0.07 -5.25 0.94
CA VAL G 252 0.93 -6.03 0.22
C VAL G 252 2.08 -6.41 1.15
N ASP G 253 2.36 -5.61 2.17
CA ASP G 253 3.46 -5.89 3.07
C ASP G 253 3.17 -7.16 3.86
N GLY G 254 4.12 -8.10 3.85
CA GLY G 254 4.03 -9.33 4.60
C GLY G 254 4.67 -9.30 5.96
N GLY G 255 5.15 -8.13 6.41
CA GLY G 255 5.83 -8.07 7.69
C GLY G 255 4.91 -8.35 8.88
N MET G 256 3.70 -7.82 8.83
CA MET G 256 2.75 -7.98 9.94
C MET G 256 1.99 -9.30 9.78
N ALA G 257 2.75 -10.39 9.92
CA ALA G 257 2.17 -11.73 9.88
C ALA G 257 1.34 -12.04 11.12
N PHE G 258 1.39 -11.20 12.14
CA PHE G 258 0.59 -11.43 13.34
C PHE G 258 -0.91 -11.39 13.05
N ASN G 259 -1.33 -10.54 12.12
CA ASN G 259 -2.75 -10.44 11.78
C ASN G 259 -3.01 -11.41 10.65
N PRO G 260 -3.83 -12.46 10.85
CA PRO G 260 -4.09 -13.40 9.76
C PRO G 260 -4.90 -12.82 8.62
N ASP G 261 -5.60 -11.72 8.82
CA ASP G 261 -6.41 -11.12 7.78
C ASP G 261 -5.57 -10.12 7.00
N PRO G 262 -5.34 -10.33 5.70
CA PRO G 262 -4.52 -9.40 4.91
C PRO G 262 -5.27 -8.24 4.30
N LYS G 263 -6.50 -7.96 4.73
CA LYS G 263 -7.31 -6.88 4.19
C LYS G 263 -7.66 -5.89 5.30
N LYS G 264 -7.57 -4.61 4.99
CA LYS G 264 -7.90 -3.56 5.95
C LYS G 264 -8.82 -2.53 5.30
N PRO G 265 -9.66 -1.86 6.10
CA PRO G 265 -10.59 -0.88 5.53
C PRO G 265 -9.85 0.35 5.01
N ILE G 266 -10.55 1.08 4.14
CA ILE G 266 -10.02 2.27 3.48
C ILE G 266 -10.34 3.49 4.34
N GLY G 267 -9.46 4.47 4.32
CA GLY G 267 -9.67 5.74 4.98
C GLY G 267 -8.60 6.10 6.00
N GLY G 268 -7.92 5.11 6.56
CA GLY G 268 -6.86 5.41 7.51
C GLY G 268 -7.41 5.87 8.86
N ASN G 269 -6.59 6.66 9.55
CA ASN G 269 -6.93 7.06 10.91
C ASN G 269 -8.14 7.99 10.95
N ILE G 270 -8.31 8.82 9.92
CA ILE G 270 -9.46 9.72 9.89
C ILE G 270 -10.75 8.91 9.86
N MET G 271 -10.79 7.87 9.01
CA MET G 271 -11.95 6.99 8.97
C MET G 271 -12.10 6.21 10.26
N ALA G 272 -10.98 5.72 10.82
CA ALA G 272 -11.05 4.84 11.97
C ALA G 272 -11.57 5.56 13.21
N HIS G 273 -11.06 6.76 13.47
CA HIS G 273 -11.39 7.46 14.71
C HIS G 273 -12.82 8.00 14.70
N SER G 274 -13.30 8.45 13.54
CA SER G 274 -14.60 9.12 13.49
C SER G 274 -15.75 8.13 13.73
N SER G 275 -15.66 6.94 13.16
CA SER G 275 -16.76 5.98 13.26
C SER G 275 -16.91 5.48 14.69
N THR G 276 -18.16 5.49 15.18
CA THR G 276 -18.42 5.04 16.54
C THR G 276 -18.31 3.52 16.65
N THR G 277 -18.90 2.80 15.70
CA THR G 277 -18.90 1.33 15.71
C THR G 277 -18.44 0.82 14.36
N ARG G 278 -17.69 -0.28 14.36
CA ARG G 278 -17.16 -0.87 13.14
C ARG G 278 -17.48 -2.36 13.10
N LEU G 279 -18.02 -2.82 11.97
CA LEU G 279 -18.37 -4.22 11.77
C LEU G 279 -17.70 -4.73 10.50
N GLY G 280 -16.94 -5.81 10.64
CA GLY G 280 -16.30 -6.47 9.51
C GLY G 280 -17.12 -7.66 9.04
N PHE G 281 -17.25 -7.78 7.73
CA PHE G 281 -18.06 -8.81 7.09
C PHE G 281 -17.18 -9.76 6.31
N LYS G 282 -17.46 -11.06 6.43
CA LYS G 282 -16.76 -12.08 5.67
C LYS G 282 -17.78 -13.06 5.11
N LYS G 283 -17.39 -13.74 4.03
CA LYS G 283 -18.27 -14.71 3.40
C LYS G 283 -18.12 -16.07 4.05
N GLY G 284 -19.24 -16.68 4.41
CA GLY G 284 -19.28 -18.01 4.97
C GLY G 284 -19.64 -19.06 3.93
N LYS G 285 -20.24 -20.15 4.39
CA LYS G 285 -20.65 -21.22 3.50
C LYS G 285 -22.02 -20.93 2.92
N GLY G 286 -22.15 -21.09 1.61
CA GLY G 286 -23.43 -20.84 0.96
C GLY G 286 -23.85 -19.40 1.09
N CYS G 287 -25.09 -19.19 1.55
CA CYS G 287 -25.63 -17.85 1.73
C CYS G 287 -25.28 -17.25 3.09
N GLN G 288 -24.57 -17.98 3.94
CA GLN G 288 -24.23 -17.49 5.27
C GLN G 288 -23.05 -16.53 5.20
N ARG G 289 -23.02 -15.58 6.14
CA ARG G 289 -21.96 -14.60 6.24
C ARG G 289 -21.62 -14.40 7.71
N LEU G 290 -20.37 -14.02 7.96
CA LEU G 290 -19.86 -13.81 9.31
C LEU G 290 -19.71 -12.32 9.57
N CYS G 291 -20.24 -11.86 10.70
CA CYS G 291 -20.13 -10.47 11.13
C CYS G 291 -19.33 -10.41 12.43
N LYS G 292 -18.35 -9.52 12.48
CA LYS G 292 -17.47 -9.39 13.62
C LYS G 292 -17.37 -7.93 14.05
N VAL G 293 -17.51 -7.70 15.35
CA VAL G 293 -17.40 -6.34 15.89
C VAL G 293 -15.93 -6.03 16.09
N VAL G 294 -15.44 -4.98 15.45
CA VAL G 294 -14.04 -4.61 15.54
C VAL G 294 -13.80 -3.57 16.63
N ASP G 295 -14.56 -2.47 16.60
CA ASP G 295 -14.45 -1.41 17.58
C ASP G 295 -15.83 -1.02 18.08
N SER G 296 -15.95 -0.87 19.39
CA SER G 296 -17.20 -0.46 20.01
C SER G 296 -16.92 0.03 21.43
N PRO G 297 -17.41 1.21 21.80
CA PRO G 297 -17.14 1.72 23.16
C PRO G 297 -17.79 0.89 24.26
N CYS G 298 -18.81 0.09 23.96
CA CYS G 298 -19.51 -0.64 25.00
C CYS G 298 -19.84 -2.08 24.63
N LEU G 299 -19.27 -2.64 23.57
CA LEU G 299 -19.60 -4.02 23.25
C LEU G 299 -18.35 -4.88 23.20
N PRO G 300 -18.42 -6.11 23.72
CA PRO G 300 -17.27 -7.00 23.63
C PRO G 300 -17.07 -7.54 22.21
N GLU G 301 -15.87 -8.02 21.96
CA GLU G 301 -15.52 -8.57 20.65
C GLU G 301 -16.13 -9.96 20.51
N ALA G 302 -16.88 -10.18 19.42
CA ALA G 302 -17.54 -11.45 19.18
C ALA G 302 -17.84 -11.57 17.69
N GLU G 303 -18.37 -12.73 17.30
CA GLU G 303 -18.72 -13.00 15.92
C GLU G 303 -20.10 -13.67 15.86
N CYS G 304 -20.78 -13.47 14.74
CA CYS G 304 -22.10 -14.04 14.53
C CYS G 304 -22.27 -14.43 13.07
N VAL G 305 -23.27 -15.26 12.82
CA VAL G 305 -23.56 -15.80 11.49
C VAL G 305 -24.97 -15.36 11.10
N PHE G 306 -25.09 -14.82 9.89
CA PHE G 306 -26.39 -14.37 9.39
C PHE G 306 -26.50 -14.70 7.91
N ALA G 307 -27.72 -15.03 7.47
CA ALA G 307 -27.97 -15.41 6.09
C ALA G 307 -28.76 -14.33 5.38
N ILE G 308 -28.70 -14.36 4.05
CA ILE G 308 -29.45 -13.44 3.21
C ILE G 308 -30.28 -14.26 2.22
N TYR G 309 -31.56 -13.94 2.12
CA TYR G 309 -32.49 -14.62 1.23
C TYR G 309 -33.19 -13.57 0.38
N GLU G 310 -34.08 -14.04 -0.50
CA GLU G 310 -34.79 -13.13 -1.39
C GLU G 310 -35.68 -12.15 -0.64
N ASP G 311 -36.01 -12.44 0.62
CA ASP G 311 -36.81 -11.55 1.44
C ASP G 311 -35.98 -10.70 2.38
N GLY G 312 -34.65 -10.76 2.28
CA GLY G 312 -33.81 -9.89 3.08
C GLY G 312 -32.82 -10.61 3.98
N VAL G 313 -32.33 -9.91 4.99
CA VAL G 313 -31.35 -10.46 5.93
C VAL G 313 -32.10 -11.14 7.07
N GLY G 314 -31.63 -12.32 7.47
CA GLY G 314 -32.25 -13.06 8.54
C GLY G 314 -31.27 -14.00 9.19
N ASP G 315 -31.76 -14.76 10.16
CA ASP G 315 -30.96 -15.78 10.81
C ASP G 315 -30.79 -16.99 9.88
N PRO G 316 -29.65 -17.67 9.95
CA PRO G 316 -29.47 -18.87 9.12
C PRO G 316 -30.46 -19.95 9.49
N ARG G 317 -30.93 -20.68 8.48
CA ARG G 317 -31.89 -21.76 8.68
C ARG G 317 -31.18 -23.08 8.90
N GLU G 318 -31.90 -24.03 9.50
CA GLU G 318 -31.34 -25.34 9.75
C GLU G 318 -31.03 -26.08 8.45
N GLU G 319 -31.75 -25.76 7.37
CA GLU G 319 -31.45 -26.38 6.08
C GLU G 319 -30.07 -26.00 5.60
N ASP G 320 -29.64 -24.76 5.82
CA ASP G 320 -28.29 -24.34 5.48
C ASP G 320 -27.23 -25.00 6.35
N GLU G 321 -27.61 -25.59 7.47
CA GLU G 321 -26.67 -26.26 8.36
C GLU G 321 -26.46 -27.71 7.94
N PHE H 1 37.93 -26.22 -26.38
CA PHE H 1 37.35 -25.31 -25.40
C PHE H 1 38.39 -24.29 -24.93
N VAL H 2 37.92 -23.12 -24.52
CA VAL H 2 38.80 -22.05 -24.07
C VAL H 2 38.99 -22.14 -22.56
N PRO H 3 40.23 -22.17 -22.07
CA PRO H 3 40.44 -22.22 -20.61
C PRO H 3 39.98 -20.95 -19.93
N ILE H 4 39.60 -21.09 -18.66
CA ILE H 4 39.14 -19.95 -17.88
C ILE H 4 40.26 -18.97 -17.58
N GLU H 5 41.53 -19.39 -17.72
CA GLU H 5 42.64 -18.50 -17.42
C GLU H 5 42.70 -17.32 -18.38
N LYS H 6 42.14 -17.47 -19.58
CA LYS H 6 42.05 -16.36 -20.52
C LYS H 6 41.12 -15.26 -20.03
N LEU H 7 40.30 -15.53 -19.01
CA LEU H 7 39.34 -14.56 -18.52
C LEU H 7 39.97 -13.49 -17.63
N GLN H 8 41.21 -13.69 -17.17
CA GLN H 8 41.88 -12.76 -16.28
C GLN H 8 42.41 -11.56 -17.07
N VAL H 9 41.47 -10.78 -17.59
CA VAL H 9 41.78 -9.56 -18.33
C VAL H 9 40.84 -8.45 -17.89
N ASN H 10 41.31 -7.21 -18.08
CA ASN H 10 40.53 -6.01 -17.80
C ASN H 10 40.06 -5.98 -16.34
N GLY H 11 41.03 -6.02 -15.44
CA GLY H 11 40.76 -5.90 -14.02
C GLY H 11 40.30 -7.15 -13.32
N ILE H 12 40.27 -8.29 -14.00
CA ILE H 12 39.83 -9.54 -13.38
C ILE H 12 40.99 -10.12 -12.58
N THR H 13 40.75 -10.39 -11.30
CA THR H 13 41.76 -10.88 -10.39
C THR H 13 41.76 -12.40 -10.35
N MET H 14 42.89 -12.96 -9.89
CA MET H 14 43.00 -14.41 -9.75
C MET H 14 42.09 -14.93 -8.64
N ALA H 15 41.83 -14.11 -7.62
CA ALA H 15 40.94 -14.53 -6.54
C ALA H 15 39.53 -14.80 -7.05
N ASP H 16 39.03 -13.96 -7.96
CA ASP H 16 37.72 -14.20 -8.55
C ASP H 16 37.70 -15.53 -9.31
N VAL H 17 38.77 -15.81 -10.05
CA VAL H 17 38.84 -17.06 -10.82
C VAL H 17 38.86 -18.26 -9.89
N LYS H 18 39.63 -18.20 -8.81
CA LYS H 18 39.70 -19.34 -7.90
C LYS H 18 38.37 -19.52 -7.16
N LYS H 19 37.69 -18.43 -6.83
CA LYS H 19 36.36 -18.54 -6.24
C LYS H 19 35.38 -19.19 -7.20
N LEU H 20 35.42 -18.80 -8.47
CA LEU H 20 34.55 -19.42 -9.47
C LEU H 20 34.86 -20.89 -9.63
N ARG H 21 36.14 -21.24 -9.65
CA ARG H 21 36.52 -22.65 -9.76
C ARG H 21 36.04 -23.45 -8.55
N GLU H 22 36.13 -22.86 -7.35
CA GLU H 22 35.57 -23.50 -6.17
C GLU H 22 34.06 -23.60 -6.26
N SER H 23 33.43 -22.72 -7.03
CA SER H 23 31.99 -22.75 -7.22
C SER H 23 31.54 -23.75 -8.28
N GLY H 24 32.47 -24.43 -8.93
CA GLY H 24 32.14 -25.42 -9.93
C GLY H 24 32.32 -25.00 -11.38
N LEU H 25 32.61 -23.73 -11.63
CA LEU H 25 32.81 -23.24 -12.98
C LEU H 25 34.30 -23.35 -13.32
N HIS H 26 34.63 -24.19 -14.30
CA HIS H 26 36.00 -24.46 -14.65
C HIS H 26 36.41 -23.96 -16.03
N THR H 27 35.46 -23.54 -16.86
CA THR H 27 35.74 -23.08 -18.20
C THR H 27 35.00 -21.77 -18.47
N ALA H 28 35.52 -21.01 -19.44
CA ALA H 28 34.85 -19.77 -19.82
C ALA H 28 33.47 -20.04 -20.40
N GLU H 29 33.29 -21.20 -21.05
CA GLU H 29 31.96 -21.57 -21.53
C GLU H 29 30.98 -21.70 -20.37
N ALA H 30 31.44 -22.22 -19.23
CA ALA H 30 30.58 -22.31 -18.06
C ALA H 30 30.11 -20.94 -17.61
N VAL H 31 31.02 -19.96 -17.61
CA VAL H 31 30.65 -18.59 -17.25
C VAL H 31 29.66 -18.02 -18.26
N ALA H 32 29.91 -18.26 -19.55
CA ALA H 32 29.03 -17.73 -20.59
C ALA H 32 27.62 -18.29 -20.48
N TYR H 33 27.51 -19.60 -20.25
CA TYR H 33 26.19 -20.23 -20.16
C TYR H 33 25.51 -19.97 -18.83
N ALA H 34 26.25 -19.56 -17.81
CA ALA H 34 25.66 -19.36 -16.50
C ALA H 34 24.72 -18.16 -16.52
N PRO H 35 23.52 -18.27 -15.94
CA PRO H 35 22.64 -17.11 -15.85
C PRO H 35 23.18 -16.07 -14.88
N ARG H 36 22.69 -14.84 -15.03
CA ARG H 36 23.17 -13.74 -14.21
C ARG H 36 22.86 -13.97 -12.74
N LYS H 37 21.66 -14.51 -12.43
CA LYS H 37 21.27 -14.71 -11.04
C LYS H 37 22.18 -15.71 -10.34
N ASP H 38 22.46 -16.84 -10.99
CA ASP H 38 23.32 -17.85 -10.38
C ASP H 38 24.74 -17.35 -10.19
N LEU H 39 25.25 -16.57 -11.17
CA LEU H 39 26.58 -16.00 -11.02
C LEU H 39 26.61 -14.98 -9.88
N LEU H 40 25.55 -14.20 -9.74
CA LEU H 40 25.53 -13.15 -8.72
C LEU H 40 25.37 -13.71 -7.32
N GLU H 41 24.60 -14.79 -7.16
CA GLU H 41 24.35 -15.31 -5.82
C GLU H 41 25.62 -15.88 -5.18
N ILE H 42 26.65 -16.12 -5.97
CA ILE H 42 27.92 -16.58 -5.42
C ILE H 42 28.57 -15.45 -4.62
N LYS H 43 28.99 -15.75 -3.40
CA LYS H 43 29.55 -14.74 -2.53
C LYS H 43 30.90 -14.24 -3.06
N GLY H 44 31.13 -12.94 -2.95
CA GLY H 44 32.38 -12.35 -3.34
C GLY H 44 32.43 -11.71 -4.71
N ILE H 45 31.29 -11.59 -5.39
CA ILE H 45 31.23 -11.00 -6.73
C ILE H 45 30.21 -9.87 -6.71
N SER H 46 30.62 -8.70 -7.19
CA SER H 46 29.74 -7.55 -7.29
C SER H 46 28.97 -7.59 -8.61
N GLU H 47 27.91 -6.78 -8.68
CA GLU H 47 27.09 -6.72 -9.88
C GLU H 47 27.90 -6.21 -11.07
N ALA H 48 28.71 -5.17 -10.86
CA ALA H 48 29.55 -4.66 -11.94
C ALA H 48 30.57 -5.70 -12.37
N LYS H 49 31.17 -6.41 -11.40
CA LYS H 49 32.13 -7.46 -11.73
C LYS H 49 31.44 -8.59 -12.49
N ALA H 50 30.22 -8.96 -12.10
CA ALA H 50 29.49 -9.99 -12.80
C ALA H 50 29.19 -9.56 -14.24
N ASP H 51 28.79 -8.30 -14.43
CA ASP H 51 28.53 -7.80 -15.78
C ASP H 51 29.80 -7.81 -16.61
N LYS H 52 30.93 -7.42 -16.02
CA LYS H 52 32.20 -7.47 -16.73
C LYS H 52 32.55 -8.90 -17.13
N LEU H 53 32.33 -9.86 -16.23
CA LEU H 53 32.60 -11.25 -16.54
C LEU H 53 31.71 -11.73 -17.69
N LEU H 54 30.43 -11.37 -17.66
CA LEU H 54 29.52 -11.77 -18.74
C LEU H 54 29.95 -11.16 -20.06
N ASN H 55 30.35 -9.89 -20.07
CA ASN H 55 30.79 -9.26 -21.30
C ASN H 55 32.05 -9.92 -21.84
N GLU H 56 33.01 -10.24 -20.96
CA GLU H 56 34.22 -10.91 -21.40
C GLU H 56 33.92 -12.29 -21.96
N ALA H 57 33.03 -13.03 -21.30
CA ALA H 57 32.65 -14.36 -21.79
C ALA H 57 31.97 -14.26 -23.15
N ALA H 58 31.09 -13.28 -23.34
CA ALA H 58 30.44 -13.09 -24.63
C ALA H 58 31.46 -12.73 -25.71
N ARG H 59 32.47 -11.94 -25.34
CA ARG H 59 33.54 -11.64 -26.29
C ARG H 59 34.34 -12.87 -26.66
N LEU H 60 34.61 -13.76 -25.69
CA LEU H 60 35.47 -14.90 -25.94
C LEU H 60 34.79 -15.95 -26.81
N VAL H 61 33.51 -16.25 -26.56
CA VAL H 61 32.82 -17.30 -27.30
C VAL H 61 31.61 -16.72 -28.02
N PRO H 62 31.32 -17.17 -29.23
CA PRO H 62 30.17 -16.62 -29.96
C PRO H 62 28.85 -17.04 -29.34
N MET H 63 27.87 -16.14 -29.40
CA MET H 63 26.52 -16.42 -28.92
C MET H 63 25.44 -15.91 -29.87
N GLY H 64 25.81 -15.39 -31.03
CA GLY H 64 24.87 -14.82 -31.97
C GLY H 64 24.30 -15.83 -32.94
N PHE H 65 23.71 -15.31 -34.01
CA PHE H 65 23.07 -16.13 -35.03
C PHE H 65 24.09 -16.64 -36.03
N VAL H 66 23.68 -17.66 -36.79
CA VAL H 66 24.54 -18.28 -37.79
C VAL H 66 23.66 -18.94 -38.84
N THR H 67 24.14 -18.94 -40.08
CA THR H 67 23.39 -19.55 -41.17
C THR H 67 23.32 -21.06 -41.00
N ALA H 68 22.28 -21.65 -41.58
CA ALA H 68 22.07 -23.09 -41.44
C ALA H 68 23.13 -23.90 -42.18
N ALA H 69 23.64 -23.38 -43.29
CA ALA H 69 24.65 -24.12 -44.05
C ALA H 69 25.93 -24.31 -43.25
N ASP H 70 26.38 -23.25 -42.56
CA ASP H 70 27.57 -23.36 -41.74
C ASP H 70 27.37 -24.32 -40.58
N PHE H 71 26.20 -24.29 -39.95
CA PHE H 71 25.91 -25.23 -38.88
C PHE H 71 25.90 -26.66 -39.41
N HIS H 72 25.34 -26.88 -40.60
CA HIS H 72 25.31 -28.22 -41.18
C HIS H 72 26.71 -28.72 -41.48
N MET H 73 27.56 -27.87 -42.07
CA MET H 73 28.91 -28.30 -42.39
C MET H 73 29.74 -28.53 -41.13
N ARG H 74 29.49 -27.74 -40.06
CA ARG H 74 30.14 -28.00 -38.78
C ARG H 74 29.69 -29.32 -38.19
N ARG H 75 28.39 -29.60 -38.24
CA ARG H 75 27.85 -30.84 -37.71
C ARG H 75 28.35 -32.06 -38.48
N SER H 76 28.60 -31.90 -39.78
CA SER H 76 29.07 -33.01 -40.60
C SER H 76 30.42 -33.55 -40.13
N GLU H 77 31.20 -32.74 -39.42
CA GLU H 77 32.51 -33.15 -38.93
C GLU H 77 32.47 -33.68 -37.50
N LEU H 78 31.29 -33.83 -36.92
CA LEU H 78 31.18 -34.30 -35.55
C LEU H 78 31.64 -35.75 -35.44
N ILE H 79 32.29 -36.08 -34.32
CA ILE H 79 32.83 -37.42 -34.11
C ILE H 79 31.74 -38.34 -33.61
N CYS H 80 31.63 -39.50 -34.25
CA CYS H 80 30.72 -40.55 -33.82
C CYS H 80 31.52 -41.75 -33.33
N LEU H 81 31.08 -42.34 -32.23
CA LEU H 81 31.80 -43.44 -31.60
C LEU H 81 31.23 -44.78 -32.07
N THR H 82 32.11 -45.63 -32.59
CA THR H 82 31.69 -46.96 -33.00
C THR H 82 31.32 -47.81 -31.79
N THR H 83 30.36 -48.70 -31.97
CA THR H 83 29.88 -49.55 -30.90
C THR H 83 30.31 -51.00 -31.05
N GLY H 84 31.10 -51.31 -32.08
CA GLY H 84 31.55 -52.67 -32.31
C GLY H 84 30.58 -53.55 -33.05
N SER H 85 29.39 -53.06 -33.39
CA SER H 85 28.40 -53.83 -34.12
C SER H 85 28.01 -53.07 -35.39
N LYS H 86 28.05 -53.75 -36.52
CA LYS H 86 27.71 -53.11 -37.78
C LYS H 86 26.22 -52.78 -37.86
N ASN H 87 25.37 -53.65 -37.30
CA ASN H 87 23.93 -53.40 -37.32
C ASN H 87 23.58 -52.14 -36.54
N LEU H 88 24.16 -51.98 -35.35
CA LEU H 88 23.90 -50.79 -34.55
C LEU H 88 24.45 -49.54 -35.23
N ASP H 89 25.62 -49.64 -35.86
CA ASP H 89 26.17 -48.49 -36.57
C ASP H 89 25.28 -48.08 -37.72
N THR H 90 24.76 -49.05 -38.47
CA THR H 90 23.83 -48.73 -39.55
C THR H 90 22.54 -48.12 -39.02
N LEU H 91 22.02 -48.66 -37.92
CA LEU H 91 20.78 -48.13 -37.34
C LEU H 91 20.96 -46.69 -36.87
N LEU H 92 22.09 -46.41 -36.21
CA LEU H 92 22.35 -45.08 -35.68
C LEU H 92 23.01 -44.15 -36.70
N GLY H 93 23.28 -44.64 -37.91
CA GLY H 93 23.90 -43.81 -38.94
C GLY H 93 25.30 -43.36 -38.61
N GLY H 94 26.13 -44.26 -38.07
CA GLY H 94 27.51 -43.92 -37.77
C GLY H 94 27.95 -44.37 -36.40
N GLY H 95 27.03 -44.41 -35.44
CA GLY H 95 27.33 -44.81 -34.08
C GLY H 95 26.78 -43.80 -33.11
N VAL H 96 27.32 -43.83 -31.89
CA VAL H 96 26.89 -42.92 -30.84
C VAL H 96 27.42 -41.52 -31.14
N GLU H 97 26.53 -40.54 -31.12
CA GLU H 97 26.91 -39.17 -31.45
C GLU H 97 27.36 -38.42 -30.21
N THR H 98 28.45 -37.67 -30.35
CA THR H 98 28.95 -36.85 -29.26
C THR H 98 28.13 -35.57 -29.13
N GLY H 99 28.10 -35.03 -27.92
CA GLY H 99 27.36 -33.81 -27.66
C GLY H 99 25.87 -33.99 -27.53
N SER H 100 25.39 -35.23 -27.44
CA SER H 100 23.95 -35.50 -27.33
C SER H 100 23.72 -36.54 -26.25
N ILE H 101 22.51 -36.54 -25.70
CA ILE H 101 22.15 -37.44 -24.62
C ILE H 101 21.50 -38.68 -25.23
N THR H 102 22.09 -39.84 -24.96
CA THR H 102 21.58 -41.12 -25.44
C THR H 102 21.13 -41.94 -24.24
N GLU H 103 19.89 -42.44 -24.30
CA GLU H 103 19.31 -43.23 -23.23
C GLU H 103 19.06 -44.65 -23.72
N LEU H 104 19.40 -45.63 -22.90
CA LEU H 104 19.16 -47.04 -23.19
C LEU H 104 18.26 -47.59 -22.11
N PHE H 105 17.02 -47.93 -22.48
CA PHE H 105 16.05 -48.44 -21.52
C PHE H 105 15.58 -49.82 -21.95
N GLY H 106 15.29 -50.65 -20.96
CA GLY H 106 14.83 -52.00 -21.21
C GLY H 106 14.83 -52.81 -19.94
N GLU H 107 14.36 -54.06 -20.08
CA GLU H 107 14.31 -54.96 -18.94
C GLU H 107 15.72 -55.38 -18.53
N PHE H 108 15.80 -56.14 -17.45
CA PHE H 108 17.08 -56.67 -16.99
C PHE H 108 17.61 -57.69 -17.99
N ARG H 109 18.89 -58.03 -17.82
CA ARG H 109 19.62 -59.02 -18.60
C ARG H 109 19.63 -58.71 -20.10
N THR H 110 19.19 -57.52 -20.50
CA THR H 110 19.12 -57.13 -21.90
C THR H 110 20.45 -56.60 -22.44
N GLY H 111 21.48 -56.50 -21.60
CA GLY H 111 22.78 -56.08 -22.05
C GLY H 111 22.99 -54.58 -22.11
N LYS H 112 22.24 -53.80 -21.35
CA LYS H 112 22.45 -52.36 -21.35
C LYS H 112 23.84 -52.00 -20.84
N SER H 113 24.30 -52.67 -19.77
CA SER H 113 25.64 -52.42 -19.26
C SER H 113 26.72 -52.93 -20.19
N GLN H 114 26.41 -53.94 -21.02
CA GLN H 114 27.40 -54.45 -21.96
C GLN H 114 27.80 -53.40 -22.98
N LEU H 115 26.83 -52.63 -23.48
CA LEU H 115 27.14 -51.56 -24.41
C LEU H 115 27.99 -50.48 -23.75
N CYS H 116 27.69 -50.15 -22.49
CA CYS H 116 28.50 -49.17 -21.78
C CYS H 116 29.94 -49.67 -21.61
N HIS H 117 30.10 -50.96 -21.27
CA HIS H 117 31.44 -51.51 -21.15
C HIS H 117 32.17 -51.48 -22.49
N THR H 118 31.48 -51.81 -23.58
CA THR H 118 32.10 -51.76 -24.89
C THR H 118 32.52 -50.34 -25.26
N LEU H 119 31.66 -49.37 -24.98
CA LEU H 119 31.99 -47.97 -25.29
C LEU H 119 33.13 -47.47 -24.43
N ALA H 120 33.27 -47.99 -23.21
CA ALA H 120 34.39 -47.60 -22.37
C ALA H 120 35.73 -47.97 -22.97
N VAL H 121 35.77 -48.95 -23.85
CA VAL H 121 36.99 -49.35 -24.53
C VAL H 121 37.10 -48.72 -25.92
N THR H 122 35.99 -48.69 -26.67
CA THR H 122 36.03 -48.16 -28.03
C THR H 122 36.24 -46.65 -28.07
N CYS H 123 36.17 -45.96 -26.93
CA CYS H 123 36.41 -44.52 -26.90
C CYS H 123 37.90 -44.18 -26.92
N GLN H 124 38.78 -45.17 -26.83
CA GLN H 124 40.22 -44.94 -26.79
C GLN H 124 40.95 -45.34 -28.07
N ILE H 125 40.31 -46.13 -28.93
CA ILE H 125 40.94 -46.57 -30.18
C ILE H 125 41.05 -45.39 -31.12
N PRO H 126 41.94 -45.41 -32.12
CA PRO H 126 42.13 -44.25 -32.98
C PRO H 126 40.86 -43.88 -33.74
N LEU H 127 40.83 -42.61 -34.20
CA LEU H 127 39.64 -42.07 -34.85
C LEU H 127 39.34 -42.78 -36.17
N ASP H 128 40.36 -43.36 -36.81
CA ASP H 128 40.14 -43.95 -38.13
C ASP H 128 39.19 -45.14 -38.07
N ILE H 129 39.08 -45.79 -36.91
CA ILE H 129 38.19 -46.93 -36.74
C ILE H 129 36.99 -46.57 -35.87
N GLY H 130 36.59 -45.31 -35.85
CA GLY H 130 35.42 -44.89 -35.10
C GLY H 130 35.65 -44.63 -33.64
N GLY H 131 36.90 -44.46 -33.21
CA GLY H 131 37.20 -44.24 -31.81
C GLY H 131 37.03 -42.79 -31.40
N GLY H 132 37.53 -42.48 -30.21
CA GLY H 132 37.46 -41.13 -29.68
C GLY H 132 38.80 -40.58 -29.24
N GLU H 133 39.76 -41.47 -29.03
CA GLU H 133 41.12 -41.10 -28.62
C GLU H 133 41.09 -40.23 -27.36
N GLY H 134 40.28 -40.65 -26.38
CA GLY H 134 40.16 -39.92 -25.14
C GLY H 134 39.83 -40.85 -23.99
N LYS H 135 39.98 -40.32 -22.78
CA LYS H 135 39.69 -41.09 -21.59
C LYS H 135 38.18 -41.25 -21.40
N CYS H 136 37.81 -42.21 -20.56
CA CYS H 136 36.41 -42.49 -20.27
C CYS H 136 36.14 -42.29 -18.78
N LEU H 137 34.91 -41.92 -18.46
CA LEU H 137 34.46 -41.72 -17.09
C LEU H 137 33.24 -42.57 -16.85
N TYR H 138 33.19 -43.24 -15.69
CA TYR H 138 32.11 -44.16 -15.36
C TYR H 138 31.54 -43.81 -14.00
N ILE H 139 30.21 -43.71 -13.93
CA ILE H 139 29.49 -43.51 -12.69
C ILE H 139 28.59 -44.72 -12.48
N ASP H 140 28.78 -45.42 -11.36
CA ASP H 140 28.05 -46.65 -11.07
C ASP H 140 27.16 -46.43 -9.86
N THR H 141 25.90 -46.82 -9.98
CA THR H 141 24.94 -46.71 -8.89
C THR H 141 24.33 -48.04 -8.49
N GLU H 142 24.77 -49.15 -9.09
CA GLU H 142 24.22 -50.46 -8.79
C GLU H 142 25.28 -51.49 -8.40
N GLY H 143 26.55 -51.09 -8.35
CA GLY H 143 27.61 -52.04 -8.04
C GLY H 143 27.75 -53.14 -9.06
N THR H 144 27.68 -52.81 -10.35
CA THR H 144 27.73 -53.79 -11.42
C THR H 144 29.02 -53.73 -12.24
N PHE H 145 29.79 -52.64 -12.12
CA PHE H 145 31.00 -52.47 -12.91
C PHE H 145 31.97 -53.60 -12.68
N ARG H 146 32.51 -54.15 -13.78
CA ARG H 146 33.44 -55.27 -13.73
C ARG H 146 34.61 -55.03 -14.69
N PRO H 147 35.82 -54.84 -14.17
CA PRO H 147 36.97 -54.61 -15.05
C PRO H 147 37.33 -55.79 -15.93
N VAL H 148 36.86 -56.99 -15.60
CA VAL H 148 37.20 -58.17 -16.40
C VAL H 148 36.65 -58.03 -17.82
N ARG H 149 35.42 -57.54 -17.94
CA ARG H 149 34.83 -57.31 -19.25
C ARG H 149 35.64 -56.29 -20.04
N LEU H 150 36.10 -55.23 -19.37
CA LEU H 150 36.93 -54.24 -20.04
C LEU H 150 38.23 -54.85 -20.53
N VAL H 151 38.86 -55.70 -19.73
CA VAL H 151 40.10 -56.35 -20.13
C VAL H 151 39.86 -57.23 -21.35
N SER H 152 38.77 -58.00 -21.33
CA SER H 152 38.47 -58.88 -22.46
C SER H 152 38.21 -58.07 -23.73
N ILE H 153 37.46 -56.98 -23.62
CA ILE H 153 37.14 -56.17 -24.80
C ILE H 153 38.40 -55.50 -25.33
N ALA H 154 39.26 -55.01 -24.44
CA ALA H 154 40.53 -54.42 -24.89
C ALA H 154 41.40 -55.47 -25.57
N GLN H 155 41.36 -56.71 -25.08
CA GLN H 155 42.06 -57.79 -25.78
C GLN H 155 41.46 -58.03 -27.16
N ARG H 156 40.14 -57.88 -27.31
CA ARG H 156 39.52 -58.05 -28.62
C ARG H 156 40.02 -57.02 -29.62
N PHE H 157 40.14 -55.77 -29.19
CA PHE H 157 40.55 -54.68 -30.07
C PHE H 157 42.07 -54.54 -30.19
N GLY H 158 42.84 -55.38 -29.50
CA GLY H 158 44.27 -55.30 -29.57
C GLY H 158 44.91 -54.19 -28.75
N LEU H 159 44.16 -53.54 -27.88
CA LEU H 159 44.69 -52.49 -27.02
C LEU H 159 45.33 -53.11 -25.78
N ASP H 160 46.30 -52.40 -25.23
CA ASP H 160 46.99 -52.87 -24.04
C ASP H 160 46.03 -52.86 -22.85
N PRO H 161 45.81 -53.98 -22.17
CA PRO H 161 44.88 -53.98 -21.03
C PRO H 161 45.27 -53.02 -19.94
N ASP H 162 46.57 -52.88 -19.65
CA ASP H 162 47.00 -51.97 -18.60
C ASP H 162 46.69 -50.52 -18.96
N ASP H 163 46.98 -50.13 -20.20
CA ASP H 163 46.67 -48.77 -20.64
C ASP H 163 45.16 -48.54 -20.67
N ALA H 164 44.40 -49.54 -21.11
CA ALA H 164 42.94 -49.40 -21.14
C ALA H 164 42.37 -49.20 -19.75
N LEU H 165 42.86 -49.98 -18.77
CA LEU H 165 42.39 -49.83 -17.40
C LEU H 165 42.85 -48.51 -16.79
N ASN H 166 44.05 -48.05 -17.13
CA ASN H 166 44.56 -46.81 -16.58
C ASN H 166 43.92 -45.58 -17.18
N ASN H 167 43.31 -45.70 -18.35
CA ASN H 167 42.73 -44.55 -19.05
C ASN H 167 41.25 -44.35 -18.74
N VAL H 168 40.68 -45.15 -17.85
CA VAL H 168 39.27 -45.05 -17.49
C VAL H 168 39.18 -44.71 -16.01
N ALA H 169 38.34 -43.72 -15.68
CA ALA H 169 38.09 -43.31 -14.31
C ALA H 169 36.76 -43.88 -13.85
N TYR H 170 36.71 -44.32 -12.59
CA TYR H 170 35.53 -44.95 -12.02
C TYR H 170 35.11 -44.22 -10.76
N ALA H 171 33.79 -44.11 -10.57
CA ALA H 171 33.25 -43.54 -9.34
C ALA H 171 31.90 -44.18 -9.06
N ARG H 172 31.54 -44.26 -7.78
CA ARG H 172 30.28 -44.83 -7.35
C ARG H 172 29.54 -43.83 -6.47
N ALA H 173 28.24 -43.68 -6.73
CA ALA H 173 27.39 -42.80 -5.94
C ALA H 173 26.52 -43.62 -4.99
N TYR H 174 26.29 -43.06 -3.81
CA TYR H 174 25.49 -43.72 -2.78
C TYR H 174 24.14 -43.08 -2.55
N ASN H 175 23.92 -41.87 -3.05
CA ASN H 175 22.63 -41.20 -2.91
C ASN H 175 22.50 -40.16 -4.01
N ALA H 176 21.33 -39.54 -4.08
CA ALA H 176 21.10 -38.53 -5.11
C ALA H 176 22.02 -37.33 -4.93
N ASP H 177 22.22 -36.88 -3.69
CA ASP H 177 23.10 -35.74 -3.45
C ASP H 177 24.53 -36.04 -3.89
N HIS H 178 25.03 -37.24 -3.53
CA HIS H 178 26.37 -37.63 -3.96
C HIS H 178 26.45 -37.76 -5.47
N GLN H 179 25.38 -38.28 -6.09
CA GLN H 179 25.35 -38.41 -7.54
C GLN H 179 25.47 -37.05 -8.21
N LEU H 180 24.74 -36.06 -7.71
CA LEU H 180 24.83 -34.72 -8.27
C LEU H 180 26.19 -34.10 -8.00
N ARG H 181 26.74 -34.32 -6.80
CA ARG H 181 28.00 -33.70 -6.42
C ARG H 181 29.18 -34.28 -7.20
N LEU H 182 29.08 -35.53 -7.66
CA LEU H 182 30.17 -36.13 -8.41
C LEU H 182 30.45 -35.37 -9.70
N LEU H 183 29.44 -34.73 -10.28
CA LEU H 183 29.65 -33.97 -11.49
C LEU H 183 30.60 -32.79 -11.28
N ASP H 184 30.64 -32.25 -10.06
CA ASP H 184 31.55 -31.16 -9.77
C ASP H 184 33.00 -31.60 -9.93
N ALA H 185 33.35 -32.77 -9.41
CA ALA H 185 34.71 -33.29 -9.59
C ALA H 185 34.93 -33.75 -11.03
N ALA H 186 33.88 -34.28 -11.66
CA ALA H 186 34.00 -34.73 -13.04
C ALA H 186 34.34 -33.57 -13.98
N ALA H 187 33.73 -32.41 -13.77
CA ALA H 187 34.03 -31.26 -14.60
C ALA H 187 35.49 -30.85 -14.49
N GLN H 188 36.02 -30.80 -13.26
CA GLN H 188 37.43 -30.47 -13.08
C GLN H 188 38.33 -31.51 -13.72
N MET H 189 38.00 -32.79 -13.56
CA MET H 189 38.81 -33.85 -14.14
C MET H 189 38.85 -33.75 -15.67
N MET H 190 37.69 -33.47 -16.28
CA MET H 190 37.64 -33.36 -17.73
C MET H 190 38.23 -32.05 -18.21
N SER H 191 38.32 -31.04 -17.34
CA SER H 191 39.02 -29.82 -17.68
C SER H 191 40.53 -29.99 -17.62
N GLU H 192 41.04 -30.84 -16.73
CA GLU H 192 42.48 -31.07 -16.62
C GLU H 192 43.02 -31.98 -17.70
N SER H 193 42.20 -32.88 -18.25
CA SER H 193 42.66 -33.80 -19.28
C SER H 193 41.52 -34.11 -20.23
N ARG H 194 41.87 -34.55 -21.44
CA ARG H 194 40.89 -34.78 -22.49
C ARG H 194 40.08 -36.03 -22.20
N PHE H 195 38.77 -35.91 -22.32
CA PHE H 195 37.85 -37.03 -22.19
C PHE H 195 36.91 -37.06 -23.40
N SER H 196 36.23 -38.19 -23.59
CA SER H 196 35.31 -38.33 -24.70
C SER H 196 33.98 -38.98 -24.36
N LEU H 197 33.84 -39.66 -23.22
CA LEU H 197 32.63 -40.41 -22.93
C LEU H 197 32.31 -40.34 -21.45
N ILE H 198 31.03 -40.15 -21.14
CA ILE H 198 30.50 -40.22 -19.79
C ILE H 198 29.36 -41.22 -19.78
N VAL H 199 29.36 -42.10 -18.77
CA VAL H 199 28.36 -43.16 -18.66
C VAL H 199 27.73 -43.08 -17.28
N VAL H 200 26.40 -43.10 -17.24
CA VAL H 200 25.64 -43.09 -15.99
C VAL H 200 24.72 -44.30 -15.99
N ASP H 201 24.97 -45.24 -15.08
CA ASP H 201 24.18 -46.47 -14.99
C ASP H 201 23.98 -46.78 -13.50
N SER H 202 22.80 -46.48 -12.98
CA SER H 202 21.72 -45.89 -13.76
C SER H 202 21.30 -44.55 -13.14
N VAL H 203 20.52 -43.77 -13.89
CA VAL H 203 20.17 -42.43 -13.45
C VAL H 203 19.20 -42.47 -12.27
N MET H 204 18.21 -43.37 -12.33
CA MET H 204 17.14 -43.39 -11.32
C MET H 204 17.26 -44.59 -10.38
N ALA H 205 18.45 -45.16 -10.23
CA ALA H 205 18.62 -46.24 -9.27
C ALA H 205 18.40 -45.74 -7.85
N LEU H 206 18.88 -44.54 -7.54
CA LEU H 206 18.76 -44.01 -6.18
C LEU H 206 17.49 -43.18 -6.00
N TYR H 207 16.99 -42.53 -7.05
CA TYR H 207 15.83 -41.66 -6.91
C TYR H 207 14.59 -42.44 -6.54
N ARG H 208 14.49 -43.71 -6.94
CA ARG H 208 13.31 -44.50 -6.64
C ARG H 208 13.15 -44.71 -5.14
N THR H 209 14.25 -44.94 -4.44
CA THR H 209 14.19 -45.20 -3.01
C THR H 209 14.35 -43.96 -2.16
N ASP H 210 15.13 -42.98 -2.62
CA ASP H 210 15.35 -41.77 -1.82
C ASP H 210 14.06 -40.99 -1.62
N PHE H 211 13.24 -40.88 -2.66
CA PHE H 211 11.97 -40.16 -2.60
C PHE H 211 10.84 -41.17 -2.73
N SER H 212 9.92 -41.15 -1.77
CA SER H 212 8.78 -42.06 -1.76
C SER H 212 7.52 -41.29 -1.43
N GLY H 213 6.40 -41.73 -2.00
CA GLY H 213 5.12 -41.11 -1.77
C GLY H 213 4.82 -40.01 -2.77
N ARG H 214 3.52 -39.67 -2.85
CA ARG H 214 3.09 -38.62 -3.77
C ARG H 214 3.57 -37.25 -3.32
N GLY H 215 3.78 -37.06 -2.00
CA GLY H 215 4.22 -35.77 -1.51
C GLY H 215 5.61 -35.39 -1.97
N GLU H 216 6.50 -36.38 -2.08
CA GLU H 216 7.89 -36.15 -2.47
C GLU H 216 8.12 -36.27 -3.96
N LEU H 217 7.07 -36.51 -4.76
CA LEU H 217 7.25 -36.70 -6.19
C LEU H 217 7.78 -35.43 -6.86
N SER H 218 7.28 -34.27 -6.47
CA SER H 218 7.70 -33.02 -7.09
C SER H 218 9.18 -32.76 -6.86
N ALA H 219 9.66 -32.99 -5.63
CA ALA H 219 11.06 -32.77 -5.33
C ALA H 219 11.94 -33.73 -6.13
N ARG H 220 11.53 -34.99 -6.25
CA ARG H 220 12.30 -35.96 -7.02
C ARG H 220 12.38 -35.56 -8.48
N GLN H 221 11.25 -35.16 -9.05
CA GLN H 221 11.24 -34.76 -10.45
C GLN H 221 12.10 -33.51 -10.68
N MET H 222 12.03 -32.55 -9.76
CA MET H 222 12.85 -31.35 -9.89
C MET H 222 14.34 -31.68 -9.78
N HIS H 223 14.70 -32.57 -8.85
CA HIS H 223 16.10 -32.96 -8.71
C HIS H 223 16.59 -33.66 -9.96
N LEU H 224 15.78 -34.54 -10.53
CA LEU H 224 16.16 -35.22 -11.77
C LEU H 224 16.32 -34.23 -12.91
N ALA H 225 15.42 -33.24 -12.99
CA ALA H 225 15.53 -32.21 -14.01
C ALA H 225 16.83 -31.42 -13.86
N LYS H 226 17.17 -31.04 -12.63
CA LYS H 226 18.42 -30.32 -12.41
C LYS H 226 19.63 -31.17 -12.78
N PHE H 227 19.60 -32.47 -12.44
CA PHE H 227 20.70 -33.35 -12.81
C PHE H 227 20.87 -33.44 -14.32
N MET H 228 19.77 -33.63 -15.05
CA MET H 228 19.89 -33.68 -16.50
C MET H 228 20.31 -32.35 -17.10
N ARG H 229 19.87 -31.23 -16.52
CA ARG H 229 20.30 -29.94 -17.03
C ARG H 229 21.81 -29.74 -16.83
N ALA H 230 22.31 -30.15 -15.66
CA ALA H 230 23.76 -30.08 -15.43
C ALA H 230 24.51 -30.97 -16.40
N LEU H 231 23.96 -32.16 -16.69
CA LEU H 231 24.56 -33.02 -17.71
C LEU H 231 24.59 -32.34 -19.06
N GLN H 232 23.51 -31.63 -19.42
CA GLN H 232 23.47 -30.93 -20.70
C GLN H 232 24.51 -29.83 -20.77
N ARG H 233 24.65 -29.04 -19.70
CA ARG H 233 25.74 -28.06 -19.67
C ARG H 233 27.09 -28.72 -19.84
N LEU H 234 27.33 -29.83 -19.13
CA LEU H 234 28.63 -30.49 -19.21
C LEU H 234 28.92 -30.98 -20.63
N ALA H 235 27.92 -31.60 -21.26
CA ALA H 235 28.09 -32.10 -22.63
C ALA H 235 28.33 -30.96 -23.60
N ASP H 236 27.60 -29.85 -23.44
CA ASP H 236 27.82 -28.71 -24.32
C ASP H 236 29.22 -28.13 -24.13
N GLN H 237 29.69 -28.08 -22.88
CA GLN H 237 31.01 -27.52 -22.61
C GLN H 237 32.12 -28.36 -23.23
N PHE H 238 32.11 -29.66 -22.97
CA PHE H 238 33.24 -30.50 -23.37
C PHE H 238 32.98 -31.35 -24.60
N GLY H 239 31.75 -31.38 -25.12
CA GLY H 239 31.49 -32.13 -26.34
C GLY H 239 31.67 -33.62 -26.21
N VAL H 240 31.59 -34.16 -25.00
CA VAL H 240 31.77 -35.58 -24.78
C VAL H 240 30.43 -36.29 -24.94
N ALA H 241 30.47 -37.53 -25.43
CA ALA H 241 29.25 -38.29 -25.60
C ALA H 241 28.76 -38.80 -24.25
N VAL H 242 27.49 -38.54 -23.95
CA VAL H 242 26.88 -38.90 -22.68
C VAL H 242 25.88 -40.03 -22.92
N VAL H 243 26.05 -41.12 -22.18
CA VAL H 243 25.17 -42.28 -22.28
C VAL H 243 24.62 -42.57 -20.89
N VAL H 244 23.30 -42.74 -20.81
CA VAL H 244 22.62 -43.02 -19.55
C VAL H 244 21.74 -44.25 -19.73
N THR H 245 21.68 -45.07 -18.69
CA THR H 245 20.83 -46.24 -18.68
C THR H 245 19.65 -46.03 -17.75
N ASN H 246 18.50 -46.60 -18.11
CA ASN H 246 17.27 -46.42 -17.34
C ASN H 246 16.57 -47.75 -17.21
N GLN H 247 15.78 -47.88 -16.15
CA GLN H 247 15.01 -49.08 -15.87
C GLN H 247 13.61 -48.95 -16.44
N VAL H 248 12.82 -50.02 -16.30
CA VAL H 248 11.47 -50.06 -16.81
C VAL H 248 10.51 -50.47 -15.70
N VAL H 249 9.24 -50.18 -15.91
CA VAL H 249 8.18 -50.51 -14.96
C VAL H 249 6.97 -51.00 -15.74
N ALA H 250 6.25 -51.94 -15.16
CA ALA H 250 5.05 -52.50 -15.77
C ALA H 250 3.83 -51.72 -15.33
N GLN H 251 3.01 -51.31 -16.31
CA GLN H 251 1.81 -50.54 -16.03
C GLN H 251 0.67 -51.48 -15.66
N VAL H 252 0.21 -51.39 -14.40
CA VAL H 252 -0.85 -52.28 -13.95
C VAL H 252 -2.17 -51.94 -14.64
N ASP H 253 -2.48 -50.65 -14.76
CA ASP H 253 -3.72 -50.22 -15.39
C ASP H 253 -3.64 -50.48 -16.88
N GLY H 254 -4.28 -51.57 -17.32
CA GLY H 254 -4.25 -51.94 -18.72
C GLY H 254 -5.31 -51.24 -19.55
N GLY H 255 -5.61 -49.99 -19.22
CA GLY H 255 -6.60 -49.25 -19.98
C GLY H 255 -6.15 -48.97 -21.41
N MET H 256 -4.88 -48.62 -21.58
CA MET H 256 -4.33 -48.35 -22.92
C MET H 256 -3.89 -49.67 -23.55
N ALA H 257 -4.89 -50.43 -23.99
CA ALA H 257 -4.62 -51.71 -24.65
C ALA H 257 -4.02 -51.55 -26.04
N PHE H 258 -3.97 -50.33 -26.57
CA PHE H 258 -3.38 -50.10 -27.89
C PHE H 258 -1.89 -50.44 -27.90
N ASN H 259 -1.21 -50.29 -26.76
CA ASN H 259 0.21 -50.59 -26.67
C ASN H 259 0.38 -52.07 -26.34
N PRO H 260 0.97 -52.88 -27.23
CA PRO H 260 1.17 -54.29 -26.89
C PRO H 260 2.22 -54.51 -25.81
N ASP H 261 3.09 -53.54 -25.55
CA ASP H 261 4.13 -53.68 -24.54
C ASP H 261 3.67 -53.07 -23.24
N PRO H 262 3.48 -53.84 -22.17
CA PRO H 262 3.04 -53.27 -20.89
C PRO H 262 4.16 -52.69 -20.04
N LYS H 263 5.36 -52.53 -20.58
CA LYS H 263 6.50 -52.01 -19.85
C LYS H 263 6.95 -50.69 -20.46
N LYS H 264 7.14 -49.69 -19.61
CA LYS H 264 7.56 -48.37 -20.05
C LYS H 264 8.70 -47.88 -19.18
N PRO H 265 9.59 -47.05 -19.73
CA PRO H 265 10.69 -46.51 -18.92
C PRO H 265 10.19 -45.57 -17.84
N ILE H 266 10.90 -45.55 -16.72
CA ILE H 266 10.55 -44.68 -15.61
C ILE H 266 11.17 -43.30 -15.83
N GLY H 267 10.66 -42.31 -15.10
CA GLY H 267 11.14 -40.94 -15.17
C GLY H 267 10.07 -39.95 -15.60
N GLY H 268 9.12 -40.40 -16.43
CA GLY H 268 8.05 -39.52 -16.83
C GLY H 268 8.48 -38.50 -17.87
N ASN H 269 7.76 -37.37 -17.88
CA ASN H 269 7.95 -36.37 -18.93
C ASN H 269 9.35 -35.75 -18.88
N ILE H 270 9.90 -35.56 -17.68
CA ILE H 270 11.24 -34.99 -17.57
C ILE H 270 12.25 -35.89 -18.27
N MET H 271 12.22 -37.18 -17.95
CA MET H 271 13.14 -38.12 -18.58
C MET H 271 12.91 -38.21 -20.08
N ALA H 272 11.64 -38.22 -20.50
CA ALA H 272 11.32 -38.35 -21.92
C ALA H 272 11.85 -37.15 -22.71
N HIS H 273 11.65 -35.94 -22.19
CA HIS H 273 12.05 -34.74 -22.91
C HIS H 273 13.55 -34.48 -22.84
N SER H 274 14.18 -34.84 -21.72
CA SER H 274 15.60 -34.56 -21.55
C SER H 274 16.46 -35.34 -22.55
N SER H 275 16.12 -36.61 -22.77
CA SER H 275 16.95 -37.47 -23.61
C SER H 275 16.82 -37.07 -25.08
N THR H 276 17.97 -36.91 -25.74
CA THR H 276 17.96 -36.61 -27.17
C THR H 276 17.59 -37.83 -28.00
N THR H 277 18.15 -38.99 -27.65
CA THR H 277 17.87 -40.23 -28.37
C THR H 277 17.53 -41.32 -27.36
N ARG H 278 16.57 -42.18 -27.73
CA ARG H 278 16.10 -43.25 -26.84
C ARG H 278 16.13 -44.57 -27.58
N LEU H 279 16.72 -45.58 -26.95
CA LEU H 279 16.81 -46.92 -27.52
C LEU H 279 16.23 -47.92 -26.53
N GLY H 280 15.26 -48.69 -26.98
CA GLY H 280 14.66 -49.75 -26.18
C GLY H 280 15.27 -51.10 -26.51
N PHE H 281 15.54 -51.87 -25.46
CA PHE H 281 16.21 -53.15 -25.59
C PHE H 281 15.27 -54.27 -25.14
N LYS H 282 15.26 -55.36 -25.92
CA LYS H 282 14.46 -56.54 -25.61
C LYS H 282 15.31 -57.78 -25.79
N LYS H 283 14.95 -58.85 -25.09
CA LYS H 283 15.69 -60.10 -25.15
C LYS H 283 15.20 -60.95 -26.30
N GLY H 284 16.13 -61.44 -27.11
CA GLY H 284 15.86 -62.35 -28.20
C GLY H 284 16.12 -63.79 -27.81
N LYS H 285 16.57 -64.57 -28.78
CA LYS H 285 16.90 -65.98 -28.56
C LYS H 285 18.40 -66.11 -28.33
N GLY H 286 18.77 -66.83 -27.27
CA GLY H 286 20.18 -66.99 -26.95
C GLY H 286 20.82 -65.66 -26.61
N CYS H 287 21.98 -65.39 -27.22
CA CYS H 287 22.70 -64.16 -26.99
C CYS H 287 22.18 -62.99 -27.81
N GLN H 288 21.22 -63.23 -28.70
CA GLN H 288 20.69 -62.15 -29.53
C GLN H 288 19.78 -61.23 -28.72
N ARG H 289 19.83 -59.95 -29.05
CA ARG H 289 19.00 -58.94 -28.41
C ARG H 289 18.48 -57.99 -29.49
N LEU H 290 17.31 -57.42 -29.23
CA LEU H 290 16.62 -56.52 -30.16
C LEU H 290 16.76 -55.10 -29.67
N CYS H 291 17.20 -54.21 -30.54
CA CYS H 291 17.33 -52.78 -30.25
C CYS H 291 16.39 -52.01 -31.17
N LYS H 292 15.62 -51.09 -30.59
CA LYS H 292 14.63 -50.31 -31.33
C LYS H 292 14.78 -48.83 -30.99
N VAL H 293 14.77 -47.99 -32.01
CA VAL H 293 14.85 -46.55 -31.81
C VAL H 293 13.45 -46.04 -31.50
N VAL H 294 13.29 -45.36 -30.35
CA VAL H 294 12.00 -44.85 -29.93
C VAL H 294 11.84 -43.38 -30.30
N ASP H 295 12.81 -42.55 -29.93
CA ASP H 295 12.77 -41.12 -30.22
C ASP H 295 14.12 -40.69 -30.81
N SER H 296 14.08 -39.94 -31.90
CA SER H 296 15.28 -39.41 -32.52
C SER H 296 14.91 -38.25 -33.45
N PRO H 297 15.56 -37.09 -33.29
CA PRO H 297 15.23 -35.95 -34.15
C PRO H 297 15.56 -36.16 -35.62
N CYS H 298 16.43 -37.11 -35.95
CA CYS H 298 16.86 -37.30 -37.33
C CYS H 298 16.86 -38.74 -37.81
N LEU H 299 16.50 -39.72 -36.96
CA LEU H 299 16.54 -41.09 -37.44
C LEU H 299 15.14 -41.68 -37.50
N PRO H 300 14.84 -42.46 -38.54
CA PRO H 300 13.52 -43.12 -38.61
C PRO H 300 13.43 -44.29 -37.63
N GLU H 301 12.19 -44.68 -37.35
CA GLU H 301 11.94 -45.79 -36.44
C GLU H 301 12.27 -47.11 -37.12
N ALA H 302 13.06 -47.94 -36.46
CA ALA H 302 13.48 -49.22 -37.02
C ALA H 302 13.97 -50.10 -35.88
N GLU H 303 14.30 -51.34 -36.21
CA GLU H 303 14.77 -52.32 -35.25
C GLU H 303 15.98 -53.06 -35.81
N CYS H 304 16.78 -53.63 -34.91
CA CYS H 304 17.97 -54.37 -35.30
C CYS H 304 18.28 -55.42 -34.25
N VAL H 305 19.13 -56.38 -34.63
CA VAL H 305 19.52 -57.50 -33.78
C VAL H 305 21.02 -57.46 -33.57
N PHE H 306 21.45 -57.60 -32.31
CA PHE H 306 22.87 -57.62 -31.98
C PHE H 306 23.13 -58.69 -30.95
N ALA H 307 24.31 -59.31 -31.02
CA ALA H 307 24.67 -60.40 -30.14
C ALA H 307 25.70 -59.94 -29.11
N ILE H 308 25.75 -60.69 -28.00
CA ILE H 308 26.71 -60.45 -26.93
C ILE H 308 27.56 -61.69 -26.76
N TYR H 309 28.87 -61.51 -26.70
CA TYR H 309 29.82 -62.59 -26.54
C TYR H 309 30.85 -62.21 -25.48
N GLU H 310 31.77 -63.13 -25.21
CA GLU H 310 32.79 -62.89 -24.19
C GLU H 310 33.65 -61.68 -24.51
N ASP H 311 33.79 -61.37 -25.80
CA ASP H 311 34.59 -60.21 -26.22
C ASP H 311 33.77 -58.93 -26.33
N GLY H 312 32.46 -58.98 -26.07
CA GLY H 312 31.66 -57.77 -26.08
C GLY H 312 30.45 -57.82 -26.98
N VAL H 313 29.98 -56.65 -27.40
CA VAL H 313 28.80 -56.54 -28.25
C VAL H 313 29.23 -56.57 -29.71
N GLY H 314 28.57 -57.41 -30.51
CA GLY H 314 28.92 -57.54 -31.91
C GLY H 314 27.71 -57.90 -32.73
N ASP H 315 27.96 -58.15 -34.02
CA ASP H 315 26.91 -58.60 -34.91
C ASP H 315 26.57 -60.07 -34.63
N PRO H 316 25.30 -60.45 -34.78
CA PRO H 316 24.93 -61.85 -34.56
C PRO H 316 25.60 -62.77 -35.58
N ARG H 317 25.96 -63.96 -35.13
CA ARG H 317 26.57 -64.96 -35.98
C ARG H 317 25.53 -65.91 -36.54
N GLU H 318 25.90 -66.61 -37.61
CA GLU H 318 25.00 -67.58 -38.23
C GLU H 318 24.71 -68.76 -37.30
N GLU H 319 25.60 -69.04 -36.34
CA GLU H 319 25.34 -70.12 -35.40
C GLU H 319 24.18 -69.78 -34.47
N ASP H 320 24.03 -68.52 -34.10
CA ASP H 320 22.94 -68.07 -33.25
C ASP H 320 21.64 -67.85 -34.00
N GLU H 321 21.66 -67.94 -35.33
CA GLU H 321 20.46 -67.75 -36.13
C GLU H 321 19.58 -68.99 -36.12
N VAL I 2 -7.61 27.57 48.92
CA VAL I 2 -7.80 28.83 49.64
C VAL I 2 -8.96 29.61 49.03
N PRO I 3 -10.01 29.85 49.83
CA PRO I 3 -11.15 30.60 49.31
C PRO I 3 -10.78 32.02 48.91
N ILE I 4 -11.44 32.51 47.86
CA ILE I 4 -11.19 33.87 47.39
C ILE I 4 -11.83 34.90 48.30
N GLU I 5 -12.82 34.51 49.11
CA GLU I 5 -13.50 35.46 49.98
C GLU I 5 -12.57 36.10 50.99
N LYS I 6 -11.40 35.50 51.24
CA LYS I 6 -10.43 36.09 52.15
C LYS I 6 -9.79 37.35 51.57
N LEU I 7 -10.01 37.66 50.29
CA LEU I 7 -9.48 38.87 49.70
C LEU I 7 -10.28 40.12 50.07
N GLN I 8 -11.41 39.98 50.76
CA GLN I 8 -12.26 41.12 51.12
C GLN I 8 -11.71 41.84 52.34
N VAL I 9 -10.46 42.31 52.21
CA VAL I 9 -9.78 43.06 53.26
C VAL I 9 -9.09 44.25 52.63
N ASN I 10 -8.77 45.24 53.47
CA ASN I 10 -8.00 46.41 53.06
C ASN I 10 -8.68 47.18 51.92
N GLY I 11 -9.99 47.34 52.02
CA GLY I 11 -10.74 48.19 51.12
C GLY I 11 -11.31 47.52 49.89
N ILE I 12 -10.95 46.27 49.61
CA ILE I 12 -11.52 45.55 48.48
C ILE I 12 -12.89 45.01 48.89
N THR I 13 -13.92 45.37 48.14
CA THR I 13 -15.29 45.02 48.46
C THR I 13 -15.70 43.73 47.75
N MET I 14 -16.89 43.25 48.10
CA MET I 14 -17.42 42.02 47.51
C MET I 14 -17.78 42.20 46.04
N ALA I 15 -17.96 43.45 45.58
CA ALA I 15 -18.21 43.67 44.16
C ALA I 15 -17.01 43.25 43.32
N ASP I 16 -15.80 43.54 43.81
CA ASP I 16 -14.59 43.09 43.12
C ASP I 16 -14.52 41.57 43.08
N VAL I 17 -14.90 40.92 44.17
CA VAL I 17 -14.90 39.46 44.20
C VAL I 17 -15.90 38.91 43.19
N LYS I 18 -17.08 39.53 43.11
CA LYS I 18 -18.07 39.10 42.13
C LYS I 18 -17.56 39.28 40.70
N LYS I 19 -16.88 40.40 40.44
CA LYS I 19 -16.32 40.63 39.11
C LYS I 19 -15.26 39.58 38.78
N LEU I 20 -14.40 39.27 39.75
CA LEU I 20 -13.38 38.25 39.52
C LEU I 20 -14.01 36.88 39.27
N ARG I 21 -15.06 36.54 40.03
CA ARG I 21 -15.75 35.28 39.81
C ARG I 21 -16.38 35.23 38.42
N GLU I 22 -16.98 36.34 37.99
CA GLU I 22 -17.51 36.40 36.63
C GLU I 22 -16.41 36.29 35.58
N SER I 23 -15.18 36.71 35.93
CA SER I 23 -14.05 36.63 35.02
C SER I 23 -13.41 35.25 34.99
N GLY I 24 -13.86 34.32 35.84
CA GLY I 24 -13.31 32.99 35.89
C GLY I 24 -12.36 32.71 37.03
N LEU I 25 -11.97 33.72 37.80
CA LEU I 25 -11.09 33.54 38.95
C LEU I 25 -11.92 33.21 40.17
N HIS I 26 -11.69 32.04 40.76
CA HIS I 26 -12.49 31.58 41.89
C HIS I 26 -11.68 31.34 43.16
N THR I 27 -10.36 31.32 43.09
CA THR I 27 -9.51 31.05 44.24
C THR I 27 -8.41 32.09 44.32
N ALA I 28 -7.86 32.27 45.52
CA ALA I 28 -6.75 33.20 45.71
C ALA I 28 -5.54 32.77 44.89
N GLU I 29 -5.35 31.47 44.69
CA GLU I 29 -4.26 31.00 43.85
C GLU I 29 -4.42 31.49 42.41
N ALA I 30 -5.66 31.52 41.92
CA ALA I 30 -5.91 32.04 40.58
C ALA I 30 -5.50 33.50 40.46
N VAL I 31 -5.81 34.30 41.48
CA VAL I 31 -5.41 35.70 41.47
C VAL I 31 -3.90 35.83 41.53
N ALA I 32 -3.25 35.03 42.38
CA ALA I 32 -1.80 35.12 42.53
C ALA I 32 -1.08 34.73 41.25
N TYR I 33 -1.55 33.68 40.58
CA TYR I 33 -0.87 33.20 39.38
C TYR I 33 -1.15 34.10 38.18
N ALA I 34 -2.28 34.77 38.16
CA ALA I 34 -2.64 35.60 37.01
C ALA I 34 -1.70 36.78 36.88
N PRO I 35 -1.20 37.08 35.68
CA PRO I 35 -0.35 38.26 35.52
C PRO I 35 -1.15 39.55 35.63
N ARG I 36 -0.42 40.64 35.83
CA ARG I 36 -1.05 41.94 36.01
C ARG I 36 -1.83 42.38 34.78
N LYS I 37 -1.43 41.91 33.59
CA LYS I 37 -2.12 42.30 32.36
C LYS I 37 -3.57 41.86 32.37
N ASP I 38 -3.82 40.59 32.73
CA ASP I 38 -5.19 40.09 32.74
C ASP I 38 -6.03 40.80 33.79
N LEU I 39 -5.44 41.12 34.94
CA LEU I 39 -6.16 41.87 35.96
C LEU I 39 -6.53 43.26 35.45
N LEU I 40 -5.62 43.91 34.73
CA LEU I 40 -5.92 45.23 34.17
C LEU I 40 -6.97 45.16 33.08
N GLU I 41 -7.01 44.06 32.33
CA GLU I 41 -8.00 43.91 31.26
C GLU I 41 -9.42 43.82 31.79
N ILE I 42 -9.60 43.53 33.08
CA ILE I 42 -10.92 43.37 33.65
C ILE I 42 -11.55 44.74 33.88
N LYS I 43 -12.77 44.92 33.38
CA LYS I 43 -13.46 46.19 33.53
C LYS I 43 -13.77 46.47 35.00
N GLY I 44 -13.60 47.73 35.40
CA GLY I 44 -13.89 48.14 36.74
C GLY I 44 -12.78 47.92 37.75
N ILE I 45 -11.56 47.64 37.29
CA ILE I 45 -10.41 47.41 38.17
C ILE I 45 -9.36 48.47 37.88
N SER I 46 -8.93 49.17 38.93
CA SER I 46 -7.90 50.19 38.80
C SER I 46 -6.52 49.57 39.02
N GLU I 47 -5.50 50.31 38.59
CA GLU I 47 -4.12 49.82 38.74
C GLU I 47 -3.74 49.66 40.20
N ALA I 48 -4.09 50.64 41.04
CA ALA I 48 -3.78 50.54 42.46
C ALA I 48 -4.52 49.38 43.10
N LYS I 49 -5.79 49.20 42.75
CA LYS I 49 -6.57 48.09 43.30
C LYS I 49 -5.99 46.75 42.88
N ALA I 50 -5.57 46.65 41.61
CA ALA I 50 -4.94 45.41 41.13
C ALA I 50 -3.63 45.15 41.87
N ASP I 51 -2.83 46.19 42.09
CA ASP I 51 -1.59 46.02 42.83
C ASP I 51 -1.85 45.57 44.27
N LYS I 52 -2.87 46.15 44.91
CA LYS I 52 -3.23 45.73 46.26
C LYS I 52 -3.68 44.28 46.28
N LEU I 53 -4.47 43.87 45.29
CA LEU I 53 -4.90 42.48 45.21
C LEU I 53 -3.71 41.55 45.02
N LEU I 54 -2.76 41.94 44.17
CA LEU I 54 -1.57 41.11 43.97
C LEU I 54 -0.75 41.00 45.24
N ASN I 55 -0.61 42.11 45.98
CA ASN I 55 0.13 42.07 47.24
C ASN I 55 -0.56 41.15 48.25
N GLU I 56 -1.89 41.25 48.35
CA GLU I 56 -2.62 40.38 49.27
C GLU I 56 -2.47 38.91 48.88
N ALA I 57 -2.56 38.61 47.58
CA ALA I 57 -2.42 37.23 47.13
C ALA I 57 -1.02 36.71 47.43
N ALA I 58 0.01 37.53 47.18
CA ALA I 58 1.38 37.12 47.50
C ALA I 58 1.56 36.91 48.99
N ARG I 59 0.91 37.72 49.82
CA ARG I 59 0.97 37.52 51.26
C ARG I 59 0.30 36.21 51.68
N LEU I 60 -0.83 35.88 51.05
CA LEU I 60 -1.58 34.69 51.48
C LEU I 60 -0.90 33.39 51.10
N VAL I 61 -0.33 33.29 49.90
CA VAL I 61 0.29 32.04 49.46
C VAL I 61 1.77 32.28 49.21
N PRO I 62 2.63 31.31 49.52
CA PRO I 62 4.08 31.52 49.34
C PRO I 62 4.49 31.42 47.88
N MET I 63 5.45 32.26 47.49
CA MET I 63 5.99 32.26 46.14
C MET I 63 7.51 32.34 46.12
N GLY I 64 8.16 32.21 47.27
CA GLY I 64 9.60 32.35 47.36
C GLY I 64 10.35 31.06 47.09
N PHE I 65 11.62 31.05 47.47
CA PHE I 65 12.48 29.90 47.27
C PHE I 65 12.32 28.89 48.39
N VAL I 66 12.37 27.61 48.05
CA VAL I 66 12.22 26.52 49.00
C VAL I 66 13.34 25.52 48.77
N THR I 67 13.93 25.04 49.87
CA THR I 67 14.99 24.05 49.77
C THR I 67 14.46 22.76 49.15
N ALA I 68 15.32 22.08 48.41
CA ALA I 68 14.90 20.88 47.70
C ALA I 68 14.49 19.76 48.65
N ALA I 69 15.02 19.75 49.87
CA ALA I 69 14.66 18.71 50.83
C ALA I 69 13.18 18.77 51.19
N ASP I 70 12.66 19.98 51.45
CA ASP I 70 11.25 20.11 51.78
C ASP I 70 10.36 19.77 50.60
N PHE I 71 10.77 20.16 49.38
CA PHE I 71 10.01 19.79 48.20
C PHE I 71 9.98 18.27 48.02
N HIS I 72 11.11 17.62 48.26
CA HIS I 72 11.16 16.16 48.15
C HIS I 72 10.27 15.48 49.18
N MET I 73 10.33 15.95 50.43
CA MET I 73 9.51 15.32 51.47
C MET I 73 8.03 15.63 51.27
N ARG I 74 7.73 16.75 50.60
CA ARG I 74 6.32 17.14 50.33
C ARG I 74 5.86 16.46 49.05
N ARG I 75 6.79 16.21 48.12
CA ARG I 75 6.43 15.45 46.90
C ARG I 75 6.17 14.01 47.31
N SER I 76 6.87 13.54 48.35
CA SER I 76 6.69 12.15 48.82
C SER I 76 5.26 11.96 49.31
N GLU I 77 4.73 12.95 50.02
CA GLU I 77 3.30 12.88 50.43
C GLU I 77 2.47 13.32 49.23
N LEU I 78 1.75 12.38 48.60
CA LEU I 78 1.04 12.75 47.38
C LEU I 78 0.14 11.61 46.90
N ILE I 79 -1.09 11.95 46.56
CA ILE I 79 -2.10 10.96 46.19
C ILE I 79 -1.82 10.46 44.78
N CYS I 80 -1.79 9.14 44.62
CA CYS I 80 -1.63 8.50 43.31
C CYS I 80 -2.81 7.58 43.08
N LEU I 81 -3.45 7.72 41.92
CA LEU I 81 -4.65 6.95 41.60
C LEU I 81 -4.27 5.62 40.96
N THR I 82 -4.78 4.53 41.53
CA THR I 82 -4.53 3.22 40.95
C THR I 82 -5.36 3.02 39.68
N THR I 83 -4.78 2.33 38.72
CA THR I 83 -5.44 2.06 37.45
C THR I 83 -6.14 0.71 37.42
N GLY I 84 -6.12 -0.03 38.52
CA GLY I 84 -6.75 -1.33 38.57
C GLY I 84 -5.91 -2.47 38.04
N SER I 85 -4.72 -2.19 37.54
CA SER I 85 -3.81 -3.21 37.02
C SER I 85 -2.47 -3.08 37.73
N LYS I 86 -1.95 -4.21 38.22
CA LYS I 86 -0.68 -4.18 38.93
C LYS I 86 0.48 -3.84 38.01
N ASN I 87 0.44 -4.28 36.75
CA ASN I 87 1.51 -3.99 35.82
C ASN I 87 1.62 -2.48 35.56
N LEU I 88 0.48 -1.82 35.34
CA LEU I 88 0.50 -0.38 35.13
C LEU I 88 0.96 0.37 36.37
N ASP I 89 0.53 -0.09 37.55
CA ASP I 89 0.96 0.56 38.78
C ASP I 89 2.47 0.43 38.97
N THR I 90 3.02 -0.75 38.68
CA THR I 90 4.47 -0.92 38.77
C THR I 90 5.20 -0.06 37.74
N LEU I 91 4.66 0.03 36.53
CA LEU I 91 5.30 0.84 35.50
C LEU I 91 5.31 2.32 35.87
N LEU I 92 4.20 2.82 36.39
CA LEU I 92 4.08 4.22 36.75
C LEU I 92 4.55 4.51 38.17
N GLY I 93 4.99 3.50 38.90
CA GLY I 93 5.42 3.71 40.28
C GLY I 93 4.31 4.13 41.21
N GLY I 94 3.15 3.48 41.11
CA GLY I 94 2.01 3.79 41.97
C GLY I 94 0.80 4.35 41.26
N GLY I 95 0.78 4.41 39.94
CA GLY I 95 -0.34 4.94 39.19
C GLY I 95 -0.10 6.36 38.75
N VAL I 96 -1.16 6.98 38.23
CA VAL I 96 -1.07 8.35 37.76
C VAL I 96 -0.83 9.29 38.95
N GLU I 97 -0.24 10.44 38.68
CA GLU I 97 0.15 11.39 39.71
C GLU I 97 -0.74 12.62 39.64
N THR I 98 -1.28 13.02 40.79
CA THR I 98 -2.09 14.23 40.85
C THR I 98 -1.22 15.47 40.65
N GLY I 99 -1.83 16.51 40.11
CA GLY I 99 -1.12 17.74 39.82
C GLY I 99 -0.22 17.68 38.61
N SER I 100 -0.40 16.68 37.74
CA SER I 100 0.43 16.52 36.56
C SER I 100 -0.44 16.09 35.39
N ILE I 101 0.07 16.31 34.18
CA ILE I 101 -0.66 16.01 32.96
C ILE I 101 -0.14 14.69 32.38
N THR I 102 -1.05 13.74 32.21
CA THR I 102 -0.75 12.45 31.59
C THR I 102 -1.54 12.34 30.30
N GLU I 103 -0.85 12.02 29.21
CA GLU I 103 -1.44 11.91 27.89
C GLU I 103 -1.34 10.47 27.41
N LEU I 104 -2.43 9.96 26.85
CA LEU I 104 -2.48 8.61 26.29
C LEU I 104 -2.74 8.73 24.79
N PHE I 105 -1.86 8.14 23.99
CA PHE I 105 -1.99 8.21 22.55
C PHE I 105 -1.75 6.83 21.94
N GLY I 106 -2.35 6.62 20.77
CA GLY I 106 -2.18 5.37 20.07
C GLY I 106 -3.30 5.15 19.07
N GLU I 107 -3.20 4.02 18.39
CA GLU I 107 -4.20 3.62 17.41
C GLU I 107 -5.54 3.38 18.10
N PHE I 108 -6.61 3.45 17.31
CA PHE I 108 -7.95 3.23 17.85
C PHE I 108 -8.09 1.82 18.43
N ARG I 109 -9.18 1.62 19.17
CA ARG I 109 -9.59 0.36 19.79
C ARG I 109 -8.55 -0.19 20.77
N THR I 110 -7.53 0.58 21.12
CA THR I 110 -6.53 0.13 22.06
C THR I 110 -6.93 0.29 23.52
N GLY I 111 -8.09 0.90 23.79
CA GLY I 111 -8.62 0.92 25.13
C GLY I 111 -8.34 2.17 25.95
N LYS I 112 -8.05 3.30 25.30
CA LYS I 112 -7.83 4.53 26.05
C LYS I 112 -9.10 4.95 26.80
N SER I 113 -10.25 4.84 26.16
CA SER I 113 -11.51 5.20 26.82
C SER I 113 -11.81 4.26 27.98
N GLN I 114 -11.46 2.98 27.85
CA GLN I 114 -11.65 2.04 28.94
C GLN I 114 -10.81 2.44 30.15
N LEU I 115 -9.55 2.82 29.91
CA LEU I 115 -8.70 3.27 31.00
C LEU I 115 -9.24 4.57 31.62
N CYS I 116 -9.78 5.45 30.79
CA CYS I 116 -10.37 6.68 31.31
C CYS I 116 -11.58 6.37 32.20
N HIS I 117 -12.42 5.43 31.80
CA HIS I 117 -13.55 5.02 32.62
C HIS I 117 -13.08 4.41 33.94
N THR I 118 -12.04 3.56 33.87
CA THR I 118 -11.52 2.94 35.08
C THR I 118 -10.97 3.99 36.04
N LEU I 119 -10.25 4.98 35.52
CA LEU I 119 -9.77 6.06 36.37
C LEU I 119 -10.92 6.88 36.94
N ALA I 120 -11.94 7.15 36.12
CA ALA I 120 -13.09 7.93 36.59
C ALA I 120 -13.85 7.23 37.70
N VAL I 121 -13.90 5.90 37.69
CA VAL I 121 -14.61 5.16 38.71
C VAL I 121 -13.73 4.86 39.93
N THR I 122 -12.40 4.76 39.76
CA THR I 122 -11.53 4.44 40.88
C THR I 122 -11.19 5.67 41.73
N CYS I 123 -11.51 6.88 41.26
CA CYS I 123 -11.20 8.07 42.03
C CYS I 123 -12.08 8.24 43.25
N GLN I 124 -13.13 7.44 43.38
CA GLN I 124 -14.08 7.58 44.50
C GLN I 124 -13.83 6.59 45.63
N ILE I 125 -13.09 5.52 45.40
CA ILE I 125 -12.82 4.53 46.42
C ILE I 125 -11.88 5.13 47.46
N PRO I 126 -11.86 4.61 48.69
CA PRO I 126 -10.97 5.18 49.72
C PRO I 126 -9.51 5.11 49.30
N LEU I 127 -8.75 6.13 49.70
CA LEU I 127 -7.36 6.28 49.25
C LEU I 127 -6.45 5.18 49.75
N ASP I 128 -6.80 4.49 50.85
CA ASP I 128 -5.96 3.42 51.35
C ASP I 128 -5.86 2.26 50.35
N ILE I 129 -6.82 2.15 49.44
CA ILE I 129 -6.78 1.15 48.38
C ILE I 129 -6.13 1.71 47.12
N GLY I 130 -5.91 3.02 47.06
CA GLY I 130 -5.36 3.66 45.89
C GLY I 130 -6.26 4.68 45.22
N GLY I 131 -7.38 5.04 45.84
CA GLY I 131 -8.30 6.01 45.28
C GLY I 131 -7.91 7.44 45.63
N GLY I 132 -8.82 8.36 45.32
CA GLY I 132 -8.59 9.76 45.57
C GLY I 132 -9.64 10.38 46.46
N GLU I 133 -10.77 9.70 46.63
CA GLU I 133 -11.88 10.16 47.46
C GLU I 133 -12.36 11.54 47.00
N GLY I 134 -12.86 11.59 45.78
CA GLY I 134 -13.39 12.83 45.24
C GLY I 134 -14.20 12.56 43.98
N LYS I 135 -14.97 13.57 43.60
CA LYS I 135 -15.79 13.47 42.40
C LYS I 135 -14.92 13.55 41.15
N CYS I 136 -15.44 13.00 40.06
CA CYS I 136 -14.76 13.02 38.77
C CYS I 136 -15.53 13.90 37.79
N LEU I 137 -14.80 14.50 36.85
CA LEU I 137 -15.37 15.34 35.82
C LEU I 137 -14.94 14.79 34.47
N TYR I 138 -15.88 14.68 33.54
CA TYR I 138 -15.65 14.09 32.24
C TYR I 138 -16.07 15.09 31.15
N ILE I 139 -15.16 15.33 30.21
CA ILE I 139 -15.44 16.16 29.04
C ILE I 139 -15.25 15.29 27.82
N ASP I 140 -16.29 15.13 27.02
CA ASP I 140 -16.29 14.23 25.88
C ASP I 140 -16.43 15.05 24.60
N THR I 141 -15.58 14.76 23.61
CA THR I 141 -15.64 15.43 22.32
C THR I 141 -15.99 14.49 21.18
N GLU I 142 -16.35 13.24 21.47
CA GLU I 142 -16.70 12.28 20.44
C GLU I 142 -18.01 11.55 20.71
N GLY I 143 -18.68 11.83 21.83
CA GLY I 143 -19.92 11.13 22.14
C GLY I 143 -19.75 9.65 22.41
N THR I 144 -18.66 9.27 23.10
CA THR I 144 -18.37 7.86 23.37
C THR I 144 -18.56 7.50 24.84
N PHE I 145 -19.09 8.40 25.65
CA PHE I 145 -19.32 8.11 27.05
C PHE I 145 -20.40 7.03 27.21
N ARG I 146 -20.13 6.05 28.07
CA ARG I 146 -21.04 4.93 28.28
C ARG I 146 -21.12 4.62 29.77
N PRO I 147 -22.21 5.02 30.44
CA PRO I 147 -22.32 4.75 31.88
C PRO I 147 -22.40 3.28 32.24
N VAL I 148 -22.72 2.40 31.28
CA VAL I 148 -22.81 0.97 31.58
C VAL I 148 -21.46 0.44 32.05
N ARG I 149 -20.38 0.88 31.41
CA ARG I 149 -19.04 0.48 31.85
C ARG I 149 -18.78 0.94 33.27
N LEU I 150 -19.17 2.17 33.59
CA LEU I 150 -18.99 2.67 34.95
C LEU I 150 -19.75 1.82 35.95
N VAL I 151 -20.99 1.45 35.62
CA VAL I 151 -21.80 0.62 36.51
C VAL I 151 -21.13 -0.73 36.71
N SER I 152 -20.64 -1.35 35.63
CA SER I 152 -20.01 -2.66 35.75
C SER I 152 -18.75 -2.60 36.61
N ILE I 153 -17.91 -1.58 36.40
CA ILE I 153 -16.67 -1.50 37.17
C ILE I 153 -16.98 -1.17 38.63
N ALA I 154 -17.98 -0.32 38.88
CA ALA I 154 -18.37 -0.04 40.26
C ALA I 154 -18.89 -1.29 40.95
N GLN I 155 -19.63 -2.13 40.23
CA GLN I 155 -20.05 -3.42 40.80
C GLN I 155 -18.83 -4.29 41.09
N ARG I 156 -17.83 -4.26 40.22
CA ARG I 156 -16.60 -5.01 40.48
C ARG I 156 -15.92 -4.54 41.76
N PHE I 157 -15.85 -3.21 41.95
CA PHE I 157 -15.18 -2.66 43.12
C PHE I 157 -16.07 -2.62 44.36
N GLY I 158 -17.35 -2.98 44.23
CA GLY I 158 -18.25 -3.00 45.36
C GLY I 158 -18.95 -1.70 45.68
N LEU I 159 -18.69 -0.64 44.92
CA LEU I 159 -19.35 0.64 45.17
C LEU I 159 -20.82 0.55 44.78
N ASP I 160 -21.61 1.43 45.38
CA ASP I 160 -23.02 1.53 45.03
C ASP I 160 -23.15 2.19 43.67
N PRO I 161 -23.80 1.55 42.68
CA PRO I 161 -23.89 2.17 41.35
C PRO I 161 -24.55 3.52 41.34
N ASP I 162 -25.57 3.72 42.17
CA ASP I 162 -26.27 5.00 42.21
C ASP I 162 -25.34 6.13 42.66
N ASP I 163 -24.62 5.91 43.77
CA ASP I 163 -23.70 6.92 44.25
C ASP I 163 -22.55 7.13 43.27
N ALA I 164 -22.05 6.05 42.66
CA ALA I 164 -20.97 6.19 41.69
C ALA I 164 -21.40 7.04 40.50
N LEU I 165 -22.62 6.82 40.01
CA LEU I 165 -23.11 7.63 38.89
C LEU I 165 -23.37 9.07 39.34
N ASN I 166 -23.85 9.26 40.57
CA ASN I 166 -24.14 10.60 41.05
C ASN I 166 -22.92 11.46 41.35
N ASN I 167 -21.77 10.86 41.58
CA ASN I 167 -20.55 11.59 41.92
C ASN I 167 -19.68 11.86 40.70
N VAL I 168 -20.21 11.66 39.50
CA VAL I 168 -19.48 11.87 38.25
C VAL I 168 -20.24 12.92 37.48
N ALA I 169 -19.57 14.00 37.10
CA ALA I 169 -20.15 15.05 36.27
C ALA I 169 -19.71 14.83 34.83
N TYR I 170 -20.64 15.05 33.90
CA TYR I 170 -20.39 14.79 32.48
C TYR I 170 -20.76 16.01 31.66
N ALA I 171 -19.97 16.27 30.62
CA ALA I 171 -20.27 17.32 29.66
C ALA I 171 -19.69 16.96 28.31
N ARG I 172 -20.27 17.53 27.26
CA ARG I 172 -19.84 17.30 25.90
C ARG I 172 -19.58 18.63 25.21
N ALA I 173 -18.50 18.70 24.44
CA ALA I 173 -18.12 19.91 23.71
C ALA I 173 -18.38 19.72 22.23
N TYR I 174 -18.98 20.73 21.60
CA TYR I 174 -19.31 20.69 20.19
C TYR I 174 -18.34 21.49 19.32
N ASN I 175 -17.55 22.38 19.91
CA ASN I 175 -16.58 23.15 19.17
C ASN I 175 -15.44 23.54 20.11
N ALA I 176 -14.35 24.05 19.52
CA ALA I 176 -13.19 24.42 20.31
C ALA I 176 -13.53 25.52 21.32
N ASP I 177 -14.33 26.50 20.89
CA ASP I 177 -14.69 27.59 21.80
C ASP I 177 -15.47 27.07 23.01
N HIS I 178 -16.43 26.17 22.78
CA HIS I 178 -17.16 25.59 23.89
C HIS I 178 -16.24 24.76 24.78
N GLN I 179 -15.30 24.03 24.17
CA GLN I 179 -14.37 23.22 24.95
C GLN I 179 -13.53 24.10 25.87
N LEU I 180 -13.06 25.24 25.37
CA LEU I 180 -12.33 26.17 26.22
C LEU I 180 -13.23 26.78 27.28
N ARG I 181 -14.46 27.12 26.92
CA ARG I 181 -15.37 27.79 27.84
C ARG I 181 -15.79 26.90 28.99
N LEU I 182 -15.86 25.58 28.76
CA LEU I 182 -16.31 24.67 29.82
C LEU I 182 -15.37 24.68 31.02
N LEU I 183 -14.14 25.16 30.84
CA LEU I 183 -13.19 25.17 31.94
C LEU I 183 -13.60 26.14 33.04
N ASP I 184 -14.29 27.22 32.70
CA ASP I 184 -14.78 28.14 33.73
C ASP I 184 -15.80 27.46 34.62
N ALA I 185 -16.76 26.74 34.02
CA ALA I 185 -17.72 25.99 34.82
C ALA I 185 -17.04 24.91 35.63
N ALA I 186 -16.04 24.24 35.06
CA ALA I 186 -15.31 23.24 35.80
C ALA I 186 -14.60 23.84 37.01
N ALA I 187 -13.97 25.01 36.84
CA ALA I 187 -13.31 25.67 37.96
C ALA I 187 -14.30 26.08 39.03
N GLN I 188 -15.47 26.59 38.62
CA GLN I 188 -16.49 26.95 39.61
C GLN I 188 -16.96 25.74 40.40
N MET I 189 -17.21 24.63 39.69
CA MET I 189 -17.64 23.40 40.37
C MET I 189 -16.56 22.90 41.34
N MET I 190 -15.30 22.96 40.92
CA MET I 190 -14.21 22.54 41.79
C MET I 190 -14.09 23.46 43.01
N SER I 191 -14.31 24.76 42.83
CA SER I 191 -14.29 25.67 43.96
C SER I 191 -15.45 25.43 44.91
N GLU I 192 -16.59 24.95 44.41
CA GLU I 192 -17.74 24.70 45.27
C GLU I 192 -17.77 23.31 45.88
N SER I 193 -17.10 22.33 45.27
CA SER I 193 -17.08 20.97 45.81
C SER I 193 -15.78 20.29 45.42
N ARG I 194 -15.43 19.26 46.19
CA ARG I 194 -14.15 18.59 45.99
C ARG I 194 -14.16 17.75 44.73
N PHE I 195 -13.11 17.86 43.94
CA PHE I 195 -12.88 17.02 42.77
C PHE I 195 -11.45 16.50 42.80
N SER I 196 -11.21 15.41 42.09
CA SER I 196 -9.88 14.79 42.07
C SER I 196 -9.37 14.43 40.69
N LEU I 197 -10.22 14.26 39.69
CA LEU I 197 -9.77 13.81 38.37
C LEU I 197 -10.46 14.61 37.27
N ILE I 198 -9.69 14.93 36.24
CA ILE I 198 -10.19 15.56 35.03
C ILE I 198 -9.84 14.66 33.86
N VAL I 199 -10.82 14.38 33.01
CA VAL I 199 -10.63 13.51 31.84
C VAL I 199 -11.07 14.26 30.60
N VAL I 200 -10.21 14.30 29.59
CA VAL I 200 -10.52 14.92 28.31
C VAL I 200 -10.31 13.87 27.23
N ASP I 201 -11.33 13.67 26.40
CA ASP I 201 -11.30 12.66 25.34
C ASP I 201 -12.23 13.12 24.22
N SER I 202 -11.66 13.66 23.16
CA SER I 202 -10.23 13.84 23.03
C SER I 202 -9.90 15.31 22.77
N VAL I 203 -8.66 15.70 23.08
CA VAL I 203 -8.27 17.11 22.95
C VAL I 203 -8.26 17.55 21.50
N MET I 204 -7.68 16.72 20.62
CA MET I 204 -7.38 17.14 19.26
C MET I 204 -8.48 16.80 18.26
N ALA I 205 -9.61 16.26 18.71
CA ALA I 205 -10.66 15.85 17.77
C ALA I 205 -11.26 17.06 17.06
N LEU I 206 -11.66 18.09 17.82
CA LEU I 206 -12.35 19.22 17.22
C LEU I 206 -11.41 20.16 16.48
N TYR I 207 -10.18 20.33 16.98
CA TYR I 207 -9.25 21.26 16.36
C TYR I 207 -8.86 20.84 14.96
N ARG I 208 -8.91 19.55 14.65
CA ARG I 208 -8.53 19.08 13.32
C ARG I 208 -9.47 19.63 12.25
N THR I 209 -10.77 19.68 12.55
CA THR I 209 -11.76 20.14 11.58
C THR I 209 -12.11 21.61 11.73
N ASP I 210 -11.95 22.19 12.93
CA ASP I 210 -12.35 23.58 13.13
C ASP I 210 -11.47 24.53 12.32
N PHE I 211 -10.18 24.24 12.24
CA PHE I 211 -9.22 25.10 11.54
C PHE I 211 -8.79 24.41 10.26
N SER I 212 -8.81 25.15 9.15
CA SER I 212 -8.61 24.59 7.82
C SER I 212 -7.39 25.21 7.15
N GLY I 213 -6.55 24.38 6.57
CA GLY I 213 -5.43 24.82 5.76
C GLY I 213 -4.21 25.20 6.58
N ARG I 214 -3.10 25.36 5.87
CA ARG I 214 -1.87 25.82 6.50
C ARG I 214 -1.97 27.27 6.97
N GLY I 215 -2.88 28.05 6.38
CA GLY I 215 -3.04 29.44 6.81
C GLY I 215 -3.55 29.57 8.22
N GLU I 216 -4.41 28.66 8.65
CA GLU I 216 -4.99 28.70 9.99
C GLU I 216 -4.24 27.82 10.97
N LEU I 217 -3.08 27.29 10.59
CA LEU I 217 -2.32 26.42 11.48
C LEU I 217 -1.85 27.16 12.73
N SER I 218 -1.37 28.39 12.56
CA SER I 218 -0.86 29.16 13.70
C SER I 218 -1.95 29.42 14.72
N ALA I 219 -3.14 29.82 14.26
CA ALA I 219 -4.23 30.09 15.20
C ALA I 219 -4.63 28.82 15.95
N ARG I 220 -4.70 27.69 15.25
CA ARG I 220 -5.05 26.43 15.90
C ARG I 220 -4.01 26.06 16.96
N GLN I 221 -2.73 26.19 16.62
CA GLN I 221 -1.68 25.84 17.56
C GLN I 221 -1.72 26.76 18.78
N MET I 222 -1.94 28.06 18.58
CA MET I 222 -1.99 28.97 19.71
C MET I 222 -3.21 28.71 20.59
N HIS I 223 -4.36 28.41 19.98
CA HIS I 223 -5.54 28.08 20.77
C HIS I 223 -5.31 26.82 21.59
N LEU I 224 -4.67 25.81 21.00
CA LEU I 224 -4.34 24.60 21.74
C LEU I 224 -3.40 24.89 22.90
N ALA I 225 -2.39 25.75 22.66
CA ALA I 225 -1.47 26.12 23.72
C ALA I 225 -2.19 26.83 24.86
N LYS I 226 -3.11 27.73 24.52
CA LYS I 226 -3.88 28.42 25.55
C LYS I 226 -4.74 27.43 26.35
N PHE I 227 -5.37 26.48 25.67
CA PHE I 227 -6.18 25.49 26.36
C PHE I 227 -5.34 24.65 27.32
N MET I 228 -4.16 24.22 26.87
CA MET I 228 -3.31 23.41 27.75
C MET I 228 -2.76 24.23 28.90
N ARG I 229 -2.47 25.51 28.66
CA ARG I 229 -2.03 26.38 29.76
C ARG I 229 -3.14 26.53 30.80
N ALA I 230 -4.39 26.69 30.34
CA ALA I 230 -5.50 26.76 31.28
C ALA I 230 -5.65 25.48 32.07
N LEU I 231 -5.48 24.33 31.40
CA LEU I 231 -5.54 23.05 32.11
C LEU I 231 -4.45 22.95 33.16
N GLN I 232 -3.22 23.36 32.82
CA GLN I 232 -2.13 23.32 33.78
C GLN I 232 -2.40 24.24 34.96
N ARG I 233 -2.93 25.44 34.70
CA ARG I 233 -3.28 26.34 35.79
C ARG I 233 -4.33 25.73 36.71
N LEU I 234 -5.34 25.08 36.12
CA LEU I 234 -6.36 24.42 36.93
C LEU I 234 -5.74 23.32 37.78
N ALA I 235 -4.83 22.54 37.20
CA ALA I 235 -4.20 21.46 37.94
C ALA I 235 -3.38 21.99 39.11
N ASP I 236 -2.64 23.08 38.91
CA ASP I 236 -1.93 23.68 40.03
C ASP I 236 -2.88 24.23 41.08
N GLN I 237 -3.99 24.83 40.65
CA GLN I 237 -4.92 25.43 41.61
C GLN I 237 -5.55 24.37 42.51
N PHE I 238 -6.10 23.31 41.92
CA PHE I 238 -6.86 22.35 42.70
C PHE I 238 -6.11 21.05 42.98
N GLY I 239 -4.92 20.86 42.43
CA GLY I 239 -4.14 19.66 42.73
C GLY I 239 -4.82 18.37 42.34
N VAL I 240 -5.40 18.31 41.14
CA VAL I 240 -6.15 17.15 40.69
C VAL I 240 -5.40 16.48 39.55
N ALA I 241 -5.60 15.17 39.41
CA ALA I 241 -5.02 14.46 38.29
C ALA I 241 -5.70 14.87 36.99
N VAL I 242 -4.93 14.92 35.91
CA VAL I 242 -5.43 15.31 34.60
C VAL I 242 -5.02 14.26 33.59
N VAL I 243 -5.98 13.74 32.85
CA VAL I 243 -5.74 12.73 31.82
C VAL I 243 -6.37 13.23 30.52
N VAL I 244 -5.60 13.19 29.44
CA VAL I 244 -6.05 13.62 28.13
C VAL I 244 -5.73 12.55 27.11
N THR I 245 -6.64 12.31 26.19
CA THR I 245 -6.44 11.32 25.13
C THR I 245 -6.17 12.03 23.81
N ASN I 246 -5.31 11.42 23.00
CA ASN I 246 -4.89 12.01 21.74
C ASN I 246 -4.92 10.96 20.64
N GLN I 247 -5.10 11.41 19.41
CA GLN I 247 -5.13 10.54 18.25
C GLN I 247 -3.78 10.55 17.54
N VAL I 248 -3.62 9.63 16.59
CA VAL I 248 -2.37 9.48 15.86
C VAL I 248 -2.66 9.43 14.37
N VAL I 249 -1.64 9.77 13.59
CA VAL I 249 -1.70 9.67 12.13
C VAL I 249 -0.43 8.99 11.64
N ALA I 250 -0.52 8.34 10.48
CA ALA I 250 0.64 7.68 9.89
C ALA I 250 1.44 8.67 9.06
N GLN I 251 2.74 8.76 9.35
CA GLN I 251 3.61 9.66 8.60
C GLN I 251 3.91 9.07 7.24
N VAL I 252 3.97 9.95 6.23
CA VAL I 252 4.15 9.52 4.85
C VAL I 252 5.62 9.44 4.43
N ASP I 253 6.48 10.28 5.01
CA ASP I 253 7.88 10.32 4.60
C ASP I 253 8.55 8.99 4.92
N GLY I 254 8.84 8.21 3.87
CA GLY I 254 9.48 6.92 4.04
C GLY I 254 10.96 6.97 4.30
N GLY I 255 11.58 8.16 4.21
CA GLY I 255 12.99 8.26 4.51
C GLY I 255 13.30 7.97 5.97
N MET I 256 12.40 8.37 6.87
CA MET I 256 12.57 8.12 8.31
C MET I 256 12.10 6.70 8.61
N ALA I 257 12.88 5.73 8.14
CA ALA I 257 12.57 4.32 8.32
C ALA I 257 13.14 3.76 9.62
N PHE I 258 13.84 4.57 10.42
CA PHE I 258 14.38 4.09 11.68
C PHE I 258 13.28 3.68 12.64
N ASN I 259 12.21 4.45 12.71
CA ASN I 259 11.08 4.12 13.58
C ASN I 259 10.26 3.00 12.95
N PRO I 260 10.12 1.85 13.62
CA PRO I 260 9.29 0.78 13.05
C PRO I 260 7.83 1.16 12.88
N ASP I 261 7.29 1.98 13.77
CA ASP I 261 5.89 2.39 13.70
C ASP I 261 5.78 3.74 13.02
N PRO I 262 5.13 3.84 11.86
CA PRO I 262 4.99 5.13 11.18
C PRO I 262 3.91 6.03 11.74
N LYS I 263 3.36 5.73 12.91
CA LYS I 263 2.28 6.51 13.50
C LYS I 263 2.83 7.44 14.57
N LYS I 264 2.42 8.70 14.52
CA LYS I 264 2.81 9.70 15.50
C LYS I 264 1.59 10.47 15.98
N PRO I 265 1.63 10.96 17.22
CA PRO I 265 0.44 11.62 17.78
C PRO I 265 0.21 13.00 17.17
N ILE I 266 -1.02 13.48 17.37
CA ILE I 266 -1.44 14.77 16.86
C ILE I 266 -1.14 15.85 17.89
N GLY I 267 -0.74 17.03 17.41
CA GLY I 267 -0.50 18.19 18.25
C GLY I 267 0.85 18.83 18.04
N GLY I 268 1.84 18.10 17.54
CA GLY I 268 3.13 18.69 17.29
C GLY I 268 3.86 19.04 18.59
N ASN I 269 4.75 20.02 18.48
CA ASN I 269 5.58 20.41 19.60
C ASN I 269 4.77 21.01 20.73
N ILE I 270 3.67 21.69 20.41
CA ILE I 270 2.82 22.28 21.46
C ILE I 270 2.27 21.19 22.37
N MET I 271 1.77 20.10 21.77
CA MET I 271 1.30 18.98 22.58
C MET I 271 2.47 18.25 23.25
N ALA I 272 3.59 18.10 22.53
CA ALA I 272 4.70 17.32 23.06
C ALA I 272 5.29 17.95 24.31
N HIS I 273 5.51 19.26 24.29
CA HIS I 273 6.18 19.92 25.42
C HIS I 273 5.26 20.10 26.61
N SER I 274 3.96 20.32 26.37
CA SER I 274 3.05 20.63 27.47
C SER I 274 2.79 19.42 28.36
N SER I 275 2.55 18.26 27.75
CA SER I 275 2.20 17.07 28.52
C SER I 275 3.41 16.58 29.32
N THR I 276 3.21 16.34 30.62
CA THR I 276 4.30 15.89 31.46
C THR I 276 4.65 14.43 31.18
N THR I 277 3.64 13.56 31.10
CA THR I 277 3.87 12.14 30.89
C THR I 277 3.13 11.69 29.63
N ARG I 278 3.75 10.82 28.84
CA ARG I 278 3.17 10.33 27.60
C ARG I 278 3.22 8.81 27.57
N LEU I 279 2.09 8.19 27.28
CA LEU I 279 1.97 6.74 27.19
C LEU I 279 1.38 6.36 25.84
N GLY I 280 2.09 5.50 25.12
CA GLY I 280 1.62 4.98 23.84
C GLY I 280 1.01 3.60 24.03
N PHE I 281 -0.08 3.37 23.31
CA PHE I 281 -0.85 2.14 23.42
C PHE I 281 -0.84 1.40 22.09
N LYS I 282 -0.68 0.07 22.16
CA LYS I 282 -0.71 -0.78 20.99
C LYS I 282 -1.57 -2.00 21.28
N LYS I 283 -2.08 -2.61 20.22
CA LYS I 283 -2.92 -3.79 20.36
C LYS I 283 -2.08 -5.06 20.34
N GLY I 284 -2.30 -5.92 21.31
CA GLY I 284 -1.66 -7.22 21.39
C GLY I 284 -2.53 -8.32 20.84
N LYS I 285 -2.45 -9.49 21.48
CA LYS I 285 -3.25 -10.64 21.06
C LYS I 285 -4.53 -10.70 21.88
N GLY I 286 -5.66 -10.83 21.20
CA GLY I 286 -6.93 -10.90 21.89
C GLY I 286 -7.22 -9.61 22.65
N CYS I 287 -7.57 -9.75 23.93
CA CYS I 287 -7.85 -8.61 24.78
C CYS I 287 -6.61 -7.95 25.33
N GLN I 288 -5.43 -8.52 25.10
CA GLN I 288 -4.20 -7.96 25.64
C GLN I 288 -3.78 -6.72 24.87
N ARG I 289 -3.25 -5.74 25.59
CA ARG I 289 -2.76 -4.50 25.02
C ARG I 289 -1.41 -4.15 25.63
N LEU I 290 -0.61 -3.42 24.88
CA LEU I 290 0.75 -3.05 25.26
C LEU I 290 0.79 -1.55 25.57
N CYS I 291 1.38 -1.20 26.70
CA CYS I 291 1.56 0.19 27.10
C CYS I 291 3.05 0.50 27.23
N LYS I 292 3.47 1.62 26.64
CA LYS I 292 4.87 2.01 26.62
C LYS I 292 5.02 3.46 27.05
N VAL I 293 5.92 3.72 27.98
CA VAL I 293 6.20 5.09 28.41
C VAL I 293 7.13 5.74 27.39
N VAL I 294 6.74 6.91 26.87
CA VAL I 294 7.52 7.61 25.86
C VAL I 294 8.34 8.74 26.47
N ASP I 295 7.70 9.61 27.24
CA ASP I 295 8.37 10.73 27.88
C ASP I 295 7.95 10.79 29.34
N SER I 296 8.93 10.94 30.22
CA SER I 296 8.68 11.07 31.66
C SER I 296 9.91 11.63 32.34
N PRO I 297 9.77 12.67 33.17
CA PRO I 297 10.95 13.23 33.85
C PRO I 297 11.50 12.34 34.95
N CYS I 298 10.78 11.29 35.35
CA CYS I 298 11.24 10.45 36.45
C CYS I 298 11.20 8.97 36.08
N LEU I 299 10.33 8.60 35.14
CA LEU I 299 10.25 7.16 34.91
C LEU I 299 11.16 6.74 33.76
N PRO I 300 11.77 5.57 33.85
CA PRO I 300 12.56 5.05 32.74
C PRO I 300 11.66 4.44 31.66
N GLU I 301 12.25 4.22 30.50
CA GLU I 301 11.52 3.66 29.37
C GLU I 301 11.32 2.16 29.57
N ALA I 302 10.08 1.70 29.44
CA ALA I 302 9.75 0.29 29.62
C ALA I 302 8.40 0.03 28.95
N GLU I 303 8.02 -1.24 28.93
CA GLU I 303 6.74 -1.66 28.35
C GLU I 303 6.05 -2.63 29.29
N CYS I 304 4.72 -2.66 29.22
CA CYS I 304 3.91 -3.53 30.06
C CYS I 304 2.70 -4.03 29.29
N VAL I 305 2.08 -5.07 29.81
CA VAL I 305 0.94 -5.74 29.17
C VAL I 305 -0.25 -5.67 30.12
N PHE I 306 -1.39 -5.24 29.61
CA PHE I 306 -2.63 -5.25 30.38
C PHE I 306 -3.74 -5.82 29.51
N ALA I 307 -4.97 -5.80 30.03
CA ALA I 307 -6.09 -6.37 29.29
C ALA I 307 -7.38 -5.67 29.71
N ILE I 308 -8.40 -5.82 28.88
CA ILE I 308 -9.71 -5.24 29.10
C ILE I 308 -10.72 -6.38 29.20
N TYR I 309 -11.50 -6.38 30.28
CA TYR I 309 -12.58 -7.33 30.47
C TYR I 309 -13.87 -6.55 30.73
N GLU I 310 -14.97 -7.28 30.87
CA GLU I 310 -16.26 -6.64 31.08
C GLU I 310 -16.31 -5.85 32.38
N ASP I 311 -15.40 -6.11 33.31
CA ASP I 311 -15.32 -5.38 34.56
C ASP I 311 -14.28 -4.28 34.55
N GLY I 312 -13.62 -4.04 33.41
CA GLY I 312 -12.69 -2.93 33.32
C GLY I 312 -11.27 -3.33 32.91
N VAL I 313 -10.31 -2.46 33.22
CA VAL I 313 -8.91 -2.70 32.89
C VAL I 313 -8.28 -3.53 34.01
N GLY I 314 -7.53 -4.55 33.62
CA GLY I 314 -6.90 -5.42 34.59
C GLY I 314 -5.63 -6.05 34.05
N ASP I 315 -5.02 -6.89 34.86
CA ASP I 315 -3.86 -7.65 34.44
C ASP I 315 -4.28 -8.83 33.57
N PRO I 316 -3.42 -9.24 32.62
CA PRO I 316 -3.76 -10.41 31.80
C PRO I 316 -3.91 -11.66 32.65
N ARG I 317 -4.85 -12.50 32.27
CA ARG I 317 -5.14 -13.72 33.00
C ARG I 317 -4.39 -14.91 32.39
N GLU I 318 -4.26 -15.97 33.19
CA GLU I 318 -3.59 -17.17 32.71
C GLU I 318 -4.38 -17.84 31.58
N GLU I 319 -5.70 -17.68 31.56
CA GLU I 319 -6.50 -18.24 30.48
C GLU I 319 -6.13 -17.62 29.14
N ASP I 320 -5.91 -16.30 29.12
CA ASP I 320 -5.44 -15.64 27.91
C ASP I 320 -3.99 -15.99 27.57
N GLU I 321 -3.25 -16.57 28.51
CA GLU I 321 -1.87 -16.94 28.28
C GLU I 321 -1.77 -18.33 27.64
N VAL J 2 7.68 0.25 -41.87
CA VAL J 2 8.05 1.66 -41.91
C VAL J 2 9.40 1.87 -41.25
N PRO J 3 10.38 2.32 -42.03
CA PRO J 3 11.71 2.55 -41.48
C PRO J 3 11.70 3.65 -40.43
N ILE J 4 12.58 3.50 -39.43
CA ILE J 4 12.68 4.50 -38.37
C ILE J 4 13.30 5.80 -38.88
N GLU J 5 14.00 5.75 -40.01
CA GLU J 5 14.65 6.94 -40.54
C GLU J 5 13.65 8.02 -40.92
N LYS J 6 12.37 7.67 -41.07
CA LYS J 6 11.33 8.66 -41.35
C LYS J 6 11.10 9.58 -40.16
N LEU J 7 11.64 9.25 -38.99
CA LEU J 7 11.49 10.09 -37.80
C LEU J 7 12.52 11.23 -37.76
N GLN J 8 13.39 11.32 -38.75
CA GLN J 8 14.45 12.34 -38.79
C GLN J 8 13.90 13.69 -39.24
N VAL J 9 12.88 14.15 -38.52
CA VAL J 9 12.22 15.43 -38.82
C VAL J 9 11.96 16.17 -37.51
N ASN J 10 11.79 17.49 -37.64
CA ASN J 10 11.40 18.36 -36.53
C ASN J 10 12.39 18.28 -35.37
N GLY J 11 13.66 18.52 -35.67
CA GLY J 11 14.68 18.60 -34.64
C GLY J 11 15.18 17.28 -34.10
N ILE J 12 14.75 16.16 -34.66
CA ILE J 12 15.22 14.86 -34.21
C ILE J 12 16.63 14.64 -34.71
N THR J 13 17.56 14.33 -33.81
CA THR J 13 18.95 14.13 -34.15
C THR J 13 19.23 12.66 -34.46
N MET J 14 20.25 12.43 -35.28
CA MET J 14 20.66 11.07 -35.60
C MET J 14 21.13 10.33 -34.35
N ALA J 15 21.66 11.06 -33.37
CA ALA J 15 22.05 10.44 -32.11
C ALA J 15 20.86 9.81 -31.40
N ASP J 16 19.70 10.49 -31.46
CA ASP J 16 18.49 9.91 -30.89
C ASP J 16 18.11 8.61 -31.59
N VAL J 17 18.21 8.59 -32.92
CA VAL J 17 17.88 7.40 -33.69
C VAL J 17 18.82 6.25 -33.33
N LYS J 18 20.12 6.55 -33.21
CA LYS J 18 21.07 5.49 -32.86
C LYS J 18 20.86 5.00 -31.44
N LYS J 19 20.49 5.90 -30.51
CA LYS J 19 20.17 5.46 -29.16
C LYS J 19 18.95 4.55 -29.14
N LEU J 20 17.92 4.91 -29.91
CA LEU J 20 16.73 4.05 -29.99
C LEU J 20 17.08 2.70 -30.60
N ARG J 21 17.93 2.69 -31.63
CA ARG J 21 18.36 1.44 -32.23
C ARG J 21 19.11 0.58 -31.23
N GLU J 22 20.01 1.20 -30.45
CA GLU J 22 20.72 0.47 -29.40
C GLU J 22 19.78 0.00 -28.30
N SER J 23 18.65 0.65 -28.11
CA SER J 23 17.68 0.27 -27.09
C SER J 23 16.76 -0.85 -27.54
N GLY J 24 16.86 -1.30 -28.79
CA GLY J 24 16.06 -2.38 -29.31
C GLY J 24 14.95 -1.98 -30.24
N LEU J 25 14.63 -0.69 -30.34
CA LEU J 25 13.60 -0.21 -31.24
C LEU J 25 14.20 0.04 -32.60
N HIS J 26 13.61 -0.57 -33.64
CA HIS J 26 14.16 -0.48 -34.98
C HIS J 26 13.21 0.10 -36.02
N THR J 27 11.90 0.14 -35.73
CA THR J 27 10.92 0.65 -36.68
C THR J 27 10.02 1.66 -35.98
N ALA J 28 9.36 2.49 -36.80
CA ALA J 28 8.44 3.48 -36.26
C ALA J 28 7.28 2.83 -35.52
N GLU J 29 6.86 1.64 -35.96
CA GLU J 29 5.80 0.93 -35.27
C GLU J 29 6.20 0.59 -33.84
N ALA J 30 7.47 0.19 -33.64
CA ALA J 30 7.94 -0.12 -32.29
C ALA J 30 7.89 1.11 -31.40
N VAL J 31 8.27 2.27 -31.94
CA VAL J 31 8.21 3.51 -31.17
C VAL J 31 6.75 3.85 -30.84
N ALA J 32 5.85 3.69 -31.81
CA ALA J 32 4.46 4.02 -31.58
C ALA J 32 3.83 3.11 -30.52
N TYR J 33 4.15 1.82 -30.56
CA TYR J 33 3.55 0.89 -29.61
C TYR J 33 4.14 1.04 -28.21
N ALA J 34 5.39 1.47 -28.12
CA ALA J 34 6.04 1.57 -26.82
C ALA J 34 5.39 2.65 -25.98
N PRO J 35 5.14 2.40 -24.70
CA PRO J 35 4.56 3.43 -23.84
C PRO J 35 5.59 4.49 -23.47
N ARG J 36 5.09 5.57 -22.87
CA ARG J 36 5.95 6.70 -22.51
C ARG J 36 6.97 6.33 -21.46
N LYS J 37 6.62 5.41 -20.55
CA LYS J 37 7.51 5.06 -19.45
C LYS J 37 8.83 4.49 -19.97
N ASP J 38 8.75 3.56 -20.93
CA ASP J 38 9.98 2.98 -21.47
C ASP J 38 10.81 3.99 -22.24
N LEU J 39 10.15 4.93 -22.93
CA LEU J 39 10.87 5.99 -23.61
C LEU J 39 11.63 6.87 -22.61
N LEU J 40 10.99 7.17 -21.47
CA LEU J 40 11.67 7.96 -20.45
C LEU J 40 12.86 7.22 -19.86
N GLU J 41 12.81 5.89 -19.82
CA GLU J 41 13.92 5.11 -19.29
C GLU J 41 15.18 5.19 -20.15
N ILE J 42 15.06 5.61 -21.40
CA ILE J 42 16.20 5.69 -22.29
C ILE J 42 17.06 6.88 -21.90
N LYS J 43 18.37 6.65 -21.76
CA LYS J 43 19.29 7.72 -21.37
C LYS J 43 19.38 8.77 -22.47
N GLY J 44 19.43 10.04 -22.05
CA GLY J 44 19.55 11.14 -22.99
C GLY J 44 18.28 11.52 -23.70
N ILE J 45 17.11 11.16 -23.17
CA ILE J 45 15.83 11.48 -23.79
C ILE J 45 15.05 12.37 -22.82
N SER J 46 14.58 13.51 -23.32
CA SER J 46 13.79 14.43 -22.52
C SER J 46 12.31 14.19 -22.72
N GLU J 47 11.50 14.74 -21.80
CA GLU J 47 10.05 14.56 -21.87
C GLU J 47 9.49 15.21 -23.13
N ALA J 48 9.93 16.41 -23.45
CA ALA J 48 9.45 17.09 -24.65
C ALA J 48 9.87 16.33 -25.91
N LYS J 49 11.11 15.84 -25.94
CA LYS J 49 11.56 15.07 -27.09
C LYS J 49 10.77 13.76 -27.22
N ALA J 50 10.49 13.11 -26.10
CA ALA J 50 9.69 11.89 -26.14
C ALA J 50 8.27 12.17 -26.65
N ASP J 51 7.68 13.28 -26.20
CA ASP J 51 6.35 13.65 -26.69
C ASP J 51 6.37 13.94 -28.18
N LYS J 52 7.41 14.63 -28.65
CA LYS J 52 7.53 14.90 -30.09
C LYS J 52 7.66 13.60 -30.87
N LEU J 53 8.47 12.66 -30.36
CA LEU J 53 8.61 11.37 -31.02
C LEU J 53 7.28 10.62 -31.06
N LEU J 54 6.53 10.64 -29.96
CA LEU J 54 5.24 9.97 -29.92
C LEU J 54 4.27 10.58 -30.92
N ASN J 55 4.23 11.91 -31.00
CA ASN J 55 3.35 12.57 -31.96
C ASN J 55 3.75 12.24 -33.39
N GLU J 56 5.04 12.25 -33.69
CA GLU J 56 5.50 11.92 -35.04
C GLU J 56 5.15 10.48 -35.40
N ALA J 57 5.34 9.55 -34.46
CA ALA J 57 4.96 8.17 -34.72
C ALA J 57 3.46 8.02 -34.92
N ALA J 58 2.65 8.70 -34.11
CA ALA J 58 1.21 8.62 -34.26
C ALA J 58 0.75 9.19 -35.60
N ARG J 59 1.43 10.22 -36.11
CA ARG J 59 1.10 10.73 -37.42
C ARG J 59 1.37 9.71 -38.53
N LEU J 60 2.46 8.96 -38.42
CA LEU J 60 2.85 8.06 -39.51
C LEU J 60 1.94 6.84 -39.57
N VAL J 61 1.62 6.23 -38.43
CA VAL J 61 0.82 5.01 -38.43
C VAL J 61 -0.53 5.28 -37.78
N PRO J 62 -1.63 4.76 -38.33
CA PRO J 62 -2.94 5.04 -37.75
C PRO J 62 -3.15 4.26 -36.46
N MET J 63 -3.91 4.87 -35.55
CA MET J 63 -4.27 4.24 -34.28
C MET J 63 -5.73 4.44 -33.92
N GLY J 64 -6.54 4.96 -34.84
CA GLY J 64 -7.92 5.28 -34.56
C GLY J 64 -8.86 4.11 -34.78
N PHE J 65 -10.15 4.43 -34.92
CA PHE J 65 -11.18 3.43 -35.08
C PHE J 65 -11.41 3.12 -36.55
N VAL J 66 -11.62 1.85 -36.86
CA VAL J 66 -11.83 1.38 -38.22
C VAL J 66 -13.09 0.51 -38.24
N THR J 67 -13.90 0.68 -39.28
CA THR J 67 -15.12 -0.11 -39.42
C THR J 67 -14.79 -1.58 -39.59
N ALA J 68 -15.72 -2.44 -39.17
CA ALA J 68 -15.48 -3.88 -39.21
C ALA J 68 -15.35 -4.41 -40.63
N ALA J 69 -16.05 -3.79 -41.58
CA ALA J 69 -15.98 -4.28 -42.96
C ALA J 69 -14.58 -4.14 -43.53
N ASP J 70 -13.93 -2.99 -43.29
CA ASP J 70 -12.58 -2.78 -43.80
C ASP J 70 -11.59 -3.73 -43.12
N PHE J 71 -11.75 -3.95 -41.82
CA PHE J 71 -10.88 -4.90 -41.13
C PHE J 71 -11.06 -6.31 -41.69
N HIS J 72 -12.31 -6.70 -41.98
CA HIS J 72 -12.56 -8.01 -42.54
C HIS J 72 -11.94 -8.16 -43.92
N MET J 73 -12.10 -7.14 -44.77
CA MET J 73 -11.54 -7.22 -46.12
C MET J 73 -10.01 -7.16 -46.07
N ARG J 74 -9.44 -6.52 -45.05
CA ARG J 74 -7.99 -6.53 -44.88
C ARG J 74 -7.49 -7.90 -44.47
N ARG J 75 -8.16 -8.51 -43.48
CA ARG J 75 -7.77 -9.84 -43.03
C ARG J 75 -8.01 -10.91 -44.09
N SER J 76 -8.92 -10.66 -45.02
CA SER J 76 -9.18 -11.63 -46.09
C SER J 76 -7.97 -11.82 -46.99
N GLU J 77 -7.03 -10.87 -47.01
CA GLU J 77 -5.84 -10.95 -47.85
C GLU J 77 -4.61 -11.42 -47.08
N LEU J 78 -4.79 -11.90 -45.85
CA LEU J 78 -3.65 -12.34 -45.05
C LEU J 78 -3.04 -13.61 -45.64
N ILE J 79 -1.74 -13.77 -45.43
CA ILE J 79 -0.98 -14.88 -45.99
C ILE J 79 -1.00 -16.06 -45.03
N CYS J 80 -1.34 -17.23 -45.54
CA CYS J 80 -1.32 -18.46 -44.77
C CYS J 80 -0.29 -19.41 -45.36
N LEU J 81 0.49 -20.06 -44.49
CA LEU J 81 1.57 -20.93 -44.90
C LEU J 81 1.11 -22.38 -44.85
N THR J 82 1.25 -23.08 -45.98
CA THR J 82 0.89 -24.49 -46.02
C THR J 82 1.86 -25.33 -45.19
N THR J 83 1.32 -26.40 -44.60
CA THR J 83 2.10 -27.31 -43.77
C THR J 83 2.47 -28.59 -44.49
N GLY J 84 2.17 -28.70 -45.78
CA GLY J 84 2.44 -29.90 -46.53
C GLY J 84 1.42 -31.00 -46.36
N SER J 85 0.39 -30.80 -45.56
CA SER J 85 -0.66 -31.79 -45.36
C SER J 85 -2.01 -31.14 -45.65
N LYS J 86 -2.82 -31.82 -46.48
CA LYS J 86 -4.13 -31.28 -46.81
C LYS J 86 -5.06 -31.28 -45.60
N ASN J 87 -4.96 -32.30 -44.75
CA ASN J 87 -5.81 -32.35 -43.56
C ASN J 87 -5.51 -31.19 -42.62
N LEU J 88 -4.23 -30.89 -42.40
CA LEU J 88 -3.87 -29.77 -41.54
C LEU J 88 -4.34 -28.45 -42.13
N ASP J 89 -4.21 -28.29 -43.46
CA ASP J 89 -4.69 -27.07 -44.10
C ASP J 89 -6.20 -26.91 -43.94
N THR J 90 -6.94 -28.01 -44.10
CA THR J 90 -8.39 -27.96 -43.92
C THR J 90 -8.76 -27.62 -42.48
N LEU J 91 -8.06 -28.21 -41.51
CA LEU J 91 -8.36 -27.92 -40.11
C LEU J 91 -8.04 -26.48 -39.75
N LEU J 92 -6.93 -25.95 -40.24
CA LEU J 92 -6.54 -24.58 -39.96
C LEU J 92 -7.09 -23.59 -40.98
N GLY J 93 -7.87 -24.04 -41.94
CA GLY J 93 -8.44 -23.14 -42.94
C GLY J 93 -7.42 -22.51 -43.85
N GLY J 94 -6.46 -23.29 -44.34
CA GLY J 94 -5.44 -22.79 -45.25
C GLY J 94 -4.02 -22.81 -44.70
N GLY J 95 -3.82 -23.20 -43.45
CA GLY J 95 -2.51 -23.25 -42.84
C GLY J 95 -2.39 -22.29 -41.69
N VAL J 96 -1.16 -22.15 -41.19
CA VAL J 96 -0.89 -21.25 -40.07
C VAL J 96 -1.11 -19.81 -40.53
N GLU J 97 -1.54 -18.97 -39.61
CA GLU J 97 -1.90 -17.59 -39.90
C GLU J 97 -0.80 -16.65 -39.43
N THR J 98 -0.38 -15.75 -40.31
CA THR J 98 0.63 -14.76 -39.96
C THR J 98 0.04 -13.72 -39.01
N GLY J 99 0.90 -13.15 -38.18
CA GLY J 99 0.47 -12.17 -37.21
C GLY J 99 -0.20 -12.73 -35.97
N SER J 100 -0.16 -14.05 -35.79
CA SER J 100 -0.77 -14.69 -34.64
C SER J 100 0.18 -15.74 -34.09
N ILE J 101 -0.01 -16.06 -32.81
CA ILE J 101 0.85 -17.02 -32.12
C ILE J 101 0.18 -18.38 -32.14
N THR J 102 0.88 -19.37 -32.70
CA THR J 102 0.42 -20.75 -32.75
C THR J 102 1.29 -21.60 -31.84
N GLU J 103 0.65 -22.38 -30.98
CA GLU J 103 1.34 -23.23 -30.02
C GLU J 103 1.05 -24.69 -30.34
N LEU J 104 2.09 -25.52 -30.28
CA LEU J 104 1.96 -26.96 -30.45
C LEU J 104 2.43 -27.64 -29.17
N PHE J 105 1.55 -28.41 -28.56
CA PHE J 105 1.88 -29.07 -27.30
C PHE J 105 1.52 -30.55 -27.38
N GLY J 106 2.31 -31.35 -26.67
CA GLY J 106 2.13 -32.79 -26.67
C GLY J 106 3.35 -33.45 -26.08
N GLU J 107 3.25 -34.76 -25.92
CA GLU J 107 4.36 -35.54 -25.38
C GLU J 107 5.47 -35.63 -26.42
N PHE J 108 6.51 -36.40 -26.08
CA PHE J 108 7.64 -36.58 -26.99
C PHE J 108 7.22 -37.42 -28.19
N ARG J 109 8.15 -37.53 -29.16
CA ARG J 109 7.97 -38.30 -30.40
C ARG J 109 6.61 -38.07 -31.06
N THR J 110 6.08 -36.85 -30.95
CA THR J 110 4.85 -36.48 -31.65
C THR J 110 5.09 -35.69 -32.92
N GLY J 111 6.35 -35.44 -33.28
CA GLY J 111 6.65 -34.79 -34.54
C GLY J 111 6.51 -33.28 -34.56
N LYS J 112 6.53 -32.63 -33.41
CA LYS J 112 6.44 -31.17 -33.38
C LYS J 112 7.64 -30.54 -34.08
N SER J 113 8.84 -31.07 -33.83
CA SER J 113 10.03 -30.54 -34.48
C SER J 113 9.99 -30.79 -35.98
N GLN J 114 9.43 -31.93 -36.40
CA GLN J 114 9.28 -32.20 -37.82
C GLN J 114 8.36 -31.19 -38.49
N LEU J 115 7.25 -30.86 -37.82
CA LEU J 115 6.34 -29.84 -38.34
C LEU J 115 7.01 -28.48 -38.38
N CYS J 116 7.83 -28.17 -37.37
CA CYS J 116 8.56 -26.90 -37.38
C CYS J 116 9.53 -26.84 -38.54
N HIS J 117 10.24 -27.93 -38.83
CA HIS J 117 11.13 -27.97 -39.97
C HIS J 117 10.37 -27.80 -41.28
N THR J 118 9.21 -28.46 -41.39
CA THR J 118 8.40 -28.34 -42.60
C THR J 118 7.94 -26.90 -42.79
N LEU J 119 7.50 -26.24 -41.71
CA LEU J 119 7.12 -24.84 -41.81
C LEU J 119 8.30 -23.95 -42.18
N ALA J 120 9.48 -24.24 -41.60
CA ALA J 120 10.66 -23.44 -41.90
C ALA J 120 11.07 -23.54 -43.36
N VAL J 121 11.02 -24.73 -43.95
CA VAL J 121 11.36 -24.91 -45.35
C VAL J 121 10.29 -24.36 -46.28
N THR J 122 9.01 -24.55 -45.93
CA THR J 122 7.93 -24.14 -46.83
C THR J 122 7.69 -22.63 -46.81
N CYS J 123 8.33 -21.89 -45.90
CA CYS J 123 8.17 -20.44 -45.89
C CYS J 123 8.87 -19.77 -47.06
N GLN J 124 9.66 -20.51 -47.84
CA GLN J 124 10.44 -19.95 -48.93
C GLN J 124 9.82 -20.17 -50.31
N ILE J 125 8.90 -21.13 -50.45
CA ILE J 125 8.31 -21.45 -51.73
C ILE J 125 7.37 -20.31 -52.14
N PRO J 126 7.07 -20.15 -53.43
CA PRO J 126 6.25 -19.01 -53.86
C PRO J 126 4.85 -19.02 -53.26
N LEU J 127 4.20 -17.86 -53.34
CA LEU J 127 2.90 -17.68 -52.70
C LEU J 127 1.84 -18.58 -53.31
N ASP J 128 1.86 -18.73 -54.65
CA ASP J 128 0.81 -19.49 -55.33
C ASP J 128 0.76 -20.94 -54.88
N ILE J 129 1.85 -21.47 -54.31
CA ILE J 129 1.85 -22.83 -53.78
C ILE J 129 1.48 -22.85 -52.30
N GLY J 130 1.47 -21.69 -51.64
CA GLY J 130 1.16 -21.61 -50.23
C GLY J 130 2.30 -21.20 -49.34
N GLY J 131 3.39 -20.65 -49.89
CA GLY J 131 4.53 -20.23 -49.12
C GLY J 131 4.40 -18.80 -48.64
N GLY J 132 5.53 -18.25 -48.21
CA GLY J 132 5.57 -16.89 -47.72
C GLY J 132 6.60 -16.02 -48.41
N GLU J 133 7.54 -16.66 -49.11
CA GLU J 133 8.61 -15.97 -49.83
C GLU J 133 9.40 -15.06 -48.89
N GLY J 134 10.05 -15.67 -47.90
CA GLY J 134 10.85 -14.94 -46.95
C GLY J 134 11.76 -15.87 -46.18
N LYS J 135 12.76 -15.28 -45.54
CA LYS J 135 13.69 -16.05 -44.74
C LYS J 135 13.01 -16.55 -43.46
N CYS J 136 13.59 -17.60 -42.88
CA CYS J 136 13.11 -18.18 -41.65
C CYS J 136 14.13 -17.99 -40.54
N LEU J 137 13.64 -17.84 -39.32
CA LEU J 137 14.47 -17.69 -38.13
C LEU J 137 14.14 -18.82 -37.17
N TYR J 138 15.19 -19.46 -36.63
CA TYR J 138 15.02 -20.60 -35.74
C TYR J 138 15.77 -20.35 -34.45
N ILE J 139 15.10 -20.55 -33.33
CA ILE J 139 15.69 -20.48 -32.00
C ILE J 139 15.52 -21.85 -31.35
N ASP J 140 16.63 -22.49 -31.01
CA ASP J 140 16.61 -23.84 -30.47
C ASP J 140 17.07 -23.82 -29.02
N THR J 141 16.27 -24.40 -28.13
CA THR J 141 16.59 -24.47 -26.73
C THR J 141 16.88 -25.88 -26.23
N GLU J 142 16.96 -26.85 -27.13
CA GLU J 142 17.25 -28.23 -26.75
C GLU J 142 18.35 -28.88 -27.58
N GLY J 143 18.93 -28.16 -28.53
CA GLY J 143 19.96 -28.75 -29.38
C GLY J 143 19.46 -29.86 -30.28
N THR J 144 18.26 -29.71 -30.82
CA THR J 144 17.64 -30.74 -31.66
C THR J 144 17.54 -30.34 -33.12
N PHE J 145 18.15 -29.23 -33.51
CA PHE J 145 18.12 -28.80 -34.90
C PHE J 145 18.89 -29.79 -35.78
N ARG J 146 18.29 -30.15 -36.92
CA ARG J 146 18.89 -31.12 -37.83
C ARG J 146 18.74 -30.61 -39.26
N PRO J 147 19.80 -30.04 -39.84
CA PRO J 147 19.71 -29.54 -41.22
C PRO J 147 19.45 -30.63 -42.25
N VAL J 148 19.70 -31.90 -41.93
CA VAL J 148 19.48 -32.98 -42.88
C VAL J 148 18.00 -33.06 -43.25
N ARG J 149 17.12 -32.91 -42.26
CA ARG J 149 15.69 -32.89 -42.55
C ARG J 149 15.32 -31.73 -43.46
N LEU J 150 15.90 -30.55 -43.23
CA LEU J 150 15.65 -29.42 -44.12
C LEU J 150 16.10 -29.71 -45.53
N VAL J 151 17.28 -30.32 -45.69
CA VAL J 151 17.78 -30.63 -47.03
C VAL J 151 16.86 -31.61 -47.74
N SER J 152 16.45 -32.68 -47.03
CA SER J 152 15.58 -33.66 -47.65
C SER J 152 14.23 -33.07 -48.03
N ILE J 153 13.63 -32.28 -47.14
CA ILE J 153 12.31 -31.72 -47.42
C ILE J 153 12.39 -30.70 -48.56
N ALA J 154 13.46 -29.91 -48.60
CA ALA J 154 13.66 -29.00 -49.73
C ALA J 154 13.83 -29.77 -51.03
N GLN J 155 14.49 -30.94 -50.97
CA GLN J 155 14.54 -31.81 -52.14
C GLN J 155 13.15 -32.27 -52.55
N ARG J 156 12.26 -32.49 -51.57
CA ARG J 156 10.88 -32.83 -51.90
C ARG J 156 10.19 -31.73 -52.70
N PHE J 157 10.37 -30.48 -52.28
CA PHE J 157 9.70 -29.35 -52.92
C PHE J 157 10.45 -28.81 -54.12
N GLY J 158 11.60 -29.37 -54.47
CA GLY J 158 12.34 -28.92 -55.62
C GLY J 158 13.16 -27.67 -55.43
N LEU J 159 13.38 -27.25 -54.18
CA LEU J 159 14.20 -26.09 -53.91
C LEU J 159 15.69 -26.47 -53.98
N ASP J 160 16.53 -25.45 -54.15
CA ASP J 160 17.96 -25.65 -54.12
C ASP J 160 18.41 -25.83 -52.67
N PRO J 161 19.04 -26.95 -52.31
CA PRO J 161 19.44 -27.13 -50.90
C PRO J 161 20.37 -26.05 -50.39
N ASP J 162 21.30 -25.57 -51.23
CA ASP J 162 22.23 -24.54 -50.80
C ASP J 162 21.50 -23.25 -50.46
N ASP J 163 20.61 -22.81 -51.36
CA ASP J 163 19.84 -21.59 -51.09
C ASP J 163 18.91 -21.76 -49.90
N ALA J 164 18.30 -22.94 -49.78
CA ALA J 164 17.41 -23.19 -48.65
C ALA J 164 18.16 -23.11 -47.33
N LEU J 165 19.35 -23.68 -47.26
CA LEU J 165 20.15 -23.59 -46.05
C LEU J 165 20.63 -22.17 -45.81
N ASN J 166 20.97 -21.44 -46.87
CA ASN J 166 21.46 -20.08 -46.72
C ASN J 166 20.37 -19.11 -46.28
N ASN J 167 19.11 -19.40 -46.59
CA ASN J 167 18.02 -18.50 -46.28
C ASN J 167 17.42 -18.73 -44.89
N VAL J 168 17.99 -19.64 -44.11
CA VAL J 168 17.49 -19.95 -42.78
C VAL J 168 18.55 -19.54 -41.76
N ALA J 169 18.17 -18.69 -40.81
CA ALA J 169 19.05 -18.28 -39.73
C ALA J 169 18.76 -19.13 -38.50
N TYR J 170 19.82 -19.52 -37.80
CA TYR J 170 19.71 -20.42 -36.66
C TYR J 170 20.43 -19.83 -35.46
N ALA J 171 19.87 -20.04 -34.27
CA ALA J 171 20.51 -19.62 -33.03
C ALA J 171 20.09 -20.55 -31.91
N ARG J 172 20.92 -20.62 -30.88
CA ARG J 172 20.64 -21.45 -29.71
C ARG J 172 20.75 -20.61 -28.44
N ALA J 173 19.82 -20.83 -27.53
CA ALA J 173 19.78 -20.13 -26.25
C ALA J 173 20.19 -21.07 -25.14
N TYR J 174 21.03 -20.58 -24.23
CA TYR J 174 21.52 -21.38 -23.12
C TYR J 174 20.86 -21.06 -21.79
N ASN J 175 20.16 -19.93 -21.69
CA ASN J 175 19.44 -19.57 -20.48
C ASN J 175 18.30 -18.64 -20.84
N ALA J 176 17.46 -18.33 -19.85
CA ALA J 176 16.31 -17.47 -20.09
C ALA J 176 16.75 -16.08 -20.51
N ASP J 177 17.78 -15.53 -19.87
CA ASP J 177 18.24 -14.19 -20.22
C ASP J 177 18.75 -14.13 -21.65
N HIS J 178 19.52 -15.13 -22.07
CA HIS J 178 20.01 -15.17 -23.45
C HIS J 178 18.85 -15.33 -24.43
N GLN J 179 17.87 -16.16 -24.07
CA GLN J 179 16.70 -16.35 -24.94
C GLN J 179 15.94 -15.04 -25.13
N LEU J 180 15.76 -14.28 -24.05
CA LEU J 180 15.10 -12.98 -24.18
C LEU J 180 15.96 -12.00 -24.98
N ARG J 181 17.28 -12.03 -24.76
CA ARG J 181 18.16 -11.08 -25.43
C ARG J 181 18.24 -11.33 -26.94
N LEU J 182 18.07 -12.58 -27.37
CA LEU J 182 18.16 -12.90 -28.80
C LEU J 182 17.09 -12.17 -29.60
N LEU J 183 16.02 -11.73 -28.96
CA LEU J 183 14.94 -11.08 -29.67
C LEU J 183 15.37 -9.75 -30.28
N ASP J 184 16.29 -9.03 -29.61
CA ASP J 184 16.78 -7.78 -30.17
C ASP J 184 17.52 -8.02 -31.49
N ALA J 185 18.39 -9.02 -31.52
CA ALA J 185 19.10 -9.35 -32.74
C ALA J 185 18.12 -9.83 -33.83
N ALA J 186 17.12 -10.62 -33.43
CA ALA J 186 16.13 -11.05 -34.41
C ALA J 186 15.38 -9.87 -35.01
N ALA J 187 14.99 -8.91 -34.17
CA ALA J 187 14.29 -7.72 -34.65
C ALA J 187 15.16 -6.91 -35.59
N GLN J 188 16.45 -6.76 -35.25
CA GLN J 188 17.36 -6.03 -36.12
C GLN J 188 17.50 -6.73 -37.47
N MET J 189 17.66 -8.06 -37.46
CA MET J 189 17.80 -8.79 -38.72
C MET J 189 16.54 -8.66 -39.57
N MET J 190 15.36 -8.79 -38.96
CA MET J 190 14.13 -8.65 -39.72
C MET J 190 13.87 -7.22 -40.16
N SER J 191 14.46 -6.23 -39.49
CA SER J 191 14.42 -4.86 -39.97
C SER J 191 15.35 -4.65 -41.15
N GLU J 192 16.47 -5.36 -41.21
CA GLU J 192 17.40 -5.24 -42.32
C GLU J 192 17.02 -6.08 -43.52
N SER J 193 16.27 -7.17 -43.33
CA SER J 193 15.89 -8.04 -44.43
C SER J 193 14.53 -8.64 -44.15
N ARG J 194 13.86 -9.09 -45.21
CA ARG J 194 12.49 -9.59 -45.09
C ARG J 194 12.50 -11.02 -44.54
N PHE J 195 11.68 -11.24 -43.51
CA PHE J 195 11.47 -12.56 -42.94
C PHE J 195 9.98 -12.87 -42.95
N SER J 196 9.64 -14.14 -42.73
CA SER J 196 8.25 -14.57 -42.72
C SER J 196 7.88 -15.48 -41.55
N LEU J 197 8.82 -16.20 -40.95
CA LEU J 197 8.48 -17.18 -39.93
C LEU J 197 9.48 -17.13 -38.78
N ILE J 198 8.98 -17.30 -37.57
CA ILE J 198 9.78 -17.42 -36.37
C ILE J 198 9.36 -18.69 -35.64
N VAL J 199 10.34 -19.50 -35.23
CA VAL J 199 10.08 -20.76 -34.56
C VAL J 199 10.83 -20.77 -33.23
N VAL J 200 10.14 -21.13 -32.16
CA VAL J 200 10.74 -21.24 -30.83
C VAL J 200 10.44 -22.64 -30.31
N ASP J 201 11.50 -23.42 -30.08
CA ASP J 201 11.38 -24.80 -29.62
C ASP J 201 12.55 -25.08 -28.69
N SER J 202 12.28 -25.11 -27.38
CA SER J 202 10.94 -24.89 -26.84
C SER J 202 10.96 -23.74 -25.85
N VAL J 203 9.78 -23.17 -25.59
CA VAL J 203 9.68 -21.97 -24.76
C VAL J 203 10.02 -22.29 -23.31
N MET J 204 9.45 -23.36 -22.76
CA MET J 204 9.50 -23.63 -21.34
C MET J 204 10.64 -24.56 -20.93
N ALA J 205 11.54 -24.90 -21.84
CA ALA J 205 12.63 -25.81 -21.50
C ALA J 205 13.54 -25.21 -20.44
N LEU J 206 13.92 -23.94 -20.61
CA LEU J 206 14.88 -23.33 -19.69
C LEU J 206 14.22 -22.93 -18.37
N TYR J 207 12.97 -22.47 -18.42
CA TYR J 207 12.32 -21.94 -17.23
C TYR J 207 12.11 -22.98 -16.16
N ARG J 208 12.04 -24.26 -16.53
CA ARG J 208 11.86 -25.32 -15.53
C ARG J 208 13.04 -25.38 -14.58
N THR J 209 14.26 -25.24 -15.10
CA THR J 209 15.46 -25.35 -14.28
C THR J 209 15.98 -24.00 -13.79
N ASP J 210 15.75 -22.92 -14.55
CA ASP J 210 16.30 -21.63 -14.16
C ASP J 210 15.73 -21.13 -12.85
N PHE J 211 14.43 -21.35 -12.63
CA PHE J 211 13.74 -20.86 -11.45
C PHE J 211 13.37 -22.02 -10.54
N SER J 212 13.57 -21.84 -9.24
CA SER J 212 13.49 -22.92 -8.27
C SER J 212 12.50 -22.60 -7.17
N GLY J 213 11.64 -23.58 -6.86
CA GLY J 213 10.76 -23.49 -5.71
C GLY J 213 9.52 -22.66 -5.98
N ARG J 214 8.60 -22.71 -5.01
CA ARG J 214 7.40 -21.87 -5.08
C ARG J 214 7.74 -20.40 -4.91
N GLY J 215 8.86 -20.10 -4.24
CA GLY J 215 9.23 -18.70 -4.03
C GLY J 215 9.56 -17.98 -5.33
N GLU J 216 10.17 -18.68 -6.28
CA GLU J 216 10.56 -18.11 -7.56
C GLU J 216 9.52 -18.33 -8.64
N LEU J 217 8.35 -18.88 -8.30
CA LEU J 217 7.31 -19.11 -9.29
C LEU J 217 6.82 -17.80 -9.90
N SER J 218 6.62 -16.78 -9.06
CA SER J 218 6.14 -15.50 -9.57
C SER J 218 7.12 -14.88 -10.55
N ALA J 219 8.41 -14.91 -10.23
CA ALA J 219 9.41 -14.34 -11.12
C ALA J 219 9.44 -15.09 -12.45
N ARG J 220 9.37 -16.41 -12.40
CA ARG J 220 9.37 -17.20 -13.64
C ARG J 220 8.16 -16.88 -14.49
N GLN J 221 6.97 -16.83 -13.88
CA GLN J 221 5.76 -16.54 -14.63
C GLN J 221 5.81 -15.14 -15.23
N MET J 222 6.32 -14.17 -14.48
CA MET J 222 6.37 -12.80 -15.00
C MET J 222 7.40 -12.67 -16.12
N HIS J 223 8.54 -13.38 -16.01
CA HIS J 223 9.51 -13.37 -17.08
C HIS J 223 8.93 -14.00 -18.34
N LEU J 224 8.19 -15.09 -18.19
CA LEU J 224 7.52 -15.70 -19.33
C LEU J 224 6.50 -14.76 -19.95
N ALA J 225 5.77 -14.03 -19.12
CA ALA J 225 4.80 -13.05 -19.62
C ALA J 225 5.50 -11.96 -20.42
N LYS J 226 6.63 -11.46 -19.91
CA LYS J 226 7.39 -10.45 -20.65
C LYS J 226 7.89 -11.00 -21.98
N PHE J 227 8.38 -12.24 -21.98
CA PHE J 227 8.86 -12.84 -23.22
C PHE J 227 7.74 -12.97 -24.24
N MET J 228 6.55 -13.42 -23.82
CA MET J 228 5.45 -13.53 -24.75
C MET J 228 4.94 -12.18 -25.21
N ARG J 229 4.96 -11.17 -24.34
CA ARG J 229 4.59 -9.83 -24.77
C ARG J 229 5.54 -9.32 -25.84
N ALA J 230 6.84 -9.54 -25.65
CA ALA J 230 7.81 -9.15 -26.66
C ALA J 230 7.58 -9.90 -27.97
N LEU J 231 7.28 -11.20 -27.88
CA LEU J 231 7.01 -11.99 -29.08
C LEU J 231 5.80 -11.45 -29.83
N GLN J 232 4.72 -11.14 -29.11
CA GLN J 232 3.52 -10.60 -29.74
C GLN J 232 3.79 -9.25 -30.38
N ARG J 233 4.55 -8.38 -29.69
CA ARG J 233 4.91 -7.08 -30.25
C ARG J 233 5.70 -7.25 -31.53
N LEU J 234 6.67 -8.16 -31.53
CA LEU J 234 7.45 -8.43 -32.73
C LEU J 234 6.55 -8.93 -33.85
N ALA J 235 5.61 -9.83 -33.51
CA ALA J 235 4.75 -10.43 -34.52
C ALA J 235 3.88 -9.38 -35.21
N ASP J 236 3.22 -8.51 -34.43
CA ASP J 236 2.37 -7.53 -35.12
C ASP J 236 3.18 -6.33 -35.63
N GLN J 237 4.44 -6.20 -35.23
CA GLN J 237 5.29 -5.18 -35.82
C GLN J 237 5.76 -5.58 -37.21
N PHE J 238 6.17 -6.83 -37.40
CA PHE J 238 6.71 -7.27 -38.67
C PHE J 238 5.74 -8.14 -39.48
N GLY J 239 4.64 -8.59 -38.89
CA GLY J 239 3.68 -9.37 -39.63
C GLY J 239 4.14 -10.77 -40.01
N VAL J 240 5.07 -11.34 -39.24
CA VAL J 240 5.58 -12.67 -39.53
C VAL J 240 4.86 -13.68 -38.66
N ALA J 241 4.72 -14.91 -39.17
CA ALA J 241 4.10 -15.97 -38.39
C ALA J 241 5.02 -16.39 -37.26
N VAL J 242 4.42 -16.78 -36.14
CA VAL J 242 5.16 -17.21 -34.95
C VAL J 242 4.64 -18.58 -34.53
N VAL J 243 5.55 -19.53 -34.35
CA VAL J 243 5.22 -20.88 -33.91
C VAL J 243 6.08 -21.21 -32.70
N VAL J 244 5.45 -21.70 -31.64
CA VAL J 244 6.14 -22.06 -30.41
C VAL J 244 5.75 -23.48 -30.02
N THR J 245 6.70 -24.23 -29.48
CA THR J 245 6.45 -25.58 -29.00
C THR J 245 6.53 -25.61 -27.49
N ASN J 246 5.69 -26.46 -26.89
CA ASN J 246 5.61 -26.56 -25.44
C ASN J 246 5.57 -28.02 -25.02
N GLN J 247 6.00 -28.28 -23.79
CA GLN J 247 6.02 -29.63 -23.25
C GLN J 247 4.73 -29.89 -22.47
N VAL J 248 4.62 -31.09 -21.89
CA VAL J 248 3.45 -31.48 -21.14
C VAL J 248 3.87 -32.07 -19.80
N VAL J 249 2.93 -32.08 -18.86
CA VAL J 249 3.14 -32.64 -17.53
C VAL J 249 1.90 -33.42 -17.14
N ALA J 250 2.10 -34.54 -16.47
CA ALA J 250 0.99 -35.36 -16.00
C ALA J 250 0.50 -34.85 -14.64
N GLN J 251 -0.80 -34.66 -14.51
CA GLN J 251 -1.38 -34.17 -13.26
C GLN J 251 -1.57 -35.34 -12.30
N VAL J 252 -0.90 -35.27 -11.15
CA VAL J 252 -0.97 -36.36 -10.18
C VAL J 252 -2.37 -36.46 -9.57
N ASP J 253 -2.94 -35.31 -9.20
CA ASP J 253 -4.27 -35.28 -8.58
C ASP J 253 -5.30 -35.74 -9.60
N GLY J 254 -5.88 -36.92 -9.37
CA GLY J 254 -6.88 -37.45 -10.26
C GLY J 254 -8.28 -37.01 -9.91
N GLY J 255 -8.40 -35.83 -9.30
CA GLY J 255 -9.71 -35.32 -8.93
C GLY J 255 -10.59 -35.03 -10.14
N MET J 256 -10.02 -34.43 -11.17
CA MET J 256 -10.77 -34.14 -12.40
C MET J 256 -10.72 -35.34 -13.34
N ALA J 257 -11.44 -36.39 -12.92
CA ALA J 257 -11.53 -37.61 -13.71
C ALA J 257 -12.35 -37.42 -14.99
N PHE J 258 -13.02 -36.28 -15.14
CA PHE J 258 -13.80 -36.02 -16.34
C PHE J 258 -12.92 -36.00 -17.58
N ASN J 259 -11.70 -35.44 -17.48
CA ASN J 259 -10.79 -35.40 -18.61
C ASN J 259 -10.07 -36.73 -18.74
N PRO J 260 -10.25 -37.46 -19.84
CA PRO J 260 -9.53 -38.74 -19.99
C PRO J 260 -8.02 -38.57 -20.16
N ASP J 261 -7.55 -37.39 -20.53
CA ASP J 261 -6.13 -37.17 -20.75
C ASP J 261 -5.52 -36.52 -19.52
N PRO J 262 -4.63 -37.20 -18.79
CA PRO J 262 -4.02 -36.60 -17.61
C PRO J 262 -2.81 -35.71 -17.88
N LYS J 263 -2.58 -35.31 -19.13
CA LYS J 263 -1.43 -34.50 -19.50
C LYS J 263 -1.90 -33.11 -19.89
N LYS J 264 -1.25 -32.09 -19.34
CA LYS J 264 -1.57 -30.71 -19.65
C LYS J 264 -0.30 -29.94 -19.98
N PRO J 265 -0.40 -28.92 -20.83
CA PRO J 265 0.80 -28.17 -21.23
C PRO J 265 1.38 -27.35 -20.10
N ILE J 266 2.69 -27.07 -20.22
CA ILE J 266 3.40 -26.27 -19.22
C ILE J 266 3.06 -24.80 -19.42
N GLY J 267 3.38 -24.00 -18.41
CA GLY J 267 3.27 -22.55 -18.47
C GLY J 267 2.05 -22.01 -17.74
N GLY J 268 1.00 -22.82 -17.58
CA GLY J 268 -0.15 -22.37 -16.83
C GLY J 268 -0.97 -21.30 -17.54
N ASN J 269 -1.55 -20.43 -16.72
CA ASN J 269 -2.53 -19.47 -17.22
C ASN J 269 -1.90 -18.46 -18.18
N ILE J 270 -0.68 -18.00 -17.87
CA ILE J 270 -0.02 -17.04 -18.74
C ILE J 270 0.20 -17.63 -20.13
N MET J 271 0.72 -18.86 -20.17
CA MET J 271 0.95 -19.53 -21.44
C MET J 271 -0.36 -19.77 -22.18
N ALA J 272 -1.41 -20.18 -21.45
CA ALA J 272 -2.69 -20.45 -22.09
C ALA J 272 -3.29 -19.20 -22.69
N HIS J 273 -3.23 -18.07 -21.98
CA HIS J 273 -3.84 -16.85 -22.46
C HIS J 273 -3.03 -16.17 -23.55
N SER J 274 -1.70 -16.25 -23.49
CA SER J 274 -0.87 -15.55 -24.46
C SER J 274 -1.04 -16.12 -25.86
N SER J 275 -1.09 -17.45 -25.99
CA SER J 275 -1.13 -18.07 -27.30
C SER J 275 -2.48 -17.86 -27.97
N THR J 276 -2.45 -17.48 -29.25
CA THR J 276 -3.68 -17.26 -29.99
C THR J 276 -4.36 -18.58 -30.37
N THR J 277 -3.58 -19.56 -30.83
CA THR J 277 -4.11 -20.86 -31.23
C THR J 277 -3.31 -21.96 -30.57
N ARG J 278 -3.98 -23.05 -30.21
CA ARG J 278 -3.35 -24.17 -29.53
C ARG J 278 -3.71 -25.49 -30.20
N LEU J 279 -2.69 -26.30 -30.49
CA LEU J 279 -2.88 -27.61 -31.11
C LEU J 279 -2.20 -28.67 -30.26
N GLY J 280 -2.95 -29.70 -29.90
CA GLY J 280 -2.43 -30.83 -29.16
C GLY J 280 -2.12 -31.99 -30.08
N PHE J 281 -1.01 -32.67 -29.79
CA PHE J 281 -0.51 -33.74 -30.63
C PHE J 281 -0.46 -35.04 -29.85
N LYS J 282 -0.90 -36.13 -30.48
CA LYS J 282 -0.87 -37.47 -29.90
C LYS J 282 -0.34 -38.44 -30.95
N LYS J 283 0.18 -39.57 -30.48
CA LYS J 283 0.74 -40.59 -31.36
C LYS J 283 -0.30 -41.65 -31.67
N GLY J 284 -0.45 -41.97 -32.95
CA GLY J 284 -1.28 -43.05 -33.42
C GLY J 284 -0.47 -44.30 -33.69
N LYS J 285 -0.90 -45.06 -34.69
CA LYS J 285 -0.18 -46.25 -35.10
C LYS J 285 0.79 -45.92 -36.22
N GLY J 286 1.94 -46.59 -36.22
CA GLY J 286 2.95 -46.35 -37.24
C GLY J 286 3.43 -44.92 -37.21
N CYS J 287 3.49 -44.30 -38.39
CA CYS J 287 3.91 -42.91 -38.52
C CYS J 287 2.76 -41.92 -38.39
N GLN J 288 1.54 -42.41 -38.16
CA GLN J 288 0.39 -41.52 -38.06
C GLN J 288 0.35 -40.83 -36.70
N ARG J 289 -0.10 -39.57 -36.72
CA ARG J 289 -0.24 -38.77 -35.53
C ARG J 289 -1.56 -38.02 -35.60
N LEU J 290 -2.11 -37.73 -34.42
CA LEU J 290 -3.40 -37.06 -34.28
C LEU J 290 -3.17 -35.64 -33.82
N CYS J 291 -3.77 -34.68 -34.53
CA CYS J 291 -3.70 -33.27 -34.17
C CYS J 291 -5.10 -32.77 -33.84
N LYS J 292 -5.24 -32.09 -32.71
CA LYS J 292 -6.54 -31.63 -32.23
C LYS J 292 -6.45 -30.15 -31.88
N VAL J 293 -7.41 -29.36 -32.36
CA VAL J 293 -7.46 -27.94 -32.05
C VAL J 293 -8.10 -27.78 -30.67
N VAL J 294 -7.39 -27.12 -29.76
CA VAL J 294 -7.87 -26.93 -28.40
C VAL J 294 -8.52 -25.57 -28.22
N ASP J 295 -7.83 -24.50 -28.63
CA ASP J 295 -8.35 -23.15 -28.53
C ASP J 295 -8.13 -22.42 -29.84
N SER J 296 -9.16 -21.73 -30.31
CA SER J 296 -9.08 -20.92 -31.52
C SER J 296 -10.24 -19.94 -31.57
N PRO J 297 -9.98 -18.66 -31.79
CA PRO J 297 -11.08 -17.68 -31.81
C PRO J 297 -12.05 -17.87 -32.95
N CYS J 298 -11.68 -18.58 -34.02
CA CYS J 298 -12.54 -18.71 -35.19
C CYS J 298 -12.62 -20.12 -35.76
N LEU J 299 -12.09 -21.12 -35.07
CA LEU J 299 -12.18 -22.46 -35.62
C LEU J 299 -12.90 -23.41 -34.66
N PRO J 300 -13.68 -24.35 -35.20
CA PRO J 300 -14.35 -25.33 -34.32
C PRO J 300 -13.38 -26.40 -33.86
N GLU J 301 -13.82 -27.15 -32.85
CA GLU J 301 -13.03 -28.22 -32.28
C GLU J 301 -13.15 -29.47 -33.14
N ALA J 302 -12.02 -30.00 -33.59
CA ALA J 302 -12.00 -31.19 -34.45
C ALA J 302 -10.62 -31.82 -34.37
N GLU J 303 -10.47 -32.95 -35.05
CA GLU J 303 -9.22 -33.71 -35.05
C GLU J 303 -8.86 -34.11 -36.47
N CYS J 304 -7.56 -34.36 -36.68
CA CYS J 304 -7.07 -34.77 -37.99
C CYS J 304 -5.90 -35.72 -37.82
N VAL J 305 -5.59 -36.44 -38.89
CA VAL J 305 -4.53 -37.44 -38.91
C VAL J 305 -3.50 -37.04 -39.94
N PHE J 306 -2.23 -37.04 -39.55
CA PHE J 306 -1.15 -36.70 -40.46
C PHE J 306 0.03 -37.62 -40.22
N ALA J 307 0.77 -37.93 -41.30
CA ALA J 307 1.88 -38.85 -41.22
C ALA J 307 3.21 -38.12 -41.40
N ILE J 308 4.27 -38.75 -40.91
CA ILE J 308 5.63 -38.24 -41.04
C ILE J 308 6.43 -39.24 -41.85
N TYR J 309 7.06 -38.76 -42.92
CA TYR J 309 7.90 -39.57 -43.78
C TYR J 309 9.26 -38.90 -43.92
N GLU J 310 10.16 -39.55 -44.67
CA GLU J 310 11.49 -39.00 -44.87
C GLU J 310 11.46 -37.63 -45.54
N ASP J 311 10.43 -37.35 -46.32
CA ASP J 311 10.30 -36.05 -46.98
C ASP J 311 9.54 -35.03 -46.16
N GLY J 312 9.10 -35.37 -44.95
CA GLY J 312 8.53 -34.40 -44.04
C GLY J 312 7.12 -34.79 -43.61
N VAL J 313 6.35 -33.78 -43.22
CA VAL J 313 4.98 -33.98 -42.78
C VAL J 313 4.07 -34.02 -44.01
N GLY J 314 3.18 -35.01 -44.05
CA GLY J 314 2.27 -35.15 -45.17
C GLY J 314 0.99 -35.83 -44.75
N ASP J 315 0.11 -36.02 -45.73
CA ASP J 315 -1.12 -36.75 -45.48
C ASP J 315 -0.82 -38.25 -45.38
N PRO J 316 -1.55 -38.97 -44.52
CA PRO J 316 -1.32 -40.41 -44.40
C PRO J 316 -1.64 -41.13 -45.70
N ARG J 317 -0.86 -42.16 -45.99
CA ARG J 317 -1.04 -42.95 -47.19
C ARG J 317 -1.98 -44.12 -46.94
N GLU J 318 -2.50 -44.69 -48.03
CA GLU J 318 -3.39 -45.84 -47.92
C GLU J 318 -2.67 -47.06 -47.35
N GLU J 319 -1.35 -47.14 -47.55
CA GLU J 319 -0.59 -48.24 -46.98
C GLU J 319 -0.58 -48.20 -45.46
N ASP J 320 -0.66 -47.01 -44.87
CA ASP J 320 -0.73 -46.87 -43.42
C ASP J 320 -2.12 -47.11 -42.86
N GLU J 321 -3.12 -47.27 -43.72
CA GLU J 321 -4.50 -47.50 -43.27
C GLU J 321 -4.82 -49.00 -43.27
N PHE K 1 33.72 38.88 45.00
CA PHE K 1 33.17 40.18 44.67
C PHE K 1 33.39 41.19 45.78
N VAL K 2 32.90 42.40 45.59
CA VAL K 2 33.05 43.49 46.54
C VAL K 2 31.70 43.74 47.20
N PRO K 3 31.58 43.59 48.52
CA PRO K 3 30.30 43.86 49.19
C PRO K 3 29.90 45.32 49.05
N ILE K 4 28.59 45.56 48.98
CA ILE K 4 28.07 46.90 48.82
C ILE K 4 28.29 47.75 50.08
N GLU K 5 28.48 47.10 51.23
CA GLU K 5 28.65 47.84 52.49
C GLU K 5 29.89 48.71 52.48
N LYS K 6 30.85 48.44 51.58
CA LYS K 6 32.04 49.28 51.47
C LYS K 6 31.73 50.65 50.86
N LEU K 7 30.52 50.85 50.34
CA LEU K 7 30.14 52.15 49.78
C LEU K 7 29.70 53.15 50.83
N GLN K 8 29.65 52.76 52.11
CA GLN K 8 29.22 53.67 53.16
C GLN K 8 30.36 54.57 53.61
N VAL K 9 31.00 55.25 52.66
CA VAL K 9 32.10 56.16 52.97
C VAL K 9 31.90 57.45 52.19
N ASN K 10 32.48 58.53 52.71
CA ASN K 10 32.50 59.84 52.07
C ASN K 10 31.09 60.35 51.80
N GLY K 11 30.32 60.48 52.88
CA GLY K 11 29.03 61.14 52.83
C GLY K 11 27.84 60.28 52.48
N ILE K 12 28.05 59.02 52.11
CA ILE K 12 26.95 58.11 51.81
C ILE K 12 26.57 57.36 53.08
N THR K 13 25.30 57.45 53.46
CA THR K 13 24.81 56.83 54.67
C THR K 13 24.21 55.45 54.38
N MET K 14 23.87 54.73 55.44
CA MET K 14 23.29 53.40 55.30
C MET K 14 21.87 53.44 54.73
N ALA K 15 21.19 54.58 54.80
CA ALA K 15 19.86 54.69 54.21
C ALA K 15 19.92 54.50 52.70
N ASP K 16 20.94 55.09 52.05
CA ASP K 16 21.11 54.90 50.62
C ASP K 16 21.39 53.44 50.29
N VAL K 17 22.17 52.76 51.13
CA VAL K 17 22.45 51.34 50.91
C VAL K 17 21.17 50.53 51.04
N LYS K 18 20.33 50.86 52.03
CA LYS K 18 19.06 50.17 52.18
C LYS K 18 18.16 50.40 50.98
N LYS K 19 18.13 51.63 50.46
CA LYS K 19 17.33 51.91 49.27
C LYS K 19 17.84 51.12 48.07
N LEU K 20 19.15 51.06 47.89
CA LEU K 20 19.72 50.28 46.79
C LEU K 20 19.40 48.80 46.93
N ARG K 21 19.48 48.27 48.15
CA ARG K 21 19.13 46.87 48.38
C ARG K 21 17.67 46.62 48.06
N GLU K 22 16.78 47.55 48.45
CA GLU K 22 15.38 47.43 48.09
C GLU K 22 15.17 47.52 46.58
N SER K 23 16.06 48.21 45.88
CA SER K 23 15.98 48.33 44.43
C SER K 23 16.55 47.12 43.71
N GLY K 24 17.15 46.17 44.43
CA GLY K 24 17.73 44.99 43.82
C GLY K 24 19.24 45.03 43.66
N LEU K 25 19.88 46.13 44.01
CA LEU K 25 21.34 46.24 43.92
C LEU K 25 21.96 45.77 45.23
N HIS K 26 22.75 44.70 45.16
CA HIS K 26 23.33 44.10 46.36
C HIS K 26 24.84 44.10 46.38
N THR K 27 25.52 44.40 45.27
CA THR K 27 26.97 44.38 45.21
C THR K 27 27.47 45.68 44.59
N ALA K 28 28.72 46.01 44.90
CA ALA K 28 29.34 47.19 44.32
C ALA K 28 29.48 47.06 42.81
N GLU K 29 29.67 45.84 42.30
CA GLU K 29 29.73 45.64 40.86
C GLU K 29 28.41 46.00 40.20
N ALA K 30 27.29 45.70 40.85
CA ALA K 30 25.99 46.07 40.32
C ALA K 30 25.85 47.58 40.22
N VAL K 31 26.33 48.30 41.23
CA VAL K 31 26.28 49.77 41.20
C VAL K 31 27.17 50.29 40.08
N ALA K 32 28.37 49.71 39.93
CA ALA K 32 29.29 50.18 38.90
C ALA K 32 28.72 49.95 37.50
N TYR K 33 28.10 48.80 37.27
CA TYR K 33 27.55 48.49 35.96
C TYR K 33 26.19 49.12 35.72
N ALA K 34 25.57 49.66 36.76
CA ALA K 34 24.25 50.28 36.59
C ALA K 34 24.38 51.61 35.88
N PRO K 35 23.60 51.87 34.84
CA PRO K 35 23.64 53.18 34.18
C PRO K 35 23.11 54.28 35.09
N ARG K 36 23.58 55.50 34.85
CA ARG K 36 23.16 56.63 35.67
C ARG K 36 21.66 56.89 35.53
N LYS K 37 21.13 56.70 34.32
CA LYS K 37 19.71 56.94 34.10
C LYS K 37 18.85 56.02 34.97
N ASP K 38 19.21 54.74 35.04
CA ASP K 38 18.46 53.81 35.88
C ASP K 38 18.61 54.14 37.35
N LEU K 39 19.81 54.55 37.77
CA LEU K 39 20.03 54.89 39.18
C LEU K 39 19.22 56.10 39.59
N LEU K 40 19.11 57.10 38.71
CA LEU K 40 18.37 58.31 39.04
C LEU K 40 16.88 58.05 39.22
N GLU K 41 16.36 56.93 38.70
CA GLU K 41 14.94 56.62 38.85
C GLU K 41 14.58 56.28 40.29
N ILE K 42 15.55 55.98 41.14
CA ILE K 42 15.27 55.57 42.51
C ILE K 42 14.92 56.80 43.34
N LYS K 43 13.80 56.73 44.05
CA LYS K 43 13.36 57.84 44.89
C LYS K 43 14.35 58.07 46.03
N GLY K 44 14.59 59.35 46.35
CA GLY K 44 15.46 59.71 47.44
C GLY K 44 16.93 59.79 47.08
N ILE K 45 17.28 59.73 45.80
CA ILE K 45 18.67 59.80 45.35
C ILE K 45 18.83 61.05 44.50
N SER K 46 19.76 61.91 44.87
CA SER K 46 20.04 63.12 44.12
C SER K 46 21.07 62.84 43.02
N GLU K 47 21.15 63.77 42.07
CA GLU K 47 22.11 63.63 40.98
C GLU K 47 23.55 63.64 41.49
N ALA K 48 23.85 64.54 42.43
CA ALA K 48 25.20 64.57 43.01
C ALA K 48 25.51 63.29 43.75
N LYS K 49 24.53 62.76 44.51
CA LYS K 49 24.74 61.50 45.22
C LYS K 49 24.98 60.36 44.26
N ALA K 50 24.22 60.31 43.16
CA ALA K 50 24.41 59.26 42.16
C ALA K 50 25.78 59.37 41.51
N ASP K 51 26.22 60.59 41.21
CA ASP K 51 27.54 60.79 40.62
C ASP K 51 28.64 60.35 41.59
N LYS K 52 28.48 60.68 42.87
CA LYS K 52 29.46 60.26 43.86
C LYS K 52 29.50 58.75 43.99
N LEU K 53 28.34 58.09 43.96
CA LEU K 53 28.29 56.64 44.02
C LEU K 53 28.97 56.02 42.81
N LEU K 54 28.73 56.57 41.62
CA LEU K 54 29.40 56.07 40.42
C LEU K 54 30.91 56.24 40.51
N ASN K 55 31.36 57.40 41.01
CA ASN K 55 32.80 57.62 41.16
C ASN K 55 33.41 56.62 42.13
N GLU K 56 32.74 56.37 43.27
CA GLU K 56 33.27 55.42 44.23
C GLU K 56 33.30 54.01 43.65
N ALA K 57 32.24 53.62 42.91
CA ALA K 57 32.22 52.30 42.30
C ALA K 57 33.33 52.15 41.27
N ALA K 58 33.56 53.19 40.46
CA ALA K 58 34.66 53.13 39.50
C ALA K 58 36.01 53.07 40.19
N ARG K 59 36.15 53.75 41.33
CA ARG K 59 37.38 53.63 42.11
C ARG K 59 37.58 52.20 42.61
N LEU K 60 36.52 51.58 43.11
CA LEU K 60 36.61 50.22 43.63
C LEU K 60 36.69 49.16 42.56
N VAL K 61 35.97 49.31 41.45
CA VAL K 61 35.89 48.31 40.40
C VAL K 61 36.59 48.86 39.16
N PRO K 62 37.64 48.20 38.67
CA PRO K 62 38.33 48.71 37.47
C PRO K 62 37.44 48.64 36.24
N MET K 63 37.64 49.59 35.33
CA MET K 63 36.86 49.66 34.10
C MET K 63 37.78 49.88 32.90
N GLY K 64 38.98 50.38 33.14
CA GLY K 64 39.89 50.76 32.08
C GLY K 64 40.37 49.58 31.26
N PHE K 65 41.15 49.91 30.25
CA PHE K 65 41.64 48.93 29.29
C PHE K 65 42.68 48.01 29.93
N VAL K 66 42.67 46.75 29.51
CA VAL K 66 43.59 45.73 30.00
C VAL K 66 44.22 45.04 28.79
N THR K 67 45.49 44.70 28.90
CA THR K 67 46.19 44.03 27.81
C THR K 67 45.63 42.63 27.61
N ALA K 68 45.86 42.08 26.41
CA ALA K 68 45.31 40.78 26.07
C ALA K 68 45.94 39.66 26.88
N ALA K 69 47.21 39.80 27.25
CA ALA K 69 47.88 38.74 28.02
C ALA K 69 47.23 38.56 29.38
N ASP K 70 46.91 39.66 30.07
CA ASP K 70 46.26 39.56 31.37
C ASP K 70 44.89 38.91 31.25
N PHE K 71 44.11 39.30 30.24
CA PHE K 71 42.80 38.69 30.05
C PHE K 71 42.92 37.20 29.75
N HIS K 72 43.90 36.82 28.94
CA HIS K 72 44.10 35.40 28.62
C HIS K 72 44.48 34.61 29.87
N MET K 73 45.39 35.15 30.69
CA MET K 73 45.80 34.42 31.88
C MET K 73 44.69 34.38 32.92
N ARG K 74 43.81 35.38 32.94
CA ARG K 74 42.65 35.32 33.82
C ARG K 74 41.66 34.26 33.35
N ARG K 75 41.37 34.23 32.05
CA ARG K 75 40.43 33.24 31.52
C ARG K 75 40.98 31.83 31.63
N SER K 76 42.30 31.68 31.66
CA SER K 76 42.88 30.35 31.81
C SER K 76 42.58 29.74 33.19
N GLU K 77 42.17 30.54 34.16
CA GLU K 77 41.89 30.07 35.50
C GLU K 77 40.40 29.92 35.79
N LEU K 78 39.55 30.00 34.76
CA LEU K 78 38.11 29.86 34.97
C LEU K 78 37.77 28.43 35.39
N ILE K 79 36.70 28.33 36.19
CA ILE K 79 36.24 27.04 36.70
C ILE K 79 35.29 26.42 35.69
N CYS K 80 35.57 25.17 35.31
CA CYS K 80 34.74 24.43 34.37
C CYS K 80 34.06 23.28 35.10
N LEU K 81 32.78 23.07 34.81
CA LEU K 81 31.99 22.05 35.47
C LEU K 81 31.86 20.83 34.56
N THR K 82 32.29 19.68 35.05
CA THR K 82 32.13 18.44 34.29
C THR K 82 30.67 18.03 34.24
N THR K 83 30.26 17.47 33.11
CA THR K 83 28.89 17.02 32.91
C THR K 83 28.69 15.55 33.21
N GLY K 84 29.75 14.84 33.60
CA GLY K 84 29.66 13.42 33.89
C GLY K 84 29.80 12.51 32.70
N SER K 85 29.87 13.05 31.48
CA SER K 85 30.08 12.28 30.27
C SER K 85 31.40 12.71 29.64
N LYS K 86 32.29 11.75 29.44
CA LYS K 86 33.62 12.08 28.94
C LYS K 86 33.57 12.64 27.52
N ASN K 87 32.72 12.07 26.67
CA ASN K 87 32.63 12.53 25.29
C ASN K 87 32.15 13.98 25.22
N LEU K 88 31.05 14.29 25.90
CA LEU K 88 30.52 15.64 25.89
C LEU K 88 31.46 16.61 26.59
N ASP K 89 32.13 16.16 27.65
CA ASP K 89 33.11 17.00 28.32
C ASP K 89 34.26 17.35 27.39
N THR K 90 34.73 16.38 26.60
CA THR K 90 35.77 16.65 25.62
C THR K 90 35.27 17.59 24.53
N LEU K 91 34.01 17.44 24.12
CA LEU K 91 33.46 18.31 23.09
C LEU K 91 33.46 19.77 23.53
N LEU K 92 33.07 20.03 24.78
CA LEU K 92 33.05 21.39 25.30
C LEU K 92 34.45 21.93 25.59
N GLY K 93 35.48 21.10 25.52
CA GLY K 93 36.83 21.56 25.82
C GLY K 93 37.03 21.94 27.27
N GLY K 94 36.51 21.13 28.19
CA GLY K 94 36.64 21.42 29.60
C GLY K 94 35.34 21.29 30.36
N GLY K 95 34.23 21.60 29.69
CA GLY K 95 32.93 21.51 30.32
C GLY K 95 32.17 22.82 30.26
N VAL K 96 31.18 22.98 31.14
CA VAL K 96 30.42 24.22 31.18
C VAL K 96 31.29 25.32 31.78
N GLU K 97 31.34 26.46 31.09
CA GLU K 97 32.20 27.56 31.49
C GLU K 97 31.42 28.57 32.33
N THR K 98 31.97 28.94 33.48
CA THR K 98 31.33 29.95 34.33
C THR K 98 31.46 31.33 33.70
N GLY K 99 30.51 32.20 34.06
CA GLY K 99 30.51 33.53 33.49
C GLY K 99 30.03 33.62 32.06
N SER K 100 29.42 32.55 31.55
CA SER K 100 28.95 32.52 30.17
C SER K 100 27.57 31.89 30.14
N ILE K 101 26.81 32.20 29.09
CA ILE K 101 25.44 31.72 28.94
C ILE K 101 25.44 30.55 27.97
N THR K 102 24.90 29.43 28.42
CA THR K 102 24.76 28.23 27.62
C THR K 102 23.28 27.91 27.44
N GLU K 103 22.88 27.67 26.20
CA GLU K 103 21.50 27.38 25.86
C GLU K 103 21.41 25.99 25.26
N LEU K 104 20.41 25.23 25.70
CA LEU K 104 20.21 23.85 25.28
C LEU K 104 18.85 23.77 24.60
N PHE K 105 18.83 23.30 23.35
CA PHE K 105 17.57 23.21 22.61
C PHE K 105 17.45 21.85 21.94
N GLY K 106 16.20 21.39 21.85
CA GLY K 106 15.90 20.09 21.26
C GLY K 106 14.47 19.74 21.54
N GLU K 107 14.02 18.66 20.89
CA GLU K 107 12.66 18.19 21.06
C GLU K 107 12.52 17.49 22.41
N PHE K 108 11.38 16.87 22.65
CA PHE K 108 11.12 16.26 23.93
C PHE K 108 11.90 14.95 24.08
N ARG K 109 11.92 14.44 25.33
CA ARG K 109 12.73 13.32 25.79
C ARG K 109 14.14 13.30 25.21
N THR K 110 14.74 14.48 25.03
CA THR K 110 16.11 14.58 24.57
C THR K 110 17.12 14.70 25.70
N GLY K 111 16.66 14.68 26.96
CA GLY K 111 17.57 14.66 28.09
C GLY K 111 18.03 16.01 28.59
N LYS K 112 17.40 17.10 28.17
CA LYS K 112 17.81 18.41 28.66
C LYS K 112 17.61 18.53 30.17
N SER K 113 16.46 18.05 30.67
CA SER K 113 16.21 18.10 32.11
C SER K 113 17.18 17.20 32.88
N GLN K 114 17.50 16.04 32.32
CA GLN K 114 18.47 15.15 32.96
C GLN K 114 19.84 15.82 33.03
N LEU K 115 20.25 16.48 31.95
CA LEU K 115 21.53 17.19 31.97
C LEU K 115 21.52 18.33 32.98
N CYS K 116 20.39 19.04 33.07
CA CYS K 116 20.29 20.11 34.06
C CYS K 116 20.41 19.57 35.47
N HIS K 117 19.78 18.43 35.75
CA HIS K 117 19.91 17.81 37.07
C HIS K 117 21.35 17.39 37.33
N THR K 118 22.02 16.82 36.32
CA THR K 118 23.40 16.39 36.50
C THR K 118 24.31 17.58 36.79
N LEU K 119 24.13 18.69 36.09
CA LEU K 119 24.88 19.89 36.41
C LEU K 119 24.54 20.41 37.81
N ALA K 120 23.26 20.33 38.19
CA ALA K 120 22.85 20.81 39.51
C ALA K 120 23.53 20.04 40.63
N VAL K 121 23.68 18.72 40.46
CA VAL K 121 24.31 17.90 41.49
C VAL K 121 25.84 17.96 41.41
N THR K 122 26.39 18.11 40.21
CA THR K 122 27.84 18.05 40.06
C THR K 122 28.52 19.37 40.37
N CYS K 123 27.78 20.46 40.50
CA CYS K 123 28.38 21.74 40.86
C CYS K 123 28.77 21.80 42.33
N GLN K 124 28.39 20.80 43.11
CA GLN K 124 28.61 20.80 44.55
C GLN K 124 29.83 20.00 44.97
N ILE K 125 30.29 19.07 44.12
CA ILE K 125 31.43 18.21 44.44
C ILE K 125 32.70 19.05 44.43
N PRO K 126 33.79 18.60 45.06
CA PRO K 126 35.03 19.36 45.03
C PRO K 126 35.54 19.57 43.61
N LEU K 127 36.15 20.74 43.39
CA LEU K 127 36.59 21.12 42.05
C LEU K 127 37.76 20.28 41.54
N ASP K 128 38.42 19.53 42.43
CA ASP K 128 39.52 18.67 41.98
C ASP K 128 39.04 17.59 41.02
N ILE K 129 37.76 17.21 41.08
CA ILE K 129 37.17 16.26 40.15
C ILE K 129 36.47 16.97 39.00
N GLY K 130 36.11 18.23 39.16
CA GLY K 130 35.40 18.98 38.15
C GLY K 130 34.18 19.75 38.64
N GLY K 131 34.01 19.89 39.96
CA GLY K 131 32.88 20.61 40.50
C GLY K 131 33.15 22.09 40.63
N GLY K 132 32.22 22.77 41.32
CA GLY K 132 32.33 24.20 41.53
C GLY K 132 32.37 24.59 42.99
N GLU K 133 32.03 23.64 43.86
CA GLU K 133 32.01 23.86 45.31
C GLU K 133 31.11 25.04 45.68
N GLY K 134 29.83 24.88 45.37
CA GLY K 134 28.86 25.92 45.68
C GLY K 134 27.46 25.39 45.53
N LYS K 135 26.51 26.14 46.09
CA LYS K 135 25.11 25.76 46.01
C LYS K 135 24.57 25.99 44.60
N CYS K 136 23.50 25.28 44.28
CA CYS K 136 22.82 25.41 43.00
C CYS K 136 21.46 26.06 43.19
N LEU K 137 21.04 26.82 42.18
CA LEU K 137 19.74 27.49 42.17
C LEU K 137 18.97 27.01 40.96
N TYR K 138 17.73 26.57 41.17
CA TYR K 138 16.89 26.02 40.12
C TYR K 138 15.60 26.82 40.02
N ILE K 139 15.27 27.23 38.80
CA ILE K 139 14.00 27.90 38.50
C ILE K 139 13.27 27.04 37.49
N ASP K 140 12.07 26.59 37.86
CA ASP K 140 11.30 25.67 37.05
C ASP K 140 10.01 26.34 36.59
N THR K 141 9.72 26.22 35.29
CA THR K 141 8.51 26.80 34.72
C THR K 141 7.57 25.76 34.15
N GLU K 142 7.88 24.46 34.28
CA GLU K 142 7.03 23.40 33.77
C GLU K 142 6.65 22.38 34.83
N GLY K 143 7.16 22.50 36.05
CA GLY K 143 6.83 21.54 37.08
C GLY K 143 7.49 20.18 36.91
N THR K 144 8.60 20.11 36.19
CA THR K 144 9.27 18.84 35.91
C THR K 144 10.40 18.52 36.87
N PHE K 145 10.60 19.35 37.90
CA PHE K 145 11.66 19.07 38.87
C PHE K 145 11.35 17.79 39.64
N ARG K 146 12.37 16.94 39.80
CA ARG K 146 12.20 15.64 40.45
C ARG K 146 13.41 15.38 41.35
N PRO K 147 13.28 15.58 42.65
CA PRO K 147 14.40 15.32 43.56
C PRO K 147 14.85 13.86 43.60
N VAL K 148 14.00 12.92 43.18
CA VAL K 148 14.39 11.52 43.18
C VAL K 148 15.57 11.28 42.26
N ARG K 149 15.53 11.87 41.06
CA ARG K 149 16.67 11.79 40.15
C ARG K 149 17.90 12.44 40.77
N LEU K 150 17.72 13.55 41.48
CA LEU K 150 18.84 14.21 42.13
C LEU K 150 19.51 13.30 43.15
N VAL K 151 18.70 12.62 43.97
CA VAL K 151 19.25 11.70 44.97
C VAL K 151 19.95 10.53 44.27
N SER K 152 19.34 9.97 43.24
CA SER K 152 19.92 8.84 42.54
C SER K 152 21.27 9.19 41.93
N ILE K 153 21.38 10.39 41.34
CA ILE K 153 22.65 10.80 40.75
C ILE K 153 23.67 11.09 41.85
N ALA K 154 23.25 11.77 42.92
CA ALA K 154 24.18 12.10 44.00
C ALA K 154 24.74 10.85 44.66
N GLN K 155 23.97 9.77 44.68
CA GLN K 155 24.48 8.51 45.22
C GLN K 155 25.68 8.01 44.41
N ARG K 156 25.68 8.26 43.10
CA ARG K 156 26.78 7.81 42.25
C ARG K 156 28.09 8.50 42.60
N PHE K 157 28.04 9.80 42.90
CA PHE K 157 29.24 10.58 43.18
C PHE K 157 29.71 10.44 44.63
N GLY K 158 29.00 9.69 45.46
CA GLY K 158 29.43 9.48 46.83
C GLY K 158 29.08 10.59 47.79
N LEU K 159 28.20 11.51 47.40
CA LEU K 159 27.77 12.58 48.29
C LEU K 159 26.68 12.09 49.23
N ASP K 160 26.51 12.84 50.32
CA ASP K 160 25.42 12.57 51.25
C ASP K 160 24.12 13.07 50.64
N PRO K 161 23.10 12.22 50.47
CA PRO K 161 21.85 12.69 49.85
C PRO K 161 21.20 13.83 50.61
N ASP K 162 21.27 13.82 51.94
CA ASP K 162 20.65 14.87 52.73
C ASP K 162 21.27 16.23 52.44
N ASP K 163 22.60 16.31 52.48
CA ASP K 163 23.28 17.57 52.19
C ASP K 163 23.08 17.99 50.75
N ALA K 164 23.10 17.03 49.83
CA ALA K 164 22.91 17.35 48.41
C ALA K 164 21.53 17.95 48.17
N LEU K 165 20.49 17.39 48.80
CA LEU K 165 19.16 17.98 48.69
C LEU K 165 19.10 19.34 49.38
N ASN K 166 19.75 19.46 50.53
CA ASN K 166 19.62 20.67 51.34
C ASN K 166 20.40 21.86 50.78
N ASN K 167 21.39 21.61 49.92
CA ASN K 167 22.21 22.68 49.37
C ASN K 167 21.77 23.11 47.97
N VAL K 168 20.53 22.78 47.59
CA VAL K 168 19.97 23.18 46.30
C VAL K 168 18.71 23.99 46.57
N ALA K 169 18.68 25.23 46.09
CA ALA K 169 17.51 26.07 46.22
C ALA K 169 16.62 25.89 45.00
N TYR K 170 15.31 25.84 45.23
CA TYR K 170 14.33 25.59 44.19
C TYR K 170 13.25 26.65 44.20
N ALA K 171 12.80 27.05 43.01
CA ALA K 171 11.69 27.97 42.88
C ALA K 171 10.92 27.66 41.61
N ARG K 172 9.65 28.04 41.60
CA ARG K 172 8.77 27.80 40.46
C ARG K 172 8.08 29.10 40.07
N ALA K 173 8.06 29.38 38.78
CA ALA K 173 7.48 30.61 38.25
C ALA K 173 6.16 30.30 37.55
N TYR K 174 5.15 31.14 37.80
CA TYR K 174 3.83 30.95 37.22
C TYR K 174 3.54 31.91 36.08
N ASN K 175 4.28 33.01 35.96
CA ASN K 175 4.09 33.96 34.88
C ASN K 175 5.41 34.66 34.60
N ALA K 176 5.44 35.42 33.50
CA ALA K 176 6.66 36.10 33.11
C ALA K 176 7.10 37.12 34.16
N ASP K 177 6.15 37.87 34.72
CA ASP K 177 6.48 38.86 35.73
C ASP K 177 7.08 38.20 36.96
N HIS K 178 6.50 37.09 37.42
CA HIS K 178 7.06 36.37 38.56
C HIS K 178 8.45 35.82 38.24
N GLN K 179 8.63 35.32 37.01
CA GLN K 179 9.93 34.81 36.61
C GLN K 179 10.99 35.90 36.65
N LEU K 180 10.65 37.09 36.16
CA LEU K 180 11.60 38.20 36.22
C LEU K 180 11.84 38.64 37.66
N ARG K 181 10.80 38.65 38.49
CA ARG K 181 10.93 39.11 39.87
C ARG K 181 11.78 38.15 40.69
N LEU K 182 11.79 36.86 40.35
CA LEU K 182 12.57 35.89 41.11
C LEU K 182 14.06 36.22 41.11
N LEU K 183 14.55 36.89 40.07
CA LEU K 183 15.96 37.23 40.00
C LEU K 183 16.36 38.21 41.10
N ASP K 184 15.43 39.07 41.53
CA ASP K 184 15.75 40.00 42.61
C ASP K 184 16.06 39.25 43.90
N ALA K 185 15.27 38.22 44.22
CA ALA K 185 15.56 37.41 45.40
C ALA K 185 16.81 36.56 45.19
N ALA K 186 17.00 36.07 43.96
CA ALA K 186 18.18 35.24 43.68
C ALA K 186 19.47 36.03 43.88
N ALA K 187 19.48 37.30 43.50
CA ALA K 187 20.66 38.13 43.68
C ALA K 187 21.02 38.26 45.16
N GLN K 188 20.02 38.51 46.00
CA GLN K 188 20.28 38.60 47.44
C GLN K 188 20.74 37.26 47.99
N MET K 189 20.14 36.16 47.55
CA MET K 189 20.54 34.84 48.02
C MET K 189 22.00 34.55 47.69
N MET K 190 22.42 34.87 46.47
CA MET K 190 23.80 34.62 46.08
C MET K 190 24.75 35.66 46.68
N SER K 191 24.24 36.82 47.09
CA SER K 191 25.06 37.77 47.81
C SER K 191 25.31 37.35 49.25
N GLU K 192 24.35 36.66 49.87
CA GLU K 192 24.52 36.20 51.24
C GLU K 192 25.34 34.91 51.34
N SER K 193 25.30 34.05 50.33
CA SER K 193 26.02 32.80 50.37
C SER K 193 26.56 32.48 48.98
N ARG K 194 27.61 31.67 48.95
CA ARG K 194 28.29 31.36 47.69
C ARG K 194 27.47 30.40 46.84
N PHE K 195 27.30 30.74 45.58
CA PHE K 195 26.65 29.88 44.60
C PHE K 195 27.57 29.70 43.39
N SER K 196 27.26 28.70 42.57
CA SER K 196 28.05 28.44 41.37
C SER K 196 27.24 28.21 40.10
N LEU K 197 25.98 27.78 40.22
CA LEU K 197 25.20 27.41 39.04
C LEU K 197 23.79 27.96 39.14
N ILE K 198 23.27 28.43 38.00
CA ILE K 198 21.88 28.85 37.86
C ILE K 198 21.28 28.08 36.68
N VAL K 199 20.10 27.51 36.88
CA VAL K 199 19.43 26.72 35.85
C VAL K 199 18.03 27.28 35.65
N VAL K 200 17.68 27.52 34.38
CA VAL K 200 16.35 27.97 34.00
C VAL K 200 15.76 26.98 33.01
N ASP K 201 14.56 26.50 33.30
CA ASP K 201 13.90 25.49 32.46
C ASP K 201 12.40 25.65 32.64
N SER K 202 11.74 26.27 31.67
CA SER K 202 12.40 26.79 30.47
C SER K 202 12.07 28.26 30.27
N VAL K 203 12.95 28.97 29.56
CA VAL K 203 12.79 30.41 29.41
C VAL K 203 11.57 30.75 28.56
N MET K 204 11.37 30.01 27.47
CA MET K 204 10.39 30.38 26.46
C MET K 204 9.01 29.79 26.71
N ALA K 205 8.82 29.04 27.79
CA ALA K 205 7.55 28.36 28.01
C ALA K 205 6.42 29.37 28.29
N LEU K 206 6.64 30.28 29.23
CA LEU K 206 5.58 31.18 29.66
C LEU K 206 5.32 32.31 28.67
N TYR K 207 6.37 32.81 28.02
CA TYR K 207 6.23 33.93 27.10
C TYR K 207 5.36 33.59 25.90
N ARG K 208 5.30 32.31 25.51
CA ARG K 208 4.50 31.92 24.36
C ARG K 208 3.02 32.17 24.61
N THR K 209 2.54 31.88 25.83
CA THR K 209 1.14 32.03 26.15
C THR K 209 0.82 33.39 26.77
N ASP K 210 1.79 34.04 27.40
CA ASP K 210 1.52 35.32 28.06
C ASP K 210 1.21 36.42 27.05
N PHE K 211 1.84 36.38 25.89
CA PHE K 211 1.68 37.39 24.86
C PHE K 211 0.97 36.79 23.65
N SER K 212 0.09 37.56 23.03
CA SER K 212 -0.80 37.06 21.99
C SER K 212 -0.65 37.85 20.70
N GLY K 213 -0.44 37.13 19.60
CA GLY K 213 -0.51 37.71 18.28
C GLY K 213 0.70 38.55 17.91
N ARG K 214 0.69 39.02 16.67
CA ARG K 214 1.74 39.94 16.21
C ARG K 214 1.69 41.26 16.95
N GLY K 215 0.52 41.67 17.44
CA GLY K 215 0.40 42.94 18.13
C GLY K 215 1.22 43.00 19.41
N GLU K 216 1.32 41.88 20.12
CA GLU K 216 2.06 41.82 21.38
C GLU K 216 3.45 41.21 21.22
N LEU K 217 3.89 40.98 19.98
CA LEU K 217 5.20 40.38 19.77
C LEU K 217 6.31 41.30 20.25
N SER K 218 6.18 42.61 19.98
CA SER K 218 7.23 43.55 20.35
C SER K 218 7.42 43.60 21.87
N ALA K 219 6.32 43.63 22.62
CA ALA K 219 6.41 43.64 24.07
C ALA K 219 7.06 42.36 24.59
N ARG K 220 6.70 41.22 24.01
CA ARG K 220 7.31 39.96 24.41
C ARG K 220 8.82 39.97 24.16
N GLN K 221 9.23 40.46 22.99
CA GLN K 221 10.66 40.51 22.69
C GLN K 221 11.40 41.46 23.62
N MET K 222 10.79 42.61 23.93
CA MET K 222 11.41 43.55 24.85
C MET K 222 11.56 42.94 26.24
N HIS K 223 10.52 42.26 26.72
CA HIS K 223 10.59 41.63 28.04
C HIS K 223 11.65 40.54 28.07
N LEU K 224 11.73 39.73 27.01
CA LEU K 224 12.75 38.68 26.95
C LEU K 224 14.15 39.29 26.92
N ALA K 225 14.33 40.37 26.18
CA ALA K 225 15.63 41.03 26.14
C ALA K 225 16.02 41.57 27.50
N LYS K 226 15.06 42.17 28.22
CA LYS K 226 15.34 42.65 29.57
C LYS K 226 15.72 41.50 30.49
N PHE K 227 15.00 40.39 30.40
CA PHE K 227 15.30 39.22 31.24
C PHE K 227 16.71 38.69 30.96
N MET K 228 17.08 38.59 29.68
CA MET K 228 18.40 38.09 29.34
C MET K 228 19.50 39.06 29.75
N ARG K 229 19.23 40.37 29.64
CA ARG K 229 20.20 41.36 30.11
C ARG K 229 20.40 41.24 31.62
N ALA K 230 19.32 41.03 32.36
CA ALA K 230 19.43 40.83 33.80
C ALA K 230 20.24 39.58 34.12
N LEU K 231 19.99 38.50 33.38
CA LEU K 231 20.76 37.27 33.59
C LEU K 231 22.24 37.48 33.32
N GLN K 232 22.57 38.20 32.24
CA GLN K 232 23.97 38.47 31.92
C GLN K 232 24.62 39.33 32.99
N ARG K 233 23.91 40.35 33.47
CA ARG K 233 24.44 41.18 34.55
C ARG K 233 24.70 40.35 35.80
N LEU K 234 23.77 39.46 36.14
CA LEU K 234 23.93 38.62 37.32
C LEU K 234 25.13 37.70 37.18
N ALA K 235 25.29 37.08 35.99
CA ALA K 235 26.43 36.20 35.76
C ALA K 235 27.74 36.96 35.84
N ASP K 236 27.79 38.17 35.29
CA ASP K 236 28.99 38.98 35.39
C ASP K 236 29.29 39.36 36.84
N GLN K 237 28.24 39.66 37.61
CA GLN K 237 28.44 40.06 39.00
C GLN K 237 29.00 38.91 39.83
N PHE K 238 28.37 37.74 39.76
CA PHE K 238 28.72 36.65 40.67
C PHE K 238 29.60 35.57 40.02
N GLY K 239 29.83 35.63 38.72
CA GLY K 239 30.67 34.64 38.08
C GLY K 239 30.15 33.22 38.16
N VAL K 240 28.84 33.04 38.14
CA VAL K 240 28.23 31.72 38.24
C VAL K 240 27.80 31.27 36.85
N ALA K 241 28.01 29.99 36.56
CA ALA K 241 27.60 29.44 35.27
C ALA K 241 26.08 29.40 35.19
N VAL K 242 25.53 29.81 34.06
CA VAL K 242 24.09 29.87 33.84
C VAL K 242 23.73 28.97 32.66
N VAL K 243 22.71 28.14 32.85
CA VAL K 243 22.23 27.22 31.82
C VAL K 243 20.74 27.46 31.64
N VAL K 244 20.30 27.60 30.40
CA VAL K 244 18.89 27.83 30.09
C VAL K 244 18.42 26.77 29.11
N THR K 245 17.15 26.43 29.20
CA THR K 245 16.53 25.46 28.32
C THR K 245 15.52 26.15 27.41
N ASN K 246 15.50 25.75 26.14
CA ASN K 246 14.62 26.35 25.15
C ASN K 246 13.88 25.27 24.39
N GLN K 247 12.67 25.59 23.96
CA GLN K 247 11.84 24.67 23.19
C GLN K 247 12.05 24.90 21.70
N VAL K 248 11.45 24.01 20.90
CA VAL K 248 11.67 23.96 19.46
C VAL K 248 10.33 23.91 18.75
N VAL K 249 10.23 24.60 17.60
CA VAL K 249 9.04 24.56 16.78
C VAL K 249 9.43 24.18 15.35
N ALA K 250 8.47 23.59 14.64
CA ALA K 250 8.72 23.11 13.29
C ALA K 250 8.59 24.25 12.28
N GLN K 251 9.38 24.18 11.22
CA GLN K 251 9.35 25.15 10.14
C GLN K 251 8.36 24.66 9.08
N VAL K 252 7.19 25.30 9.02
CA VAL K 252 6.15 24.86 8.09
C VAL K 252 6.59 25.06 6.64
N ASP K 253 7.34 26.13 6.37
CA ASP K 253 7.79 26.40 5.00
C ASP K 253 8.70 25.30 4.50
N GLY K 254 8.47 24.86 3.26
CA GLY K 254 9.28 23.83 2.66
C GLY K 254 10.31 24.36 1.68
N GLY K 255 10.53 25.68 1.72
CA GLY K 255 11.48 26.28 0.80
C GLY K 255 12.91 25.85 1.05
N MET K 256 13.30 25.78 2.32
CA MET K 256 14.66 25.40 2.68
C MET K 256 14.77 23.87 2.75
N ALA K 257 14.52 23.25 1.59
CA ALA K 257 14.60 21.80 1.48
C ALA K 257 16.00 21.27 1.73
N PHE K 258 17.04 22.09 1.53
CA PHE K 258 18.39 21.68 1.85
C PHE K 258 18.61 21.50 3.35
N ASN K 259 17.79 22.15 4.17
CA ASN K 259 17.88 22.00 5.61
C ASN K 259 17.28 20.67 6.04
N PRO K 260 18.03 19.79 6.70
CA PRO K 260 17.49 18.45 6.99
C PRO K 260 16.43 18.45 8.08
N ASP K 261 16.65 19.16 9.18
CA ASP K 261 15.73 19.13 10.30
C ASP K 261 14.90 20.40 10.34
N PRO K 262 13.59 20.33 10.08
CA PRO K 262 12.79 21.56 10.00
C PRO K 262 12.42 22.11 11.36
N LYS K 263 13.12 21.65 12.41
CA LYS K 263 12.87 22.09 13.77
C LYS K 263 13.90 23.13 14.17
N LYS K 264 13.43 24.28 14.64
CA LYS K 264 14.31 25.38 15.02
C LYS K 264 13.91 25.91 16.39
N PRO K 265 14.86 26.45 17.15
CA PRO K 265 14.57 26.90 18.51
C PRO K 265 13.69 28.15 18.52
N ILE K 266 13.09 28.40 19.68
CA ILE K 266 12.16 29.50 19.88
C ILE K 266 12.92 30.68 20.46
N GLY K 267 12.50 31.89 20.07
CA GLY K 267 13.05 33.12 20.59
C GLY K 267 13.52 34.09 19.54
N GLY K 268 13.89 33.60 18.34
CA GLY K 268 14.28 34.50 17.29
C GLY K 268 15.66 35.11 17.51
N ASN K 269 15.84 36.32 16.95
CA ASN K 269 17.16 36.94 16.94
C ASN K 269 17.64 37.29 18.34
N ILE K 270 16.72 37.70 19.22
CA ILE K 270 17.12 38.02 20.59
C ILE K 270 17.67 36.79 21.28
N MET K 271 16.99 35.66 21.16
CA MET K 271 17.48 34.42 21.74
C MET K 271 18.82 34.01 21.11
N ALA K 272 18.94 34.14 19.79
CA ALA K 272 20.16 33.72 19.11
C ALA K 272 21.35 34.56 19.57
N HIS K 273 21.17 35.87 19.68
CA HIS K 273 22.28 36.75 20.02
C HIS K 273 22.61 36.73 21.51
N SER K 274 21.60 36.52 22.37
CA SER K 274 21.84 36.61 23.81
C SER K 274 22.72 35.47 24.30
N SER K 275 22.42 34.24 23.91
CA SER K 275 23.14 33.08 24.42
C SER K 275 24.54 33.02 23.80
N THR K 276 25.54 32.81 24.66
CA THR K 276 26.91 32.73 24.18
C THR K 276 27.17 31.40 23.46
N THR K 277 26.72 30.30 24.04
CA THR K 277 26.92 28.97 23.47
C THR K 277 25.57 28.30 23.27
N ARG K 278 25.42 27.57 22.17
CA ARG K 278 24.17 26.90 21.84
C ARG K 278 24.43 25.45 21.47
N LEU K 279 23.71 24.54 22.13
CA LEU K 279 23.84 23.11 21.89
C LEU K 279 22.48 22.52 21.55
N GLY K 280 22.42 21.75 20.47
CA GLY K 280 21.21 21.08 20.03
C GLY K 280 21.28 19.60 20.35
N PHE K 281 20.11 19.03 20.67
CA PHE K 281 20.01 17.64 21.08
C PHE K 281 19.07 16.89 20.14
N LYS K 282 19.42 15.64 19.86
CA LYS K 282 18.59 14.76 19.04
C LYS K 282 18.54 13.38 19.66
N LYS K 283 17.47 12.65 19.37
CA LYS K 283 17.27 11.31 19.90
C LYS K 283 18.03 10.31 19.04
N GLY K 284 18.73 9.38 19.68
CA GLY K 284 19.49 8.37 18.98
C GLY K 284 18.93 6.98 19.13
N LYS K 285 19.82 5.99 19.31
CA LYS K 285 19.42 4.60 19.45
C LYS K 285 19.13 4.31 20.92
N GLY K 286 17.88 3.93 21.21
CA GLY K 286 17.49 3.58 22.56
C GLY K 286 17.67 4.71 23.56
N CYS K 287 18.59 4.53 24.50
CA CYS K 287 18.88 5.53 25.51
C CYS K 287 20.00 6.48 25.10
N GLN K 288 20.51 6.37 23.89
CA GLN K 288 21.58 7.22 23.41
C GLN K 288 21.01 8.49 22.79
N ARG K 289 21.77 9.58 22.92
CA ARG K 289 21.38 10.88 22.41
C ARG K 289 22.56 11.54 21.73
N LEU K 290 22.26 12.39 20.74
CA LEU K 290 23.26 13.10 19.96
C LEU K 290 23.28 14.56 20.40
N CYS K 291 24.47 15.09 20.65
CA CYS K 291 24.66 16.50 21.01
C CYS K 291 25.52 17.18 19.97
N LYS K 292 25.13 18.38 19.57
CA LYS K 292 25.82 19.12 18.52
C LYS K 292 25.96 20.58 18.90
N VAL K 293 27.18 21.09 18.85
CA VAL K 293 27.43 22.52 19.09
C VAL K 293 27.08 23.27 17.82
N VAL K 294 26.16 24.24 17.92
CA VAL K 294 25.72 24.94 16.72
C VAL K 294 26.32 26.33 16.69
N ASP K 295 26.52 26.94 17.86
CA ASP K 295 27.13 28.26 17.94
C ASP K 295 28.07 28.30 19.13
N SER K 296 29.29 28.80 18.91
CA SER K 296 30.27 28.98 19.96
C SER K 296 31.40 29.87 19.47
N PRO K 297 31.83 30.86 20.27
CA PRO K 297 32.91 31.74 19.83
C PRO K 297 34.29 31.08 19.84
N CYS K 298 34.43 29.91 20.45
CA CYS K 298 35.74 29.27 20.55
C CYS K 298 35.75 27.78 20.26
N LEU K 299 34.61 27.16 19.95
CA LEU K 299 34.57 25.73 19.73
C LEU K 299 34.20 25.42 18.29
N PRO K 300 34.97 24.59 17.60
CA PRO K 300 34.59 24.19 16.23
C PRO K 300 33.37 23.29 16.25
N GLU K 301 32.65 23.33 15.13
CA GLU K 301 31.42 22.54 15.01
C GLU K 301 31.75 21.05 15.00
N ALA K 302 31.02 20.29 15.82
CA ALA K 302 31.23 18.85 15.94
C ALA K 302 30.00 18.23 16.59
N GLU K 303 29.99 16.91 16.65
CA GLU K 303 28.89 16.15 17.24
C GLU K 303 29.45 15.05 18.14
N CYS K 304 28.66 14.67 19.13
CA CYS K 304 29.05 13.63 20.07
C CYS K 304 27.82 12.85 20.52
N VAL K 305 28.07 11.73 21.18
CA VAL K 305 27.02 10.83 21.65
C VAL K 305 27.13 10.68 23.15
N PHE K 306 25.99 10.59 23.83
CA PHE K 306 25.95 10.30 25.26
C PHE K 306 24.74 9.43 25.54
N ALA K 307 24.53 9.12 26.82
CA ALA K 307 23.43 8.24 27.20
C ALA K 307 22.91 8.64 28.57
N ILE K 308 21.69 8.20 28.86
CA ILE K 308 21.02 8.48 30.13
C ILE K 308 20.76 7.15 30.83
N TYR K 309 21.16 7.07 32.09
CA TYR K 309 20.92 5.90 32.92
C TYR K 309 20.31 6.36 34.24
N GLU K 310 19.96 5.40 35.09
CA GLU K 310 19.30 5.72 36.35
C GLU K 310 20.20 6.54 37.28
N ASP K 311 21.50 6.59 37.01
CA ASP K 311 22.43 7.38 37.80
C ASP K 311 22.79 8.70 37.14
N GLY K 312 22.17 9.03 36.01
CA GLY K 312 22.41 10.31 35.36
C GLY K 312 22.89 10.20 33.93
N VAL K 313 23.48 11.28 33.42
CA VAL K 313 23.99 11.29 32.06
C VAL K 313 25.44 10.82 32.07
N GLY K 314 25.83 10.07 31.04
CA GLY K 314 27.16 9.54 30.97
C GLY K 314 27.52 9.11 29.57
N ASP K 315 28.68 8.45 29.46
CA ASP K 315 29.12 7.92 28.19
C ASP K 315 28.33 6.65 27.83
N PRO K 316 28.12 6.40 26.53
CA PRO K 316 27.45 5.16 26.13
C PRO K 316 28.25 3.94 26.54
N ARG K 317 27.54 2.89 26.92
CA ARG K 317 28.15 1.65 27.38
C ARG K 317 28.19 0.63 26.25
N GLU K 318 29.08 -0.36 26.40
CA GLU K 318 29.19 -1.41 25.39
C GLU K 318 27.94 -2.27 25.33
N GLU K 319 27.17 -2.33 26.42
CA GLU K 319 25.91 -3.08 26.39
C GLU K 319 24.94 -2.46 25.41
N ASP K 320 24.86 -1.12 25.37
CA ASP K 320 23.99 -0.43 24.43
C ASP K 320 24.57 -0.37 23.02
N GLU K 321 25.83 -0.77 22.85
CA GLU K 321 26.47 -0.75 21.54
C GLU K 321 25.91 -1.85 20.64
N PHE L 1 -29.64 12.24 -24.31
CA PHE L 1 -28.73 13.11 -23.57
C PHE L 1 -28.91 14.57 -23.97
N VAL L 2 -28.14 15.44 -23.36
CA VAL L 2 -28.22 16.89 -23.58
C VAL L 2 -26.96 17.32 -24.33
N PRO L 3 -27.08 17.86 -25.55
CA PRO L 3 -25.89 18.32 -26.27
C PRO L 3 -25.19 19.46 -25.54
N ILE L 4 -23.87 19.52 -25.70
CA ILE L 4 -23.08 20.55 -25.03
C ILE L 4 -23.36 21.94 -25.60
N GLU L 5 -23.90 22.01 -26.81
CA GLU L 5 -24.15 23.31 -27.43
C GLU L 5 -25.15 24.14 -26.66
N LYS L 6 -25.95 23.52 -25.79
CA LYS L 6 -26.88 24.27 -24.94
C LYS L 6 -26.16 25.13 -23.90
N LEU L 7 -24.87 24.92 -23.70
CA LEU L 7 -24.09 25.72 -22.77
C LEU L 7 -23.69 27.09 -23.34
N GLN L 8 -23.98 27.33 -24.61
CA GLN L 8 -23.60 28.59 -25.28
C GLN L 8 -24.59 29.70 -24.91
N VAL L 9 -24.66 29.99 -23.60
CA VAL L 9 -25.53 31.03 -23.06
C VAL L 9 -24.80 31.79 -21.97
N ASN L 10 -25.30 32.99 -21.70
CA ASN L 10 -24.83 33.83 -20.59
C ASN L 10 -23.33 34.11 -20.69
N GLY L 11 -22.91 34.57 -21.87
CA GLY L 11 -21.54 35.00 -22.07
C GLY L 11 -20.53 33.89 -22.31
N ILE L 12 -20.97 32.63 -22.40
CA ILE L 12 -20.06 31.54 -22.69
C ILE L 12 -19.70 31.58 -24.16
N THR L 13 -18.41 31.70 -24.46
CA THR L 13 -17.93 31.82 -25.83
C THR L 13 -17.76 30.44 -26.47
N MET L 14 -17.81 30.44 -27.80
CA MET L 14 -17.61 29.21 -28.55
C MET L 14 -16.20 28.65 -28.37
N ALA L 15 -15.23 29.52 -28.11
CA ALA L 15 -13.88 29.06 -27.82
C ALA L 15 -13.84 28.20 -26.56
N ASP L 16 -14.66 28.55 -25.57
CA ASP L 16 -14.76 27.70 -24.37
C ASP L 16 -15.31 26.33 -24.72
N VAL L 17 -16.29 26.28 -25.62
CA VAL L 17 -16.84 25.00 -26.06
C VAL L 17 -15.76 24.18 -26.77
N LYS L 18 -14.96 24.83 -27.62
CA LYS L 18 -13.86 24.13 -28.27
C LYS L 18 -12.86 23.59 -27.27
N LYS L 19 -12.53 24.40 -26.25
CA LYS L 19 -11.59 23.94 -25.23
C LYS L 19 -12.14 22.74 -24.47
N LEU L 20 -13.42 22.78 -24.11
CA LEU L 20 -14.04 21.66 -23.42
C LEU L 20 -14.04 20.40 -24.29
N ARG L 21 -14.36 20.55 -25.58
CA ARG L 21 -14.35 19.41 -26.48
C ARG L 21 -12.94 18.82 -26.61
N GLU L 22 -11.93 19.69 -26.71
CA GLU L 22 -10.55 19.21 -26.79
C GLU L 22 -10.12 18.55 -25.49
N SER L 23 -10.69 18.96 -24.36
CA SER L 23 -10.34 18.38 -23.07
C SER L 23 -11.03 17.06 -22.79
N GLY L 24 -11.94 16.63 -23.66
CA GLY L 24 -12.63 15.36 -23.49
C GLY L 24 -14.09 15.45 -23.10
N LEU L 25 -14.58 16.65 -22.79
CA LEU L 25 -15.97 16.83 -22.39
C LEU L 25 -16.80 17.14 -23.64
N HIS L 26 -17.80 16.31 -23.91
CA HIS L 26 -18.60 16.44 -25.12
C HIS L 26 -20.09 16.60 -24.86
N THR L 27 -20.56 16.44 -23.63
CA THR L 27 -21.98 16.55 -23.31
C THR L 27 -22.16 17.40 -22.06
N ALA L 28 -23.38 17.93 -21.91
CA ALA L 28 -23.69 18.70 -20.72
C ALA L 28 -23.58 17.86 -19.45
N GLU L 29 -23.92 16.57 -19.55
CA GLU L 29 -23.76 15.68 -18.40
C GLU L 29 -22.29 15.56 -18.01
N ALA L 30 -21.39 15.57 -18.99
CA ALA L 30 -19.97 15.52 -18.70
C ALA L 30 -19.53 16.74 -17.89
N VAL L 31 -20.03 17.92 -18.26
CA VAL L 31 -19.71 19.13 -17.50
C VAL L 31 -20.30 19.06 -16.10
N ALA L 32 -21.56 18.59 -16.00
CA ALA L 32 -22.22 18.53 -14.70
C ALA L 32 -21.50 17.58 -13.73
N TYR L 33 -21.10 16.41 -14.23
CA TYR L 33 -20.46 15.42 -13.38
C TYR L 33 -19.00 15.76 -13.07
N ALA L 34 -18.36 16.59 -13.87
CA ALA L 34 -16.97 16.93 -13.65
C ALA L 34 -16.81 17.76 -12.38
N PRO L 35 -15.83 17.47 -11.55
CA PRO L 35 -15.58 18.26 -10.34
C PRO L 35 -14.92 19.58 -10.68
N ARG L 36 -14.79 20.43 -9.66
CA ARG L 36 -14.21 21.75 -9.85
C ARG L 36 -12.74 21.66 -10.28
N LYS L 37 -11.99 20.73 -9.68
CA LYS L 37 -10.55 20.66 -9.94
C LYS L 37 -10.26 20.37 -11.41
N ASP L 38 -11.00 19.43 -12.01
CA ASP L 38 -10.76 19.10 -13.41
C ASP L 38 -11.04 20.28 -14.31
N LEU L 39 -12.12 21.04 -14.03
CA LEU L 39 -12.41 22.22 -14.82
C LEU L 39 -11.31 23.27 -14.67
N LEU L 40 -10.81 23.46 -13.46
CA LEU L 40 -9.73 24.43 -13.26
C LEU L 40 -8.43 24.00 -13.93
N GLU L 41 -8.22 22.69 -14.14
CA GLU L 41 -7.02 22.23 -14.83
C GLU L 41 -7.02 22.56 -16.31
N ILE L 42 -8.16 22.93 -16.88
CA ILE L 42 -8.25 23.25 -18.29
C ILE L 42 -7.66 24.64 -18.53
N LYS L 43 -6.73 24.73 -19.48
CA LYS L 43 -6.10 26.00 -19.79
C LYS L 43 -7.10 26.97 -20.39
N GLY L 44 -7.02 28.24 -19.98
CA GLY L 44 -7.88 29.27 -20.51
C GLY L 44 -9.26 29.35 -19.87
N ILE L 45 -9.45 28.74 -18.70
CA ILE L 45 -10.73 28.76 -18.01
C ILE L 45 -10.55 29.49 -16.68
N SER L 46 -11.38 30.51 -16.46
CA SER L 46 -11.32 31.28 -15.22
C SER L 46 -12.25 30.65 -14.17
N GLU L 47 -12.01 31.02 -12.91
CA GLU L 47 -12.81 30.49 -11.82
C GLU L 47 -14.27 30.90 -11.94
N ALA L 48 -14.52 32.17 -12.27
CA ALA L 48 -15.90 32.63 -12.47
C ALA L 48 -16.55 31.91 -13.63
N LYS L 49 -15.81 31.70 -14.72
CA LYS L 49 -16.35 30.96 -15.86
C LYS L 49 -16.68 29.54 -15.46
N ALA L 50 -15.82 28.91 -14.66
CA ALA L 50 -16.09 27.55 -14.19
C ALA L 50 -17.35 27.51 -13.32
N ASP L 51 -17.51 28.48 -12.44
CA ASP L 51 -18.72 28.53 -11.61
C ASP L 51 -19.96 28.71 -12.46
N LYS L 52 -19.90 29.60 -13.46
CA LYS L 52 -21.05 29.81 -14.34
C LYS L 52 -21.37 28.55 -15.12
N LEU L 53 -20.35 27.84 -15.60
CA LEU L 53 -20.58 26.59 -16.32
C LEU L 53 -21.21 25.54 -15.41
N LEU L 54 -20.74 25.44 -14.17
CA LEU L 54 -21.33 24.48 -13.23
C LEU L 54 -22.79 24.83 -12.95
N ASN L 55 -23.10 26.11 -12.76
CA ASN L 55 -24.48 26.52 -12.51
C ASN L 55 -25.37 26.20 -13.69
N GLU L 56 -24.90 26.49 -14.91
CA GLU L 56 -25.68 26.20 -16.10
C GLU L 56 -25.90 24.69 -16.27
N ALA L 57 -24.86 23.89 -16.03
CA ALA L 57 -25.01 22.44 -16.13
C ALA L 57 -25.99 21.91 -15.09
N ALA L 58 -25.92 22.42 -13.87
CA ALA L 58 -26.85 21.98 -12.83
C ALA L 58 -28.28 22.39 -13.17
N ARG L 59 -28.47 23.54 -13.81
CA ARG L 59 -29.82 23.95 -14.20
C ARG L 59 -30.42 22.99 -15.21
N LEU L 60 -29.64 22.58 -16.21
CA LEU L 60 -30.17 21.71 -17.25
C LEU L 60 -30.36 20.28 -16.75
N VAL L 61 -29.41 19.75 -16.00
CA VAL L 61 -29.40 18.37 -15.55
C VAL L 61 -29.86 18.33 -14.10
N PRO L 62 -31.02 17.74 -13.79
CA PRO L 62 -31.44 17.63 -12.40
C PRO L 62 -30.51 16.71 -11.61
N MET L 63 -30.23 17.11 -10.37
CA MET L 63 -29.29 16.37 -9.54
C MET L 63 -29.77 16.24 -8.10
N GLY L 64 -31.06 16.48 -7.84
CA GLY L 64 -31.59 16.46 -6.49
C GLY L 64 -32.11 15.10 -6.07
N PHE L 65 -32.89 15.11 -4.99
CA PHE L 65 -33.46 13.89 -4.45
C PHE L 65 -34.72 13.49 -5.19
N VAL L 66 -34.88 12.18 -5.40
CA VAL L 66 -36.04 11.63 -6.10
C VAL L 66 -36.60 10.49 -5.26
N THR L 67 -37.93 10.44 -5.15
CA THR L 67 -38.58 9.36 -4.42
C THR L 67 -38.30 8.02 -5.11
N ALA L 68 -38.24 6.96 -4.30
CA ALA L 68 -37.86 5.64 -4.82
C ALA L 68 -38.88 5.08 -5.80
N ALA L 69 -40.15 5.48 -5.71
CA ALA L 69 -41.14 4.97 -6.65
C ALA L 69 -40.84 5.41 -8.07
N ASP L 70 -40.48 6.68 -8.24
CA ASP L 70 -40.13 7.17 -9.57
C ASP L 70 -38.86 6.52 -10.09
N PHE L 71 -37.87 6.31 -9.23
CA PHE L 71 -36.66 5.61 -9.66
C PHE L 71 -36.99 4.19 -10.09
N HIS L 72 -37.90 3.53 -9.35
CA HIS L 72 -38.27 2.16 -9.70
C HIS L 72 -38.98 2.10 -11.05
N MET L 73 -39.95 3.00 -11.27
CA MET L 73 -40.65 2.98 -12.55
C MET L 73 -39.76 3.43 -13.69
N ARG L 74 -38.73 4.24 -13.42
CA ARG L 74 -37.75 4.57 -14.45
C ARG L 74 -36.90 3.36 -14.80
N ARG L 75 -36.38 2.67 -13.79
CA ARG L 75 -35.56 1.49 -14.04
C ARG L 75 -36.34 0.35 -14.66
N SER L 76 -37.67 0.32 -14.47
CA SER L 76 -38.49 -0.72 -15.08
C SER L 76 -38.53 -0.63 -16.60
N GLU L 77 -38.10 0.49 -17.18
CA GLU L 77 -38.13 0.69 -18.62
C GLU L 77 -36.76 0.59 -19.27
N LEU L 78 -35.77 0.06 -18.56
CA LEU L 78 -34.44 -0.09 -19.13
C LEU L 78 -34.42 -1.15 -20.23
N ILE L 79 -33.57 -0.93 -21.22
CA ILE L 79 -33.43 -1.84 -22.35
C ILE L 79 -32.44 -2.94 -21.97
N CYS L 80 -32.84 -4.19 -22.13
CA CYS L 80 -31.99 -5.34 -21.84
C CYS L 80 -31.72 -6.09 -23.14
N LEU L 81 -30.44 -6.38 -23.38
CA LEU L 81 -30.02 -7.02 -24.61
C LEU L 81 -30.01 -8.54 -24.42
N THR L 82 -30.70 -9.25 -25.31
CA THR L 82 -30.71 -10.70 -25.26
C THR L 82 -29.35 -11.27 -25.66
N THR L 83 -28.97 -12.37 -25.02
CA THR L 83 -27.70 -13.03 -25.30
C THR L 83 -27.85 -14.19 -26.28
N GLY L 84 -29.05 -14.42 -26.80
CA GLY L 84 -29.27 -15.51 -27.72
C GLY L 84 -29.48 -16.87 -27.10
N SER L 85 -29.44 -16.97 -25.77
CA SER L 85 -29.65 -18.22 -25.06
C SER L 85 -30.70 -17.98 -23.98
N LYS L 86 -31.83 -18.69 -24.09
CA LYS L 86 -32.92 -18.49 -23.13
C LYS L 86 -32.50 -18.92 -21.73
N ASN L 87 -31.74 -20.00 -21.61
CA ASN L 87 -31.27 -20.44 -20.30
C ASN L 87 -30.39 -19.38 -19.65
N LEU L 88 -29.47 -18.81 -20.42
CA LEU L 88 -28.64 -17.73 -19.89
C LEU L 88 -29.44 -16.45 -19.72
N ASP L 89 -30.46 -16.24 -20.57
CA ASP L 89 -31.28 -15.04 -20.46
C ASP L 89 -32.06 -15.01 -19.16
N THR L 90 -32.57 -16.18 -18.72
CA THR L 90 -33.35 -16.24 -17.50
C THR L 90 -32.52 -15.86 -16.29
N LEU L 91 -31.26 -16.32 -16.24
CA LEU L 91 -30.40 -16.01 -15.09
C LEU L 91 -30.15 -14.52 -14.97
N LEU L 92 -29.94 -13.83 -16.09
CA LEU L 92 -29.71 -12.39 -16.07
C LEU L 92 -30.98 -11.60 -15.86
N GLY L 93 -32.14 -12.25 -15.83
CA GLY L 93 -33.40 -11.53 -15.66
C GLY L 93 -33.75 -10.63 -16.81
N GLY L 94 -33.57 -11.11 -18.04
CA GLY L 94 -33.87 -10.33 -19.24
C GLY L 94 -32.67 -9.99 -20.10
N GLY L 95 -31.46 -10.33 -19.67
CA GLY L 95 -30.25 -10.03 -20.42
C GLY L 95 -29.40 -9.02 -19.70
N VAL L 96 -28.35 -8.57 -20.39
CA VAL L 96 -27.48 -7.56 -19.83
C VAL L 96 -28.24 -6.24 -19.69
N GLU L 97 -27.84 -5.43 -18.72
CA GLU L 97 -28.54 -4.21 -18.37
C GLU L 97 -27.75 -3.00 -18.84
N THR L 98 -28.41 -2.09 -19.54
CA THR L 98 -27.77 -0.86 -19.97
C THR L 98 -27.49 0.03 -18.75
N GLY L 99 -26.43 0.84 -18.87
CA GLY L 99 -26.03 1.69 -17.77
C GLY L 99 -25.39 0.94 -16.61
N SER L 100 -24.84 -0.24 -16.85
CA SER L 100 -24.23 -1.06 -15.81
C SER L 100 -23.00 -1.73 -16.38
N ILE L 101 -22.14 -2.22 -15.49
CA ILE L 101 -20.89 -2.86 -15.86
C ILE L 101 -21.02 -4.35 -15.58
N THR L 102 -20.81 -5.16 -16.61
CA THR L 102 -20.85 -6.61 -16.51
C THR L 102 -19.46 -7.15 -16.83
N GLU L 103 -18.96 -8.02 -15.97
CA GLU L 103 -17.63 -8.61 -16.11
C GLU L 103 -17.77 -10.11 -16.28
N LEU L 104 -16.98 -10.67 -17.20
CA LEU L 104 -16.94 -12.11 -17.44
C LEU L 104 -15.52 -12.59 -17.19
N PHE L 105 -15.37 -13.57 -16.32
CA PHE L 105 -14.06 -14.09 -15.98
C PHE L 105 -14.05 -15.62 -16.03
N GLY L 106 -12.91 -16.16 -16.40
CA GLY L 106 -12.76 -17.60 -16.54
C GLY L 106 -11.50 -17.92 -17.31
N GLU L 107 -11.22 -19.21 -17.42
CA GLU L 107 -10.03 -19.69 -18.10
C GLU L 107 -10.26 -19.59 -19.62
N PHE L 108 -9.31 -20.12 -20.39
CA PHE L 108 -9.40 -20.03 -21.83
C PHE L 108 -10.44 -21.01 -22.36
N ARG L 109 -10.70 -20.93 -23.68
CA ARG L 109 -11.72 -21.66 -24.41
C ARG L 109 -13.03 -21.81 -23.65
N THR L 110 -13.38 -20.80 -22.85
CA THR L 110 -14.66 -20.76 -22.15
C THR L 110 -15.74 -20.00 -22.90
N GLY L 111 -15.39 -19.36 -24.02
CA GLY L 111 -16.38 -18.70 -24.84
C GLY L 111 -16.71 -17.26 -24.50
N LYS L 112 -15.86 -16.58 -23.73
CA LYS L 112 -16.12 -15.18 -23.41
C LYS L 112 -16.12 -14.32 -24.66
N SER L 113 -15.14 -14.53 -25.55
CA SER L 113 -15.07 -13.74 -26.78
C SER L 113 -16.25 -14.05 -27.69
N GLN L 114 -16.70 -15.30 -27.72
CA GLN L 114 -17.88 -15.65 -28.50
C GLN L 114 -19.11 -14.92 -28.00
N LEU L 115 -19.28 -14.86 -26.67
CA LEU L 115 -20.41 -14.13 -26.10
C LEU L 115 -20.29 -12.64 -26.41
N CYS L 116 -19.08 -12.09 -26.36
CA CYS L 116 -18.89 -10.68 -26.70
C CYS L 116 -19.28 -10.42 -28.16
N HIS L 117 -18.90 -11.33 -29.07
CA HIS L 117 -19.29 -11.19 -30.46
C HIS L 117 -20.80 -11.25 -30.62
N THR L 118 -21.45 -12.18 -29.91
CA THR L 118 -22.90 -12.31 -30.01
C THR L 118 -23.61 -11.04 -29.52
N LEU L 119 -23.15 -10.48 -28.40
CA LEU L 119 -23.70 -9.21 -27.94
C LEU L 119 -23.42 -8.09 -28.94
N ALA L 120 -22.22 -8.05 -29.52
CA ALA L 120 -21.88 -7.02 -30.48
C ALA L 120 -22.76 -7.07 -31.71
N VAL L 121 -23.17 -8.25 -32.15
CA VAL L 121 -24.00 -8.39 -33.33
C VAL L 121 -25.50 -8.31 -33.01
N THR L 122 -25.90 -8.63 -31.77
CA THR L 122 -27.32 -8.63 -31.43
C THR L 122 -27.84 -7.28 -30.97
N CYS L 123 -26.96 -6.28 -30.80
CA CYS L 123 -27.39 -4.96 -30.35
C CYS L 123 -28.03 -4.15 -31.47
N GLN L 124 -28.02 -4.65 -32.71
CA GLN L 124 -28.56 -3.92 -33.85
C GLN L 124 -29.97 -4.34 -34.23
N ILE L 125 -30.42 -5.51 -33.78
CA ILE L 125 -31.75 -6.01 -34.12
C ILE L 125 -32.79 -5.16 -33.40
N PRO L 126 -34.04 -5.12 -33.90
CA PRO L 126 -35.06 -4.29 -33.23
C PRO L 126 -35.28 -4.72 -31.79
N LEU L 127 -35.57 -3.73 -30.94
CA LEU L 127 -35.65 -3.96 -29.50
C LEU L 127 -36.85 -4.81 -29.11
N ASP L 128 -37.88 -4.91 -29.96
CA ASP L 128 -39.02 -5.74 -29.63
C ASP L 128 -38.66 -7.22 -29.53
N ILE L 129 -37.55 -7.62 -30.16
CA ILE L 129 -37.03 -8.98 -30.03
C ILE L 129 -36.01 -9.09 -28.91
N GLY L 130 -35.46 -7.97 -28.45
CA GLY L 130 -34.44 -7.97 -27.43
C GLY L 130 -33.17 -7.24 -27.78
N GLY L 131 -33.16 -6.47 -28.86
CA GLY L 131 -31.98 -5.73 -29.28
C GLY L 131 -31.90 -4.36 -28.63
N GLY L 132 -31.00 -3.53 -29.18
CA GLY L 132 -30.80 -2.19 -28.67
C GLY L 132 -30.96 -1.12 -29.73
N GLU L 133 -30.92 -1.52 -31.00
CA GLU L 133 -31.05 -0.61 -32.13
C GLU L 133 -30.00 0.51 -32.06
N GLY L 134 -28.73 0.10 -32.13
CA GLY L 134 -27.64 1.05 -32.10
C GLY L 134 -26.35 0.40 -32.52
N LYS L 135 -25.38 1.25 -32.87
CA LYS L 135 -24.07 0.77 -33.27
C LYS L 135 -23.32 0.20 -32.08
N CYS L 136 -22.36 -0.67 -32.37
CA CYS L 136 -21.52 -1.28 -31.36
C CYS L 136 -20.08 -0.81 -31.51
N LEU L 137 -19.37 -0.79 -30.39
CA LEU L 137 -17.97 -0.39 -30.34
C LEU L 137 -17.16 -1.50 -29.70
N TYR L 138 -16.05 -1.87 -30.34
CA TYR L 138 -15.22 -2.98 -29.89
C TYR L 138 -13.80 -2.48 -29.68
N ILE L 139 -13.24 -2.79 -28.51
CA ILE L 139 -11.85 -2.50 -28.19
C ILE L 139 -11.17 -3.82 -27.90
N ASP L 140 -10.13 -4.14 -28.67
CA ASP L 140 -9.44 -5.41 -28.57
C ASP L 140 -8.02 -5.19 -28.10
N THR L 141 -7.60 -5.95 -27.09
CA THR L 141 -6.26 -5.85 -26.54
C THR L 141 -5.43 -7.10 -26.76
N GLU L 142 -5.98 -8.13 -27.39
CA GLU L 142 -5.25 -9.36 -27.66
C GLU L 142 -5.19 -9.72 -29.13
N GLY L 143 -5.76 -8.90 -30.01
CA GLY L 143 -5.76 -9.21 -31.43
C GLY L 143 -6.54 -10.45 -31.77
N THR L 144 -7.71 -10.64 -31.15
CA THR L 144 -8.51 -11.84 -31.33
C THR L 144 -9.84 -11.58 -32.01
N PHE L 145 -10.06 -10.36 -32.53
CA PHE L 145 -11.30 -10.06 -33.21
C PHE L 145 -11.39 -10.81 -34.53
N ARG L 146 -12.57 -11.36 -34.81
CA ARG L 146 -12.80 -12.16 -36.02
C ARG L 146 -14.16 -11.80 -36.61
N PRO L 147 -14.18 -11.01 -37.69
CA PRO L 147 -15.47 -10.64 -38.30
C PRO L 147 -16.25 -11.80 -38.87
N VAL L 148 -15.62 -12.95 -39.13
CA VAL L 148 -16.32 -14.09 -39.70
C VAL L 148 -17.42 -14.56 -38.77
N ARG L 149 -17.14 -14.59 -37.46
CA ARG L 149 -18.16 -14.96 -36.50
C ARG L 149 -19.33 -13.98 -36.53
N LEU L 150 -19.03 -12.68 -36.64
CA LEU L 150 -20.09 -11.69 -36.73
C LEU L 150 -20.95 -11.92 -37.96
N VAL L 151 -20.32 -12.21 -39.10
CA VAL L 151 -21.08 -12.47 -40.32
C VAL L 151 -21.97 -13.69 -40.15
N SER L 152 -21.43 -14.76 -39.56
CA SER L 152 -22.22 -15.97 -39.39
C SER L 152 -23.42 -15.73 -38.47
N ILE L 153 -23.20 -15.04 -37.35
CA ILE L 153 -24.30 -14.83 -36.41
C ILE L 153 -25.33 -13.88 -37.00
N ALA L 154 -24.89 -12.87 -37.75
CA ALA L 154 -25.83 -11.99 -38.44
C ALA L 154 -26.65 -12.76 -39.46
N GLN L 155 -26.04 -13.73 -40.14
CA GLN L 155 -26.80 -14.62 -41.00
C GLN L 155 -27.82 -15.43 -40.22
N ARG L 156 -27.46 -15.83 -38.99
CA ARG L 156 -28.41 -16.58 -38.16
C ARG L 156 -29.65 -15.76 -37.84
N PHE L 157 -29.46 -14.48 -37.51
CA PHE L 157 -30.56 -13.62 -37.09
C PHE L 157 -31.30 -12.99 -38.26
N GLY L 158 -30.98 -13.37 -39.50
CA GLY L 158 -31.62 -12.78 -40.64
C GLY L 158 -31.28 -11.32 -40.85
N LEU L 159 -30.05 -10.92 -40.54
CA LEU L 159 -29.59 -9.54 -40.71
C LEU L 159 -28.70 -9.45 -41.93
N ASP L 160 -28.62 -8.25 -42.50
CA ASP L 160 -27.77 -8.02 -43.66
C ASP L 160 -26.31 -7.99 -43.21
N PRO L 161 -25.45 -8.87 -43.73
CA PRO L 161 -24.05 -8.87 -43.28
C PRO L 161 -23.33 -7.55 -43.55
N ASP L 162 -23.62 -6.89 -44.67
CA ASP L 162 -22.93 -5.66 -45.01
C ASP L 162 -23.24 -4.56 -43.99
N ASP L 163 -24.52 -4.34 -43.71
CA ASP L 163 -24.89 -3.33 -42.74
C ASP L 163 -24.44 -3.70 -41.33
N ALA L 164 -24.49 -4.99 -41.00
CA ALA L 164 -24.03 -5.43 -39.69
C ALA L 164 -22.55 -5.13 -39.49
N LEU L 165 -21.74 -5.39 -40.52
CA LEU L 165 -20.32 -5.05 -40.43
C LEU L 165 -20.10 -3.54 -40.40
N ASN L 166 -20.88 -2.80 -41.19
CA ASN L 166 -20.71 -1.36 -41.25
C ASN L 166 -21.15 -0.66 -39.97
N ASN L 167 -22.00 -1.29 -39.17
CA ASN L 167 -22.52 -0.69 -37.95
C ASN L 167 -21.67 -0.98 -36.72
N VAL L 168 -20.52 -1.62 -36.89
CA VAL L 168 -19.63 -1.95 -35.77
C VAL L 168 -18.31 -1.23 -35.97
N ALA L 169 -17.91 -0.46 -34.97
CA ALA L 169 -16.60 0.19 -34.95
C ALA L 169 -15.62 -0.68 -34.17
N TYR L 170 -14.39 -0.77 -34.67
CA TYR L 170 -13.37 -1.63 -34.09
C TYR L 170 -12.10 -0.85 -33.87
N ALA L 171 -11.43 -1.11 -32.75
CA ALA L 171 -10.14 -0.50 -32.46
C ALA L 171 -9.30 -1.47 -31.63
N ARG L 172 -7.99 -1.31 -31.72
CA ARG L 172 -7.05 -2.14 -30.98
C ARG L 172 -6.10 -1.25 -30.19
N ALA L 173 -5.86 -1.64 -28.93
CA ALA L 173 -4.96 -0.91 -28.04
C ALA L 173 -3.65 -1.68 -27.90
N TYR L 174 -2.54 -0.94 -27.92
CA TYR L 174 -1.22 -1.54 -27.82
C TYR L 174 -0.55 -1.35 -26.46
N ASN L 175 -1.01 -0.39 -25.66
CA ASN L 175 -0.48 -0.18 -24.32
C ASN L 175 -1.58 0.41 -23.45
N ALA L 176 -1.28 0.52 -22.15
CA ALA L 176 -2.28 1.04 -21.22
C ALA L 176 -2.65 2.49 -21.53
N ASP L 177 -1.66 3.31 -21.87
CA ASP L 177 -1.93 4.71 -22.17
C ASP L 177 -2.82 4.84 -23.40
N HIS L 178 -2.53 4.07 -24.45
CA HIS L 178 -3.36 4.11 -25.64
C HIS L 178 -4.76 3.60 -25.36
N GLN L 179 -4.87 2.56 -24.53
CA GLN L 179 -6.19 2.04 -24.17
C GLN L 179 -7.01 3.09 -23.43
N LEU L 180 -6.39 3.81 -22.50
CA LEU L 180 -7.09 4.88 -21.80
C LEU L 180 -7.45 6.01 -22.75
N ARG L 181 -6.55 6.34 -23.67
CA ARG L 181 -6.80 7.44 -24.60
C ARG L 181 -7.94 7.13 -25.57
N LEU L 182 -8.13 5.85 -25.91
CA LEU L 182 -9.18 5.49 -26.85
C LEU L 182 -10.57 5.87 -26.35
N LEU L 183 -10.73 6.01 -25.02
CA LEU L 183 -12.03 6.38 -24.48
C LEU L 183 -12.44 7.79 -24.92
N ASP L 184 -11.48 8.69 -25.08
CA ASP L 184 -11.79 10.03 -25.57
C ASP L 184 -12.39 9.97 -26.97
N ALA L 185 -11.76 9.19 -27.86
CA ALA L 185 -12.29 9.03 -29.21
C ALA L 185 -13.66 8.35 -29.18
N ALA L 186 -13.83 7.36 -28.31
CA ALA L 186 -15.13 6.70 -28.22
C ALA L 186 -16.22 7.68 -27.79
N ALA L 187 -15.92 8.52 -26.79
CA ALA L 187 -16.90 9.51 -26.34
C ALA L 187 -17.20 10.52 -27.43
N GLN L 188 -16.18 10.93 -28.18
CA GLN L 188 -16.42 11.86 -29.28
C GLN L 188 -17.31 11.23 -30.35
N MET L 189 -17.06 9.95 -30.67
CA MET L 189 -17.86 9.27 -31.68
C MET L 189 -19.31 9.12 -31.24
N MET L 190 -19.55 8.69 -29.99
CA MET L 190 -20.91 8.45 -29.55
C MET L 190 -21.71 9.73 -29.39
N SER L 191 -21.06 10.88 -29.32
CA SER L 191 -21.77 12.15 -29.23
C SER L 191 -22.41 12.54 -30.55
N GLU L 192 -22.11 11.84 -31.64
CA GLU L 192 -22.66 12.15 -32.95
C GLU L 192 -23.66 11.12 -33.46
N SER L 193 -23.52 9.86 -33.05
CA SER L 193 -24.43 8.81 -33.48
C SER L 193 -24.81 7.96 -32.29
N ARG L 194 -25.94 7.27 -32.42
CA ARG L 194 -26.48 6.48 -31.31
C ARG L 194 -25.73 5.16 -31.20
N PHE L 195 -25.17 4.89 -30.02
CA PHE L 195 -24.54 3.63 -29.70
C PHE L 195 -25.27 2.97 -28.54
N SER L 196 -25.08 1.66 -28.40
CA SER L 196 -25.74 0.93 -27.33
C SER L 196 -24.84 -0.05 -26.57
N LEU L 197 -23.68 -0.42 -27.09
CA LEU L 197 -22.84 -1.41 -26.43
C LEU L 197 -21.37 -1.04 -26.56
N ILE L 198 -20.62 -1.23 -25.48
CA ILE L 198 -19.18 -1.07 -25.46
C ILE L 198 -18.59 -2.31 -24.81
N VAL L 199 -17.61 -2.92 -25.47
CA VAL L 199 -16.98 -4.15 -25.00
C VAL L 199 -15.48 -3.95 -24.97
N VAL L 200 -14.84 -4.42 -23.89
CA VAL L 200 -13.40 -4.30 -23.70
C VAL L 200 -12.86 -5.69 -23.39
N ASP L 201 -12.13 -6.26 -24.35
CA ASP L 201 -11.55 -7.60 -24.22
C ASP L 201 -10.08 -7.52 -24.63
N SER L 202 -9.18 -7.54 -23.65
CA SER L 202 -9.55 -7.63 -22.24
C SER L 202 -8.91 -6.50 -21.45
N VAL L 203 -9.51 -6.18 -20.30
CA VAL L 203 -9.05 -5.03 -19.52
C VAL L 203 -7.67 -5.28 -18.94
N MET L 204 -7.46 -6.45 -18.36
CA MET L 204 -6.29 -6.71 -17.53
C MET L 204 -5.11 -7.27 -18.31
N ALA L 205 -5.21 -7.39 -19.63
CA ALA L 205 -4.13 -8.02 -20.40
C ALA L 205 -2.89 -7.14 -20.41
N LEU L 206 -3.04 -5.85 -20.72
CA LEU L 206 -1.88 -4.99 -20.91
C LEU L 206 -1.25 -4.58 -19.58
N TYR L 207 -2.06 -4.35 -18.55
CA TYR L 207 -1.54 -3.89 -17.27
C TYR L 207 -0.63 -4.92 -16.61
N ARG L 208 -0.81 -6.21 -16.94
CA ARG L 208 0.02 -7.24 -16.32
C ARG L 208 1.49 -7.07 -16.71
N THR L 209 1.76 -6.70 -17.96
CA THR L 209 3.12 -6.56 -18.44
C THR L 209 3.62 -5.12 -18.43
N ASP L 210 2.73 -4.14 -18.55
CA ASP L 210 3.17 -2.75 -18.61
C ASP L 210 3.82 -2.30 -17.30
N PHE L 211 3.26 -2.71 -16.17
CA PHE L 211 3.78 -2.36 -14.86
C PHE L 211 4.55 -3.53 -14.28
N SER L 212 5.76 -3.26 -13.80
CA SER L 212 6.70 -4.30 -13.43
C SER L 212 7.04 -4.22 -11.94
N GLY L 213 7.02 -5.38 -11.29
CA GLY L 213 7.49 -5.50 -9.92
C GLY L 213 6.45 -5.10 -8.90
N ARG L 214 6.79 -5.37 -7.63
CA ARG L 214 5.93 -4.99 -6.52
C ARG L 214 5.88 -3.48 -6.33
N GLY L 215 6.96 -2.79 -6.69
CA GLY L 215 7.01 -1.35 -6.51
C GLY L 215 6.01 -0.60 -7.35
N GLU L 216 5.73 -1.07 -8.56
CA GLU L 216 4.82 -0.41 -9.47
C GLU L 216 3.38 -0.88 -9.32
N LEU L 217 3.08 -1.69 -8.29
CA LEU L 217 1.73 -2.17 -8.09
C LEU L 217 0.76 -1.02 -7.82
N SER L 218 1.18 -0.06 -7.00
CA SER L 218 0.30 1.05 -6.65
C SER L 218 -0.07 1.87 -7.88
N ALA L 219 0.90 2.17 -8.74
CA ALA L 219 0.62 2.94 -9.95
C ALA L 219 -0.31 2.17 -10.88
N ARG L 220 -0.10 0.86 -11.02
CA ARG L 220 -0.98 0.04 -11.85
C ARG L 220 -2.41 0.06 -11.33
N GLN L 221 -2.57 -0.09 -10.01
CA GLN L 221 -3.91 -0.08 -9.45
C GLN L 221 -4.57 1.28 -9.60
N MET L 222 -3.81 2.36 -9.43
CA MET L 222 -4.37 3.69 -9.62
C MET L 222 -4.81 3.91 -11.07
N HIS L 223 -3.99 3.47 -12.02
CA HIS L 223 -4.35 3.60 -13.42
C HIS L 223 -5.60 2.79 -13.75
N LEU L 224 -5.69 1.57 -13.21
CA LEU L 224 -6.86 0.74 -13.43
C LEU L 224 -8.11 1.38 -12.85
N ALA L 225 -8.00 1.95 -11.65
CA ALA L 225 -9.13 2.63 -11.04
C ALA L 225 -9.56 3.82 -11.88
N LYS L 226 -8.60 4.58 -12.41
CA LYS L 226 -8.93 5.70 -13.28
C LYS L 226 -9.67 5.22 -14.53
N PHE L 227 -9.20 4.13 -15.13
CA PHE L 227 -9.84 3.61 -16.33
C PHE L 227 -11.27 3.16 -16.04
N MET L 228 -11.47 2.45 -14.94
CA MET L 228 -12.82 2.00 -14.61
C MET L 228 -13.74 3.16 -14.23
N ARG L 229 -13.21 4.18 -13.57
CA ARG L 229 -13.99 5.37 -13.31
C ARG L 229 -14.43 6.03 -14.61
N ALA L 230 -13.51 6.12 -15.58
CA ALA L 230 -13.87 6.69 -16.88
C ALA L 230 -14.94 5.86 -17.56
N LEU L 231 -14.83 4.53 -17.50
CA LEU L 231 -15.84 3.66 -18.11
C LEU L 231 -17.20 3.87 -17.46
N GLN L 232 -17.24 3.93 -16.13
CA GLN L 232 -18.50 4.14 -15.43
C GLN L 232 -19.11 5.49 -15.77
N ARG L 233 -18.27 6.53 -15.83
CA ARG L 233 -18.78 7.86 -16.18
C ARG L 233 -19.33 7.86 -17.61
N LEU L 234 -18.65 7.20 -18.53
CA LEU L 234 -19.13 7.13 -19.91
C LEU L 234 -20.47 6.41 -19.98
N ALA L 235 -20.60 5.29 -19.25
CA ALA L 235 -21.86 4.56 -19.23
C ALA L 235 -22.98 5.41 -18.65
N ASP L 236 -22.69 6.17 -17.59
CA ASP L 236 -23.69 7.05 -17.02
C ASP L 236 -24.09 8.14 -18.01
N GLN L 237 -23.13 8.69 -18.75
CA GLN L 237 -23.42 9.76 -19.70
C GLN L 237 -24.32 9.25 -20.82
N PHE L 238 -23.94 8.15 -21.47
CA PHE L 238 -24.64 7.73 -22.68
C PHE L 238 -25.64 6.60 -22.45
N GLY L 239 -25.66 6.00 -21.27
CA GLY L 239 -26.62 4.94 -21.01
C GLY L 239 -26.48 3.72 -21.88
N VAL L 240 -25.27 3.30 -22.18
CA VAL L 240 -25.02 2.14 -23.03
C VAL L 240 -24.52 0.99 -22.16
N ALA L 241 -24.79 -0.24 -22.62
CA ALA L 241 -24.29 -1.41 -21.91
C ALA L 241 -22.77 -1.48 -22.02
N VAL L 242 -22.14 -1.96 -20.94
CA VAL L 242 -20.70 -2.09 -20.88
C VAL L 242 -20.35 -3.52 -20.48
N VAL L 243 -19.51 -4.16 -21.27
CA VAL L 243 -19.06 -5.54 -21.01
C VAL L 243 -17.54 -5.54 -21.03
N VAL L 244 -16.93 -6.18 -20.04
CA VAL L 244 -15.49 -6.29 -19.95
C VAL L 244 -15.12 -7.76 -19.77
N THR L 245 -13.92 -8.11 -20.24
CA THR L 245 -13.41 -9.46 -20.13
C THR L 245 -12.19 -9.47 -19.22
N ASN L 246 -12.09 -10.48 -18.36
CA ASN L 246 -11.02 -10.58 -17.39
C ASN L 246 -10.40 -11.96 -17.42
N GLN L 247 -9.12 -12.02 -17.07
CA GLN L 247 -8.38 -13.28 -17.00
C GLN L 247 -8.38 -13.81 -15.57
N VAL L 248 -7.82 -15.00 -15.41
CA VAL L 248 -7.85 -15.72 -14.13
C VAL L 248 -6.51 -16.38 -13.89
N VAL L 249 -6.10 -16.43 -12.62
CA VAL L 249 -4.88 -17.11 -12.23
C VAL L 249 -5.17 -18.01 -11.03
N ALA L 250 -4.33 -19.02 -10.86
CA ALA L 250 -4.46 -19.96 -9.76
C ALA L 250 -3.67 -19.47 -8.55
N GLN L 251 -4.32 -19.48 -7.38
CA GLN L 251 -3.67 -19.07 -6.15
C GLN L 251 -2.81 -20.22 -5.63
N VAL L 252 -1.50 -20.01 -5.60
CA VAL L 252 -0.58 -21.08 -5.19
C VAL L 252 -0.76 -21.42 -3.72
N ASP L 253 -1.20 -20.47 -2.90
CA ASP L 253 -1.38 -20.71 -1.47
C ASP L 253 -2.58 -21.62 -1.22
N GLY L 254 -2.33 -22.93 -1.18
CA GLY L 254 -3.40 -23.89 -0.98
C GLY L 254 -3.70 -24.15 0.48
N GLY L 255 -3.43 -23.17 1.34
CA GLY L 255 -3.73 -23.33 2.76
C GLY L 255 -5.22 -23.47 3.02
N MET L 256 -6.02 -22.67 2.33
CA MET L 256 -7.48 -22.69 2.48
C MET L 256 -8.06 -23.61 1.42
N ALA L 257 -8.78 -24.64 1.85
CA ALA L 257 -9.39 -25.62 0.96
C ALA L 257 -10.90 -25.49 0.87
N PHE L 258 -11.49 -24.45 1.47
CA PHE L 258 -12.94 -24.31 1.49
C PHE L 258 -13.51 -24.16 0.09
N ASN L 259 -12.86 -23.35 -0.75
CA ASN L 259 -13.33 -23.15 -2.12
C ASN L 259 -12.69 -24.20 -3.02
N PRO L 260 -13.48 -25.07 -3.65
CA PRO L 260 -12.88 -26.08 -4.55
C PRO L 260 -12.23 -25.47 -5.78
N ASP L 261 -12.55 -24.23 -6.14
CA ASP L 261 -11.94 -23.59 -7.29
C ASP L 261 -10.69 -22.84 -6.87
N PRO L 262 -9.51 -23.25 -7.31
CA PRO L 262 -8.28 -22.55 -6.90
C PRO L 262 -7.94 -21.38 -7.81
N LYS L 263 -8.90 -20.94 -8.62
CA LYS L 263 -8.68 -19.91 -9.62
C LYS L 263 -9.48 -18.66 -9.28
N LYS L 264 -8.82 -17.51 -9.30
CA LYS L 264 -9.44 -16.22 -9.02
C LYS L 264 -9.07 -15.22 -10.11
N PRO L 265 -9.96 -14.26 -10.39
CA PRO L 265 -9.70 -13.34 -11.50
C PRO L 265 -8.67 -12.28 -11.15
N ILE L 266 -8.09 -11.70 -12.20
CA ILE L 266 -7.15 -10.61 -12.07
C ILE L 266 -7.89 -9.30 -11.85
N GLY L 267 -7.30 -8.43 -11.02
CA GLY L 267 -7.85 -7.10 -10.81
C GLY L 267 -7.78 -6.64 -9.38
N GLY L 268 -7.62 -7.57 -8.45
CA GLY L 268 -7.57 -7.19 -7.05
C GLY L 268 -8.91 -6.66 -6.57
N ASN L 269 -8.85 -5.80 -5.56
CA ASN L 269 -10.06 -5.25 -4.98
C ASN L 269 -10.69 -4.19 -5.88
N ILE L 270 -9.90 -3.50 -6.70
CA ILE L 270 -10.43 -2.44 -7.55
C ILE L 270 -11.43 -3.02 -8.54
N MET L 271 -11.04 -4.09 -9.23
CA MET L 271 -11.95 -4.73 -10.18
C MET L 271 -13.18 -5.29 -9.49
N ALA L 272 -13.00 -5.90 -8.31
CA ALA L 272 -14.13 -6.49 -7.61
C ALA L 272 -15.15 -5.45 -7.21
N HIS L 273 -14.68 -4.31 -6.67
CA HIS L 273 -15.61 -3.29 -6.20
C HIS L 273 -16.21 -2.48 -7.35
N SER L 274 -15.42 -2.21 -8.40
CA SER L 274 -15.91 -1.35 -9.48
C SER L 274 -16.98 -2.03 -10.32
N SER L 275 -16.79 -3.32 -10.63
CA SER L 275 -17.73 -4.03 -11.49
C SER L 275 -19.07 -4.22 -10.79
N THR L 276 -20.15 -4.03 -11.54
CA THR L 276 -21.48 -4.18 -10.95
C THR L 276 -21.92 -5.64 -10.91
N THR L 277 -21.77 -6.36 -12.02
CA THR L 277 -22.16 -7.77 -12.08
C THR L 277 -20.96 -8.60 -12.53
N ARG L 278 -20.82 -9.78 -11.95
CA ARG L 278 -19.70 -10.67 -12.26
C ARG L 278 -20.20 -12.06 -12.60
N LEU L 279 -19.72 -12.62 -13.70
CA LEU L 279 -20.09 -13.95 -14.16
C LEU L 279 -18.83 -14.76 -14.39
N GLY L 280 -18.78 -15.95 -13.79
CA GLY L 280 -17.68 -16.87 -13.98
C GLY L 280 -18.06 -17.96 -14.96
N PHE L 281 -17.10 -18.34 -15.81
CA PHE L 281 -17.33 -19.30 -16.88
C PHE L 281 -16.43 -20.51 -16.69
N LYS L 282 -16.99 -21.69 -16.93
CA LYS L 282 -16.27 -22.95 -16.86
C LYS L 282 -16.65 -23.81 -18.06
N LYS L 283 -15.80 -24.78 -18.38
CA LYS L 283 -16.03 -25.65 -19.52
C LYS L 283 -16.71 -26.94 -19.07
N GLY L 284 -17.79 -27.30 -19.76
CA GLY L 284 -18.48 -28.55 -19.57
C GLY L 284 -18.02 -29.60 -20.54
N LYS L 285 -18.93 -30.51 -20.89
CA LYS L 285 -18.63 -31.56 -21.86
C LYS L 285 -18.98 -31.10 -23.26
N GLY L 286 -18.18 -31.52 -24.23
CA GLY L 286 -18.39 -31.13 -25.61
C GLY L 286 -18.30 -29.62 -25.77
N CYS L 287 -19.30 -29.04 -26.43
CA CYS L 287 -19.36 -27.60 -26.64
C CYS L 287 -20.16 -26.87 -25.56
N GLN L 288 -20.57 -27.56 -24.51
CA GLN L 288 -21.35 -26.95 -23.45
C GLN L 288 -20.45 -26.20 -22.48
N ARG L 289 -21.00 -25.14 -21.88
CA ARG L 289 -20.28 -24.31 -20.93
C ARG L 289 -21.20 -23.97 -19.77
N LEU L 290 -20.58 -23.72 -18.62
CA LEU L 290 -21.28 -23.41 -17.38
C LEU L 290 -21.03 -21.96 -17.00
N CYS L 291 -22.10 -21.25 -16.64
CA CYS L 291 -22.02 -19.86 -16.20
C CYS L 291 -22.56 -19.74 -14.79
N LYS L 292 -21.89 -18.95 -13.96
CA LYS L 292 -22.28 -18.77 -12.57
C LYS L 292 -22.25 -17.31 -12.20
N VAL L 293 -23.30 -16.82 -11.55
CA VAL L 293 -23.37 -15.44 -11.11
C VAL L 293 -22.66 -15.32 -9.77
N VAL L 294 -21.56 -14.57 -9.73
CA VAL L 294 -20.77 -14.45 -8.51
C VAL L 294 -21.24 -13.29 -7.64
N ASP L 295 -21.35 -12.10 -8.24
CA ASP L 295 -21.78 -10.92 -7.51
C ASP L 295 -22.86 -10.22 -8.32
N SER L 296 -23.96 -9.86 -7.65
CA SER L 296 -25.05 -9.13 -8.27
C SER L 296 -25.92 -8.49 -7.20
N PRO L 297 -26.18 -7.18 -7.28
CA PRO L 297 -27.01 -6.53 -6.25
C PRO L 297 -28.48 -6.91 -6.31
N CYS L 298 -28.93 -7.59 -7.37
CA CYS L 298 -30.34 -7.91 -7.52
C CYS L 298 -30.54 -9.39 -7.84
N LEU L 299 -29.53 -10.03 -8.40
CA LEU L 299 -29.84 -11.40 -8.80
C LEU L 299 -29.32 -12.40 -7.76
N PRO L 300 -30.08 -13.47 -7.51
CA PRO L 300 -29.58 -14.51 -6.60
C PRO L 300 -28.50 -15.36 -7.25
N GLU L 301 -27.73 -16.02 -6.41
CA GLU L 301 -26.64 -16.87 -6.88
C GLU L 301 -27.19 -18.17 -7.43
N ALA L 302 -26.82 -18.50 -8.66
CA ALA L 302 -27.28 -19.72 -9.32
C ALA L 302 -26.31 -20.06 -10.45
N GLU L 303 -26.64 -21.11 -11.20
CA GLU L 303 -25.80 -21.58 -12.29
C GLU L 303 -26.67 -21.89 -13.51
N CYS L 304 -26.04 -21.88 -14.68
CA CYS L 304 -26.73 -22.13 -15.93
C CYS L 304 -25.79 -22.83 -16.90
N VAL L 305 -26.38 -23.50 -17.89
CA VAL L 305 -25.64 -24.23 -18.91
C VAL L 305 -26.04 -23.68 -20.27
N PHE L 306 -25.06 -23.34 -21.10
CA PHE L 306 -25.29 -22.92 -22.47
C PHE L 306 -24.34 -23.67 -23.39
N ALA L 307 -24.37 -23.33 -24.67
CA ALA L 307 -23.54 -24.02 -25.65
C ALA L 307 -23.10 -23.04 -26.73
N ILE L 308 -22.05 -23.43 -27.45
CA ILE L 308 -21.49 -22.64 -28.54
C ILE L 308 -21.60 -23.46 -29.82
N TYR L 309 -22.22 -22.89 -30.84
CA TYR L 309 -22.36 -23.50 -32.15
C TYR L 309 -21.80 -22.56 -33.20
N GLU L 310 -21.81 -23.01 -34.46
CA GLU L 310 -21.24 -22.21 -35.53
C GLU L 310 -21.94 -20.87 -35.68
N ASP L 311 -23.19 -20.77 -35.23
CA ASP L 311 -23.97 -19.55 -35.34
C ASP L 311 -23.97 -18.72 -34.06
N GLY L 312 -23.13 -19.07 -33.09
CA GLY L 312 -22.98 -18.28 -31.88
C GLY L 312 -23.35 -19.05 -30.63
N VAL L 313 -23.59 -18.30 -29.56
CA VAL L 313 -23.95 -18.87 -28.28
C VAL L 313 -25.46 -19.09 -28.24
N GLY L 314 -25.86 -20.22 -27.66
CA GLY L 314 -27.27 -20.55 -27.59
C GLY L 314 -27.56 -21.56 -26.51
N ASP L 315 -28.81 -22.01 -26.46
CA ASP L 315 -29.19 -23.03 -25.52
C ASP L 315 -28.66 -24.39 -25.97
N PRO L 316 -28.28 -25.24 -25.02
CA PRO L 316 -27.80 -26.57 -25.40
C PRO L 316 -28.90 -27.40 -26.03
N ARG L 317 -28.50 -28.26 -26.97
CA ARG L 317 -29.42 -29.14 -27.67
C ARG L 317 -29.46 -30.52 -27.02
N GLU L 318 -30.54 -31.25 -27.30
CA GLU L 318 -30.69 -32.59 -26.75
C GLU L 318 -29.64 -33.54 -27.29
N GLU L 319 -29.11 -33.26 -28.49
CA GLU L 319 -28.06 -34.11 -29.04
C GLU L 319 -26.80 -34.06 -28.18
N ASP L 320 -26.44 -32.87 -27.69
CA ASP L 320 -25.30 -32.73 -26.79
C ASP L 320 -25.52 -33.38 -25.44
N GLU L 321 -26.77 -33.65 -25.06
CA GLU L 321 -27.07 -34.27 -23.79
C GLU L 321 -26.81 -35.78 -23.84
PG ATP M . -20.56 -4.30 -2.95
O1G ATP M . -19.22 -4.05 -2.32
O2G ATP M . -21.58 -3.20 -2.66
O3G ATP M . -20.50 -4.55 -4.46
PB ATP M . -21.62 -6.25 -0.94
O1B ATP M . -20.50 -6.97 -0.30
O2B ATP M . -22.24 -5.12 -0.12
O3B ATP M . -21.21 -5.62 -2.34
PA ATP M . -24.33 -7.07 -1.79
O1A ATP M . -24.44 -6.40 -3.10
O2A ATP M . -25.06 -6.39 -0.64
O3A ATP M . -22.80 -7.22 -1.35
O5' ATP M . -24.82 -8.57 -1.86
C5' ATP M . -24.51 -9.41 -3.00
C4' ATP M . -24.78 -10.83 -2.62
O4' ATP M . -26.20 -11.01 -2.35
C3' ATP M . -24.44 -11.88 -3.68
O3' ATP M . -23.94 -13.07 -3.07
C2' ATP M . -25.77 -12.11 -4.37
O2' ATP M . -25.84 -13.42 -4.94
C1' ATP M . -26.73 -11.99 -3.20
N9 ATP M . -28.09 -11.59 -3.59
C8 ATP M . -28.46 -10.40 -4.15
N7 ATP M . -29.75 -10.31 -4.40
C5 ATP M . -30.25 -11.52 -3.96
C6 ATP M . -31.55 -12.06 -3.93
N6 ATP M . -32.64 -11.42 -4.39
N1 ATP M . -31.71 -13.30 -3.43
C2 ATP M . -30.64 -13.96 -2.98
N3 ATP M . -29.37 -13.55 -2.96
C4 ATP M . -29.24 -12.32 -3.45
MG MG N . -14.27 4.04 18.11
MG MG O . -23.82 -3.98 -2.25
PG ATP P . 20.77 -54.70 -15.31
O1G ATP P . 19.38 -54.16 -15.47
O2G ATP P . 21.83 -53.59 -15.24
O3G ATP P . 20.94 -55.64 -14.13
PB ATP P . 21.24 -55.45 -18.17
O1B ATP P . 19.92 -55.70 -18.79
O2B ATP P . 21.90 -54.12 -18.49
O3B ATP P . 21.18 -55.57 -16.58
PA ATP P . 23.86 -56.80 -18.41
O1A ATP P . 24.29 -56.80 -17.00
O2A ATP P . 24.52 -55.75 -19.29
O3A ATP P . 22.29 -56.60 -18.53
O5' ATP P . 24.07 -58.22 -19.07
C5' ATP P . 23.69 -59.44 -18.40
C4' ATP P . 23.68 -60.57 -19.38
O4' ATP P . 24.83 -60.46 -20.25
C3' ATP P . 23.78 -61.96 -18.78
O3' ATP P . 22.48 -62.44 -18.42
C2' ATP P . 24.39 -62.78 -19.92
O2' ATP P . 23.40 -63.18 -20.87
C1' ATP P . 25.34 -61.75 -20.55
N9 ATP P . 26.71 -61.82 -20.05
C8 ATP P . 27.21 -61.26 -18.90
N7 ATP P . 28.48 -61.49 -18.70
C5 ATP P . 28.85 -62.28 -19.78
C6 ATP P . 30.07 -62.87 -20.16
N6 ATP P . 31.20 -62.75 -19.45
N1 ATP P . 30.10 -63.59 -21.30
C2 ATP P . 28.97 -63.71 -22.01
N3 ATP P . 27.76 -63.20 -21.75
C4 ATP P . 27.76 -62.50 -20.62
MG MG Q . 13.44 -36.11 -28.55
MG MG R . 23.04 -54.64 -16.80
MG MG S . 20.71 -57.89 -13.58
PG ATP T . -11.50 5.39 20.13
O1G ATP T . -11.92 6.58 20.93
O2G ATP T . -12.59 4.84 19.22
O3G ATP T . -10.22 5.61 19.32
PB ATP T . -9.96 3.68 22.03
O1B ATP T . -9.68 4.63 23.12
O2B ATP T . -8.78 3.32 21.13
O3B ATP T . -11.15 4.18 21.11
PA ATP T . -11.79 1.86 23.48
O1A ATP T . -11.63 2.27 24.90
O2A ATP T . -13.05 2.39 22.79
O3A ATP T . -10.55 2.31 22.60
O5' ATP T . -11.76 0.28 23.35
C5' ATP T . -12.77 -0.42 22.60
C4' ATP T . -12.49 -1.89 22.68
O4' ATP T . -12.61 -2.33 24.05
C3' ATP T . -13.43 -2.78 21.90
O3' ATP T . -13.00 -2.93 20.55
C2' ATP T . -13.33 -4.11 22.66
O2' ATP T . -12.19 -4.86 22.26
C1' ATP T . -13.18 -3.63 24.11
N9 ATP T . -14.43 -3.54 24.84
C8 ATP T . -15.33 -2.51 24.85
N7 ATP T . -16.38 -2.70 25.61
C5 ATP T . -16.16 -3.97 26.14
C6 ATP T . -16.91 -4.77 27.02
N6 ATP T . -18.08 -4.39 27.56
N1 ATP T . -16.41 -5.98 27.35
C2 ATP T . -15.24 -6.36 26.82
N3 ATP T . -14.46 -5.69 25.99
C4 ATP T . -14.97 -4.50 25.68
MG MG U . 7.77 15.87 28.95
MG MG V . -11.68 5.26 22.71
PG ATP W . 10.75 -33.59 -28.79
O1G ATP W . 11.19 -32.27 -29.32
O2G ATP W . 11.92 -34.50 -28.35
O3G ATP W . 9.74 -33.49 -27.65
PB ATP W . 8.73 -34.31 -30.88
O1B ATP W . 8.48 -32.90 -31.26
O2B ATP W . 7.58 -35.04 -30.20
O3B ATP W . 10.00 -34.43 -29.92
PA ATP W . 10.19 -35.02 -33.35
O1A ATP W . 9.76 -33.93 -34.26
O2A ATP W . 11.59 -34.87 -32.78
O3A ATP W . 9.19 -35.18 -32.13
O5' ATP W . 10.08 -36.42 -34.09
C5' ATP W . 10.51 -37.63 -33.45
C4' ATP W . 10.00 -38.79 -34.25
O4' ATP W . 9.95 -38.44 -35.65
C3' ATP W . 10.86 -40.05 -34.21
O3' ATP W . 10.56 -40.84 -33.06
C2' ATP W . 10.48 -40.75 -35.51
O2' ATP W . 9.28 -41.52 -35.35
C1' ATP W . 10.23 -39.57 -36.45
N9 ATP W . 11.36 -39.26 -37.31
C8 ATP W . 12.43 -38.46 -37.02
N7 ATP W . 13.31 -38.35 -37.99
C5 ATP W . 12.77 -39.14 -39.00
C6 ATP W . 13.21 -39.44 -40.31
N6 ATP W . 14.34 -38.97 -40.83
N1 ATP W . 12.44 -40.25 -41.05
C2 ATP W . 11.30 -40.72 -40.53
N3 ATP W . 10.78 -40.50 -39.32
C4 ATP W . 11.57 -39.69 -38.60
MG MG X . -7.24 -18.02 -26.46
MG MG Y . 10.66 -32.94 -31.24
PG ATP Z . 10.59 18.02 28.13
O1G ATP Z . 10.50 19.30 28.88
O2G ATP Z . 9.47 17.02 28.45
O3G ATP Z . 10.69 18.20 26.61
PB ATP Z . 13.48 17.24 28.14
O1B ATP Z . 14.25 18.18 28.98
O2B ATP Z . 13.58 17.42 26.63
O3B ATP Z . 11.94 17.25 28.52
PA ATP Z . 14.03 14.82 29.75
O1A ATP Z . 15.31 15.06 30.44
O2A ATP Z . 12.78 15.04 30.60
O3A ATP Z . 13.88 15.73 28.46
O5' ATP Z . 13.97 13.35 29.15
C5' ATP Z . 13.25 12.30 29.83
C4' ATP Z . 13.74 10.97 29.31
O4' ATP Z . 14.90 10.56 30.07
C3' ATP Z . 12.75 9.82 29.43
O3' ATP Z . 11.91 9.76 28.29
C2' ATP Z . 13.66 8.61 29.53
O2' ATP Z . 14.11 8.18 28.25
C1' ATP Z . 14.83 9.16 30.34
N9 ATP Z . 14.72 8.98 31.78
C8 ATP Z . 14.05 9.79 32.66
N7 ATP Z . 14.10 9.37 33.91
C5 ATP Z . 14.86 8.21 33.84
C6 ATP Z . 15.28 7.29 34.82
N6 ATP Z . 14.99 7.40 36.11
N1 ATP Z . 16.02 6.24 34.40
C2 ATP Z . 16.31 6.12 33.11
N3 ATP Z . 15.98 6.92 32.09
C4 ATP Z . 15.24 7.96 32.53
MG MG AA . 12.46 18.64 29.95
PG ATP BA . -9.69 -16.07 -24.73
O1G ATP BA . -10.43 -14.97 -25.41
O2G ATP BA . -8.59 -16.69 -25.60
O3G ATP BA . -9.09 -15.67 -23.39
PB ATP BA . -12.21 -17.61 -24.33
O1B ATP BA . -13.01 -16.39 -24.13
O2B ATP BA . -12.40 -18.71 -23.29
O3B ATP BA . -10.66 -17.28 -24.39
PA ATP BA . -13.32 -17.92 -27.05
O1A ATP BA . -14.42 -16.99 -26.74
O2A ATP BA . -12.33 -17.43 -28.11
O3A ATP BA . -12.46 -18.27 -25.75
O5' ATP BA . -13.89 -19.33 -27.49
C5' ATP BA . -13.00 -20.40 -27.89
C4' ATP BA . -13.80 -21.67 -27.96
O4' ATP BA . -14.84 -21.53 -28.96
C3' ATP BA . -13.01 -22.92 -28.33
O3' ATP BA . -13.49 -24.06 -27.63
C2' ATP BA . -13.27 -23.04 -29.84
O2' ATP BA . -13.18 -24.40 -30.27
C1' ATP BA . -14.72 -22.55 -29.92
N9 ATP BA . -15.07 -22.00 -31.23
C8 ATP BA . -14.57 -20.87 -31.81
N7 ATP BA . -15.08 -20.61 -32.99
C5 ATP BA . -15.97 -21.65 -33.21
C6 ATP BA . -16.83 -21.96 -34.27
N6 ATP BA . -16.93 -21.22 -35.38
N1 ATP BA . -17.59 -23.07 -34.16
C2 ATP BA . -17.49 -23.81 -33.06
N3 ATP BA . -16.72 -23.62 -31.99
C4 ATP BA . -15.97 -22.52 -32.12
MG MG CA . -20.69 -5.59 -6.39
MG MG DA . -11.93 -16.16 -26.16
#